data_2PK8
# 
_entry.id   2PK8 
# 
_audit_conform.dict_name       mmcif_pdbx.dic 
_audit_conform.dict_version    5.387 
_audit_conform.dict_location   http://mmcif.pdb.org/dictionaries/ascii/mmcif_pdbx.dic 
# 
loop_
_database_2.database_id 
_database_2.database_code 
_database_2.pdbx_database_accession 
_database_2.pdbx_DOI 
PDB   2PK8         pdb_00002pk8 10.2210/pdb2pk8/pdb 
RCSB  RCSB042469   ?            ?                   
WWPDB D_1000042469 ?            ?                   
# 
loop_
_pdbx_audit_revision_history.ordinal 
_pdbx_audit_revision_history.data_content_type 
_pdbx_audit_revision_history.major_revision 
_pdbx_audit_revision_history.minor_revision 
_pdbx_audit_revision_history.revision_date 
1 'Structure model' 1 0 2007-05-22 
2 'Structure model' 1 1 2008-05-01 
3 'Structure model' 1 2 2011-07-13 
4 'Structure model' 1 3 2017-10-18 
5 'Structure model' 1 4 2018-01-24 
6 'Structure model' 1 5 2024-02-21 
# 
_pdbx_audit_revision_details.ordinal             1 
_pdbx_audit_revision_details.revision_ordinal    1 
_pdbx_audit_revision_details.data_content_type   'Structure model' 
_pdbx_audit_revision_details.provider            repository 
_pdbx_audit_revision_details.type                'Initial release' 
_pdbx_audit_revision_details.description         ? 
_pdbx_audit_revision_details.details             ? 
# 
loop_
_pdbx_audit_revision_group.ordinal 
_pdbx_audit_revision_group.revision_ordinal 
_pdbx_audit_revision_group.data_content_type 
_pdbx_audit_revision_group.group 
1 2 'Structure model' 'Version format compliance' 
2 3 'Structure model' Advisory                    
3 3 'Structure model' 'Version format compliance' 
4 4 'Structure model' 'Refinement description'    
5 5 'Structure model' 'Structure summary'         
6 6 'Structure model' 'Data collection'           
7 6 'Structure model' 'Database references'       
8 6 'Structure model' 'Derived calculations'      
# 
loop_
_pdbx_audit_revision_category.ordinal 
_pdbx_audit_revision_category.revision_ordinal 
_pdbx_audit_revision_category.data_content_type 
_pdbx_audit_revision_category.category 
1 4 'Structure model' software           
2 5 'Structure model' audit_author       
3 6 'Structure model' chem_comp_atom     
4 6 'Structure model' chem_comp_bond     
5 6 'Structure model' database_2         
6 6 'Structure model' struct_ref_seq_dif 
7 6 'Structure model' struct_site        
# 
loop_
_pdbx_audit_revision_item.ordinal 
_pdbx_audit_revision_item.revision_ordinal 
_pdbx_audit_revision_item.data_content_type 
_pdbx_audit_revision_item.item 
1 4 'Structure model' '_software.classification'            
2 4 'Structure model' '_software.name'                      
3 5 'Structure model' '_audit_author.name'                  
4 6 'Structure model' '_database_2.pdbx_DOI'                
5 6 'Structure model' '_database_2.pdbx_database_accession' 
6 6 'Structure model' '_struct_ref_seq_dif.details'         
7 6 'Structure model' '_struct_site.pdbx_auth_asym_id'      
8 6 'Structure model' '_struct_site.pdbx_auth_comp_id'      
9 6 'Structure model' '_struct_site.pdbx_auth_seq_id'       
# 
_pdbx_database_PDB_obs_spr.id               SPRSDE 
_pdbx_database_PDB_obs_spr.date             2007-05-22 
_pdbx_database_PDB_obs_spr.pdb_id           2PK8 
_pdbx_database_PDB_obs_spr.replace_pdb_id   1SHE 
_pdbx_database_PDB_obs_spr.details          ? 
# 
_pdbx_database_status.status_code                     REL 
_pdbx_database_status.entry_id                        2PK8 
_pdbx_database_status.recvd_initial_deposition_date   2007-04-17 
_pdbx_database_status.deposit_site                    RCSB 
_pdbx_database_status.process_site                    RCSB 
_pdbx_database_status.status_code_sf                  REL 
_pdbx_database_status.status_code_mr                  ? 
_pdbx_database_status.SG_entry                        Y 
_pdbx_database_status.pdb_format_compatible           Y 
_pdbx_database_status.status_code_cs                  ? 
_pdbx_database_status.methods_development_category    ? 
_pdbx_database_status.status_code_nmr_data            ? 
# 
_pdbx_database_related.db_name        TargetDB 
_pdbx_database_related.db_id          Pfu-871755-001 
_pdbx_database_related.details        . 
_pdbx_database_related.content_type   unspecified 
# 
loop_
_audit_author.name 
_audit_author.pdbx_ordinal 
'Liu, Z.J.'                                               1  
'Tempel, W.'                                              2  
'Chen, L.'                                                3  
'Shah, A.'                                                4  
'Lee, D.'                                                 5  
'Clancy-Kelley, L.L.'                                     6  
'Dillard, B.D.'                                           7  
'Rose, J.P.'                                              8  
'Sugar, F.J.'                                             9  
'Jenny Jr., F.E.'                                         10 
'Lee, H.S.'                                               11 
'Izumi, M.'                                               12 
'Shah, C.'                                                13 
'Poole III, F.L.'                                         14 
'Adams, M.W.W.'                                           15 
'Richardson, J.S.'                                        16 
'Richardson, D.C.'                                        17 
'Wang, B.-C.'                                             18 
'Southeast Collaboratory for Structural Genomics (SECSG)' 19 
# 
_citation.id                        primary 
_citation.title                     'Structure of the hypothetical protein PF0899 from Pyrococcus furiosus at 1.85 A resolution.' 
_citation.journal_abbrev            'Acta Crystallogr.,Sect.F' 
_citation.journal_volume            63 
_citation.page_first                549 
_citation.page_last                 552 
_citation.year                      2007 
_citation.journal_id_ASTM           ? 
_citation.country                   DK 
_citation.journal_id_ISSN           1744-3091 
_citation.journal_id_CSD            ? 
_citation.book_publisher            ? 
_citation.pdbx_database_id_PubMed   17620707 
_citation.pdbx_database_id_DOI      10.1107/S1744309107024049 
# 
loop_
_citation_author.citation_id 
_citation_author.name 
_citation_author.ordinal 
_citation_author.identifier_ORCID 
primary 'Kelley, L.L.'     1  ? 
primary 'Dillard, B.D.'    2  ? 
primary 'Tempel, W.'       3  ? 
primary 'Chen, L.'         4  ? 
primary 'Shaw, N.'         5  ? 
primary 'Lee, D.'          6  ? 
primary 'Newton, M.G.'     7  ? 
primary 'Sugar, F.J.'      8  ? 
primary 'Jenney, F.E.'     9  ? 
primary 'Lee, H.S.'        10 ? 
primary 'Shah, C.'         11 ? 
primary 'Poole, F.L.'      12 ? 
primary 'Adams, M.W.'      13 ? 
primary 'Richardson, J.S.' 14 ? 
primary 'Richardson, D.C.' 15 ? 
primary 'Liu, Z.J.'        16 ? 
primary 'Wang, B.C.'       17 ? 
primary 'Rose, J.'         18 ? 
# 
loop_
_entity.id 
_entity.type 
_entity.src_method 
_entity.pdbx_description 
_entity.formula_weight 
_entity.pdbx_number_of_molecules 
_entity.pdbx_ec 
_entity.pdbx_mutation 
_entity.pdbx_fragment 
_entity.details 
1 polymer     man 'Uncharacterized protein PF0899' 11570.343 1  ? ? ? 
;THE PROTEIN WAS CLONED, EXPRESSED AND PURIFIED BY THE SECSG PYROCOCCUS PROTEIN PRODUCTION GROUP (M.W.W.ADAMS, P.S.BRERETON, M.IZUMI, F.E.JENNEY JR., H-S.LEE, F.L.POOLE II, C.SHAH, F.SUGAR) UNDER THE DIRECTION OF M.W.W.ADAMS.
;
2 non-polymer syn 'GOLD (I) CYANIDE ION'           249.001   1  ? ? ? ? 
3 water       nat water                            18.015    38 ? ? ? ? 
# 
_entity_poly.entity_id                      1 
_entity_poly.type                           'polypeptide(L)' 
_entity_poly.nstd_linkage                   no 
_entity_poly.nstd_monomer                   no 
_entity_poly.pdbx_seq_one_letter_code       
;AHHHHHHGSSTRGDLIRILGEIEEKMNELKMDGFNPDIILFGREAYNFLSNLLKKEMEEEGPFTHVSNIKIEILEELGGD
AVVIDSKVLGLVPGAAKRIKIIK
;
_entity_poly.pdbx_seq_one_letter_code_can   
;AHHHHHHGSSTRGDLIRILGEIEEKMNELKMDGFNPDIILFGREAYNFLSNLLKKEMEEEGPFTHVSNIKIEILEELGGD
AVVIDSKVLGLVPGAAKRIKIIK
;
_entity_poly.pdbx_strand_id                 A 
_entity_poly.pdbx_target_identifier         Pfu-871755-001 
# 
loop_
_pdbx_entity_nonpoly.entity_id 
_pdbx_entity_nonpoly.name 
_pdbx_entity_nonpoly.comp_id 
2 'GOLD (I) CYANIDE ION' AUC 
3 water                  HOH 
# 
loop_
_entity_poly_seq.entity_id 
_entity_poly_seq.num 
_entity_poly_seq.mon_id 
_entity_poly_seq.hetero 
1 1   ALA n 
1 2   HIS n 
1 3   HIS n 
1 4   HIS n 
1 5   HIS n 
1 6   HIS n 
1 7   HIS n 
1 8   GLY n 
1 9   SER n 
1 10  SER n 
1 11  THR n 
1 12  ARG n 
1 13  GLY n 
1 14  ASP n 
1 15  LEU n 
1 16  ILE n 
1 17  ARG n 
1 18  ILE n 
1 19  LEU n 
1 20  GLY n 
1 21  GLU n 
1 22  ILE n 
1 23  GLU n 
1 24  GLU n 
1 25  LYS n 
1 26  MET n 
1 27  ASN n 
1 28  GLU n 
1 29  LEU n 
1 30  LYS n 
1 31  MET n 
1 32  ASP n 
1 33  GLY n 
1 34  PHE n 
1 35  ASN n 
1 36  PRO n 
1 37  ASP n 
1 38  ILE n 
1 39  ILE n 
1 40  LEU n 
1 41  PHE n 
1 42  GLY n 
1 43  ARG n 
1 44  GLU n 
1 45  ALA n 
1 46  TYR n 
1 47  ASN n 
1 48  PHE n 
1 49  LEU n 
1 50  SER n 
1 51  ASN n 
1 52  LEU n 
1 53  LEU n 
1 54  LYS n 
1 55  LYS n 
1 56  GLU n 
1 57  MET n 
1 58  GLU n 
1 59  GLU n 
1 60  GLU n 
1 61  GLY n 
1 62  PRO n 
1 63  PHE n 
1 64  THR n 
1 65  HIS n 
1 66  VAL n 
1 67  SER n 
1 68  ASN n 
1 69  ILE n 
1 70  LYS n 
1 71  ILE n 
1 72  GLU n 
1 73  ILE n 
1 74  LEU n 
1 75  GLU n 
1 76  GLU n 
1 77  LEU n 
1 78  GLY n 
1 79  GLY n 
1 80  ASP n 
1 81  ALA n 
1 82  VAL n 
1 83  VAL n 
1 84  ILE n 
1 85  ASP n 
1 86  SER n 
1 87  LYS n 
1 88  VAL n 
1 89  LEU n 
1 90  GLY n 
1 91  LEU n 
1 92  VAL n 
1 93  PRO n 
1 94  GLY n 
1 95  ALA n 
1 96  ALA n 
1 97  LYS n 
1 98  ARG n 
1 99  ILE n 
1 100 LYS n 
1 101 ILE n 
1 102 ILE n 
1 103 LYS n 
# 
_entity_src_gen.entity_id                          1 
_entity_src_gen.pdbx_src_id                        1 
_entity_src_gen.pdbx_alt_source_flag               sample 
_entity_src_gen.pdbx_seq_type                      ? 
_entity_src_gen.pdbx_beg_seq_num                   ? 
_entity_src_gen.pdbx_end_seq_num                   ? 
_entity_src_gen.gene_src_common_name               ? 
_entity_src_gen.gene_src_genus                     Pyrococcus 
_entity_src_gen.pdbx_gene_src_gene                 PF0899 
_entity_src_gen.gene_src_species                   'Pyrococcus furiosus' 
_entity_src_gen.gene_src_strain                    'DSM 3638, JCM 8422, Vc1' 
_entity_src_gen.gene_src_tissue                    ? 
_entity_src_gen.gene_src_tissue_fraction           ? 
_entity_src_gen.gene_src_details                   ? 
_entity_src_gen.pdbx_gene_src_fragment             ? 
_entity_src_gen.pdbx_gene_src_scientific_name      'Pyrococcus furiosus DSM 3638' 
_entity_src_gen.pdbx_gene_src_ncbi_taxonomy_id     186497 
_entity_src_gen.pdbx_gene_src_variant              ? 
_entity_src_gen.pdbx_gene_src_cell_line            ? 
_entity_src_gen.pdbx_gene_src_atcc                 43587 
_entity_src_gen.pdbx_gene_src_organ                ? 
_entity_src_gen.pdbx_gene_src_organelle            ? 
_entity_src_gen.pdbx_gene_src_cell                 ? 
_entity_src_gen.pdbx_gene_src_cellular_location    ? 
_entity_src_gen.host_org_common_name               ? 
_entity_src_gen.pdbx_host_org_scientific_name      'Escherichia coli' 
_entity_src_gen.pdbx_host_org_ncbi_taxonomy_id     562 
_entity_src_gen.host_org_genus                     Escherichia 
_entity_src_gen.pdbx_host_org_gene                 ? 
_entity_src_gen.pdbx_host_org_organ                ? 
_entity_src_gen.host_org_species                   ? 
_entity_src_gen.pdbx_host_org_tissue               ? 
_entity_src_gen.pdbx_host_org_tissue_fraction      ? 
_entity_src_gen.pdbx_host_org_strain               'BL21 STAR DE3 PRIL' 
_entity_src_gen.pdbx_host_org_variant              ? 
_entity_src_gen.pdbx_host_org_cell_line            ? 
_entity_src_gen.pdbx_host_org_atcc                 ? 
_entity_src_gen.pdbx_host_org_culture_collection   ? 
_entity_src_gen.pdbx_host_org_cell                 ? 
_entity_src_gen.pdbx_host_org_organelle            ? 
_entity_src_gen.pdbx_host_org_cellular_location    ? 
_entity_src_gen.pdbx_host_org_vector_type          PLASMID 
_entity_src_gen.pdbx_host_org_vector               ? 
_entity_src_gen.host_org_details                   ? 
_entity_src_gen.expression_system_id               ? 
_entity_src_gen.plasmid_name                       'pET24D BAM' 
_entity_src_gen.plasmid_details                    ? 
_entity_src_gen.pdbx_description                   ? 
# 
loop_
_chem_comp.id 
_chem_comp.type 
_chem_comp.mon_nstd_flag 
_chem_comp.name 
_chem_comp.pdbx_synonyms 
_chem_comp.formula 
_chem_comp.formula_weight 
ALA 'L-peptide linking' y ALANINE                ? 'C3 H7 N O2'     89.093  
ARG 'L-peptide linking' y ARGININE               ? 'C6 H15 N4 O2 1' 175.209 
ASN 'L-peptide linking' y ASPARAGINE             ? 'C4 H8 N2 O3'    132.118 
ASP 'L-peptide linking' y 'ASPARTIC ACID'        ? 'C4 H7 N O4'     133.103 
AUC non-polymer         . 'GOLD (I) CYANIDE ION' ? 'C2 Au N2'       249.001 
GLU 'L-peptide linking' y 'GLUTAMIC ACID'        ? 'C5 H9 N O4'     147.129 
GLY 'peptide linking'   y GLYCINE                ? 'C2 H5 N O2'     75.067  
HIS 'L-peptide linking' y HISTIDINE              ? 'C6 H10 N3 O2 1' 156.162 
HOH non-polymer         . WATER                  ? 'H2 O'           18.015  
ILE 'L-peptide linking' y ISOLEUCINE             ? 'C6 H13 N O2'    131.173 
LEU 'L-peptide linking' y LEUCINE                ? 'C6 H13 N O2'    131.173 
LYS 'L-peptide linking' y LYSINE                 ? 'C6 H15 N2 O2 1' 147.195 
MET 'L-peptide linking' y METHIONINE             ? 'C5 H11 N O2 S'  149.211 
PHE 'L-peptide linking' y PHENYLALANINE          ? 'C9 H11 N O2'    165.189 
PRO 'L-peptide linking' y PROLINE                ? 'C5 H9 N O2'     115.130 
SER 'L-peptide linking' y SERINE                 ? 'C3 H7 N O3'     105.093 
THR 'L-peptide linking' y THREONINE              ? 'C4 H9 N O3'     119.119 
TYR 'L-peptide linking' y TYROSINE               ? 'C9 H11 N O3'    181.189 
VAL 'L-peptide linking' y VALINE                 ? 'C5 H11 N O2'    117.146 
# 
loop_
_pdbx_poly_seq_scheme.asym_id 
_pdbx_poly_seq_scheme.entity_id 
_pdbx_poly_seq_scheme.seq_id 
_pdbx_poly_seq_scheme.mon_id 
_pdbx_poly_seq_scheme.ndb_seq_num 
_pdbx_poly_seq_scheme.pdb_seq_num 
_pdbx_poly_seq_scheme.auth_seq_num 
_pdbx_poly_seq_scheme.pdb_mon_id 
_pdbx_poly_seq_scheme.auth_mon_id 
_pdbx_poly_seq_scheme.pdb_strand_id 
_pdbx_poly_seq_scheme.pdb_ins_code 
_pdbx_poly_seq_scheme.hetero 
A 1 1   ALA 1   -7 ?  ?   ?   A . n 
A 1 2   HIS 2   -6 ?  ?   ?   A . n 
A 1 3   HIS 3   -5 ?  ?   ?   A . n 
A 1 4   HIS 4   -4 ?  ?   ?   A . n 
A 1 5   HIS 5   -3 ?  ?   ?   A . n 
A 1 6   HIS 6   -2 ?  ?   ?   A . n 
A 1 7   HIS 7   -1 ?  ?   ?   A . n 
A 1 8   GLY 8   0  ?  ?   ?   A . n 
A 1 9   SER 9   1  ?  ?   ?   A . n 
A 1 10  SER 10  2  2  SER SER A . n 
A 1 11  THR 11  3  3  THR THR A . n 
A 1 12  ARG 12  4  4  ARG ARG A . n 
A 1 13  GLY 13  5  5  GLY GLY A . n 
A 1 14  ASP 14  6  6  ASP ASP A . n 
A 1 15  LEU 15  7  7  LEU LEU A . n 
A 1 16  ILE 16  8  8  ILE ILE A . n 
A 1 17  ARG 17  9  9  ARG ARG A . n 
A 1 18  ILE 18  10 10 ILE ILE A . n 
A 1 19  LEU 19  11 11 LEU LEU A . n 
A 1 20  GLY 20  12 12 GLY GLY A . n 
A 1 21  GLU 21  13 13 GLU GLU A . n 
A 1 22  ILE 22  14 14 ILE ILE A . n 
A 1 23  GLU 23  15 15 GLU GLU A . n 
A 1 24  GLU 24  16 16 GLU GLU A . n 
A 1 25  LYS 25  17 17 LYS LYS A . n 
A 1 26  MET 26  18 18 MET MET A . n 
A 1 27  ASN 27  19 19 ASN ASN A . n 
A 1 28  GLU 28  20 20 GLU GLU A . n 
A 1 29  LEU 29  21 21 LEU LEU A . n 
A 1 30  LYS 30  22 22 LYS LYS A . n 
A 1 31  MET 31  23 23 MET MET A . n 
A 1 32  ASP 32  24 24 ASP ASP A . n 
A 1 33  GLY 33  25 25 GLY GLY A . n 
A 1 34  PHE 34  26 26 PHE PHE A . n 
A 1 35  ASN 35  27 27 ASN ASN A . n 
A 1 36  PRO 36  28 28 PRO PRO A . n 
A 1 37  ASP 37  29 29 ASP ASP A . n 
A 1 38  ILE 38  30 30 ILE ILE A . n 
A 1 39  ILE 39  31 31 ILE ILE A . n 
A 1 40  LEU 40  32 32 LEU LEU A . n 
A 1 41  PHE 41  33 33 PHE PHE A . n 
A 1 42  GLY 42  34 34 GLY GLY A . n 
A 1 43  ARG 43  35 35 ARG ARG A . n 
A 1 44  GLU 44  36 36 GLU GLU A . n 
A 1 45  ALA 45  37 37 ALA ALA A . n 
A 1 46  TYR 46  38 38 TYR TYR A . n 
A 1 47  ASN 47  39 39 ASN ASN A . n 
A 1 48  PHE 48  40 40 PHE PHE A . n 
A 1 49  LEU 49  41 41 LEU LEU A . n 
A 1 50  SER 50  42 42 SER SER A . n 
A 1 51  ASN 51  43 43 ASN ASN A . n 
A 1 52  LEU 52  44 44 LEU LEU A . n 
A 1 53  LEU 53  45 45 LEU LEU A . n 
A 1 54  LYS 54  46 46 LYS LYS A . n 
A 1 55  LYS 55  47 47 LYS LYS A . n 
A 1 56  GLU 56  48 48 GLU GLU A . n 
A 1 57  MET 57  49 49 MET MET A . n 
A 1 58  GLU 58  50 50 GLU GLU A . n 
A 1 59  GLU 59  51 51 GLU GLU A . n 
A 1 60  GLU 60  52 52 GLU GLU A . n 
A 1 61  GLY 61  53 53 GLY GLY A . n 
A 1 62  PRO 62  54 54 PRO PRO A . n 
A 1 63  PHE 63  55 55 PHE PHE A . n 
A 1 64  THR 64  56 56 THR THR A . n 
A 1 65  HIS 65  57 57 HIS HIS A . n 
A 1 66  VAL 66  58 58 VAL VAL A . n 
A 1 67  SER 67  59 59 SER SER A . n 
A 1 68  ASN 68  60 60 ASN ASN A . n 
A 1 69  ILE 69  61 61 ILE ILE A . n 
A 1 70  LYS 70  62 62 LYS LYS A . n 
A 1 71  ILE 71  63 63 ILE ILE A . n 
A 1 72  GLU 72  64 64 GLU GLU A . n 
A 1 73  ILE 73  65 65 ILE ILE A . n 
A 1 74  LEU 74  66 66 LEU LEU A . n 
A 1 75  GLU 75  67 67 GLU GLU A . n 
A 1 76  GLU 76  68 68 GLU GLU A . n 
A 1 77  LEU 77  69 69 LEU LEU A . n 
A 1 78  GLY 78  70 70 GLY GLY A . n 
A 1 79  GLY 79  71 71 GLY GLY A . n 
A 1 80  ASP 80  72 72 ASP ASP A . n 
A 1 81  ALA 81  73 73 ALA ALA A . n 
A 1 82  VAL 82  74 74 VAL VAL A . n 
A 1 83  VAL 83  75 75 VAL VAL A . n 
A 1 84  ILE 84  76 76 ILE ILE A . n 
A 1 85  ASP 85  77 77 ASP ASP A . n 
A 1 86  SER 86  78 78 SER SER A . n 
A 1 87  LYS 87  79 79 LYS LYS A . n 
A 1 88  VAL 88  80 80 VAL VAL A . n 
A 1 89  LEU 89  81 81 LEU LEU A . n 
A 1 90  GLY 90  82 82 GLY GLY A . n 
A 1 91  LEU 91  83 83 LEU LEU A . n 
A 1 92  VAL 92  84 84 VAL VAL A . n 
A 1 93  PRO 93  85 85 PRO PRO A . n 
A 1 94  GLY 94  86 86 GLY GLY A . n 
A 1 95  ALA 95  87 87 ALA ALA A . n 
A 1 96  ALA 96  88 88 ALA ALA A . n 
A 1 97  LYS 97  89 89 LYS LYS A . n 
A 1 98  ARG 98  90 90 ARG ARG A . n 
A 1 99  ILE 99  91 91 ILE ILE A . n 
A 1 100 LYS 100 92 92 LYS LYS A . n 
A 1 101 ILE 101 93 93 ILE ILE A . n 
A 1 102 ILE 102 94 94 ILE ILE A . n 
A 1 103 LYS 103 95 95 LYS LYS A . n 
# 
loop_
_pdbx_nonpoly_scheme.asym_id 
_pdbx_nonpoly_scheme.entity_id 
_pdbx_nonpoly_scheme.mon_id 
_pdbx_nonpoly_scheme.ndb_seq_num 
_pdbx_nonpoly_scheme.pdb_seq_num 
_pdbx_nonpoly_scheme.auth_seq_num 
_pdbx_nonpoly_scheme.pdb_mon_id 
_pdbx_nonpoly_scheme.auth_mon_id 
_pdbx_nonpoly_scheme.pdb_strand_id 
_pdbx_nonpoly_scheme.pdb_ins_code 
B 2 AUC 1  500 500 AUC AUC A . 
C 3 HOH 1  501 2   HOH HOH A . 
C 3 HOH 2  502 4   HOH HOH A . 
C 3 HOH 3  503 5   HOH HOH A . 
C 3 HOH 4  504 7   HOH HOH A . 
C 3 HOH 5  505 8   HOH HOH A . 
C 3 HOH 6  506 10  HOH HOH A . 
C 3 HOH 7  507 11  HOH HOH A . 
C 3 HOH 8  508 12  HOH HOH A . 
C 3 HOH 9  509 13  HOH HOH A . 
C 3 HOH 10 510 14  HOH HOH A . 
C 3 HOH 11 511 15  HOH HOH A . 
C 3 HOH 12 512 16  HOH HOH A . 
C 3 HOH 13 513 17  HOH HOH A . 
C 3 HOH 14 514 19  HOH HOH A . 
C 3 HOH 15 515 20  HOH HOH A . 
C 3 HOH 16 516 21  HOH HOH A . 
C 3 HOH 17 517 22  HOH HOH A . 
C 3 HOH 18 518 23  HOH HOH A . 
C 3 HOH 19 519 25  HOH HOH A . 
C 3 HOH 20 520 26  HOH HOH A . 
C 3 HOH 21 521 27  HOH HOH A . 
C 3 HOH 22 522 29  HOH HOH A . 
C 3 HOH 23 523 30  HOH HOH A . 
C 3 HOH 24 524 31  HOH HOH A . 
C 3 HOH 25 525 33  HOH HOH A . 
C 3 HOH 26 526 34  HOH HOH A . 
C 3 HOH 27 527 36  HOH HOH A . 
C 3 HOH 28 528 48  HOH HOH A . 
C 3 HOH 29 529 50  HOH HOH A . 
C 3 HOH 30 530 51  HOH HOH A . 
C 3 HOH 31 531 52  HOH HOH A . 
C 3 HOH 32 532 53  HOH HOH A . 
C 3 HOH 33 533 54  HOH HOH A . 
C 3 HOH 34 534 55  HOH HOH A . 
C 3 HOH 35 535 56  HOH HOH A . 
C 3 HOH 36 536 57  HOH HOH A . 
C 3 HOH 37 537 58  HOH HOH A . 
C 3 HOH 38 538 61  HOH HOH A . 
# 
loop_
_pdbx_unobs_or_zero_occ_atoms.id 
_pdbx_unobs_or_zero_occ_atoms.PDB_model_num 
_pdbx_unobs_or_zero_occ_atoms.polymer_flag 
_pdbx_unobs_or_zero_occ_atoms.occupancy_flag 
_pdbx_unobs_or_zero_occ_atoms.auth_asym_id 
_pdbx_unobs_or_zero_occ_atoms.auth_comp_id 
_pdbx_unobs_or_zero_occ_atoms.auth_seq_id 
_pdbx_unobs_or_zero_occ_atoms.PDB_ins_code 
_pdbx_unobs_or_zero_occ_atoms.auth_atom_id 
_pdbx_unobs_or_zero_occ_atoms.label_alt_id 
_pdbx_unobs_or_zero_occ_atoms.label_asym_id 
_pdbx_unobs_or_zero_occ_atoms.label_comp_id 
_pdbx_unobs_or_zero_occ_atoms.label_seq_id 
_pdbx_unobs_or_zero_occ_atoms.label_atom_id 
1  1 Y 1 A GLU 15  ? CG  ? A GLU 23  CG  
2  1 Y 1 A GLU 15  ? CD  ? A GLU 23  CD  
3  1 Y 1 A GLU 15  ? OE1 ? A GLU 23  OE1 
4  1 Y 1 A GLU 15  ? OE2 ? A GLU 23  OE2 
5  1 Y 1 A LYS 46  ? NZ  ? A LYS 54  NZ  
6  1 Y 1 A GLU 52  ? CB  ? A GLU 60  CB  
7  1 Y 1 A GLU 52  ? CG  ? A GLU 60  CG  
8  1 Y 1 A GLU 52  ? CD  ? A GLU 60  CD  
9  1 Y 1 A GLU 52  ? OE1 ? A GLU 60  OE1 
10 1 Y 1 A GLU 52  ? OE2 ? A GLU 60  OE2 
11 1 Y 1 A LYS 95  ? CD  ? A LYS 103 CD  
12 1 Y 1 A LYS 95  ? CE  ? A LYS 103 CE  
13 1 Y 1 A LYS 95  ? NZ  ? A LYS 103 NZ  
14 1 N 1 A AUC 500 ? C2  ? B AUC 1   C2  
15 1 N 1 A AUC 500 ? N2  ? B AUC 1   N2  
# 
loop_
_software.name 
_software.classification 
_software.version 
_software.citation_id 
_software.pdbx_ordinal 
SOLVE         phasing           .        ? 1 
REFMAC        refinement        5.2.0019 ? 2 
SERGUI        'data collection' .        ? 3 
MAR345        'data collection' .        ? 4 
SCALEPACK     'data scaling'    .        ? 5 
SCA2structure phasing           .        ? 6 
# 
_cell.entry_id           2PK8 
_cell.length_a           47.080 
_cell.length_b           47.080 
_cell.length_c           83.950 
_cell.angle_alpha        90.00 
_cell.angle_beta         90.00 
_cell.angle_gamma        120.00 
_cell.Z_PDB              6 
_cell.pdbx_unique_axis   ? 
_cell.length_a_esd       ? 
_cell.length_b_esd       ? 
_cell.length_c_esd       ? 
_cell.angle_alpha_esd    ? 
_cell.angle_beta_esd     ? 
_cell.angle_gamma_esd    ? 
# 
_symmetry.entry_id                         2PK8 
_symmetry.space_group_name_H-M             'P 32 2 1' 
_symmetry.pdbx_full_space_group_name_H-M   ? 
_symmetry.cell_setting                     ? 
_symmetry.Int_Tables_number                154 
_symmetry.space_group_name_Hall            ? 
# 
_exptl.entry_id          2PK8 
_exptl.method            'X-RAY DIFFRACTION' 
_exptl.crystals_number   1 
# 
_exptl_crystal.id                    1 
_exptl_crystal.density_meas          ? 
_exptl_crystal.density_Matthews      2.32 
_exptl_crystal.density_percent_sol   47.00 
_exptl_crystal.description           ? 
_exptl_crystal.F_000                 ? 
_exptl_crystal.preparation           ? 
# 
_exptl_crystal_grow.crystal_id      1 
_exptl_crystal_grow.method          'VAPOR DIFFUSION, SITTING DROP' 
_exptl_crystal_grow.temp            291 
_exptl_crystal_grow.temp_details    ? 
_exptl_crystal_grow.pH              3.9 
_exptl_crystal_grow.pdbx_details    
;MODIFIED MICROBATCH USING 1 MICROLITER DROPS CONTAINING EQUAL VOLUMES OF PROTEIN CONCENTRATE (10 mg/mL) AND A PRECIPITANT SOLUTION CONTAINING 8% PEG 4000 IN 100mM SODIUM ACETATE, pH 3.9, TEMPERATURE 291K, VAPOR DIFFUSION, SITTING DROP
;
_exptl_crystal_grow.pdbx_pH_range   . 
# 
_diffrn.id                     1 
_diffrn.ambient_temp           100.0 
_diffrn.ambient_temp_details   ? 
_diffrn.crystal_id             1 
# 
_diffrn_detector.diffrn_id              1 
_diffrn_detector.detector               CCD 
_diffrn_detector.type                   'MARMOSAIC 225 mm CCD' 
_diffrn_detector.pdbx_collection_date   2003-11-16 
_diffrn_detector.details                Rosenbaum 
# 
_diffrn_radiation.diffrn_id                        1 
_diffrn_radiation.wavelength_id                    1 
_diffrn_radiation.pdbx_monochromatic_or_laue_m_l   M 
_diffrn_radiation.monochromator                    'SI CHANNEL 220' 
_diffrn_radiation.pdbx_diffrn_protocol             'SINGLE WAVELENGTH' 
_diffrn_radiation.pdbx_scattering_type             x-ray 
# 
_diffrn_radiation_wavelength.id           1 
_diffrn_radiation_wavelength.wavelength   1.00000 
_diffrn_radiation_wavelength.wt           1.0 
# 
_diffrn_source.diffrn_id                   1 
_diffrn_source.source                      SYNCHROTRON 
_diffrn_source.type                        'APS BEAMLINE 22-ID' 
_diffrn_source.pdbx_synchrotron_site       APS 
_diffrn_source.pdbx_synchrotron_beamline   22-ID 
_diffrn_source.pdbx_wavelength             ? 
_diffrn_source.pdbx_wavelength_list        1.00000 
# 
_reflns.entry_id                     2PK8 
_reflns.observed_criterion_sigma_I   -3.000 
_reflns.observed_criterion_sigma_F   ? 
_reflns.d_resolution_low             20.000 
_reflns.d_resolution_high            1.850 
_reflns.number_obs                   9476 
_reflns.number_all                   ? 
_reflns.percent_possible_obs         98.5 
_reflns.pdbx_Rmerge_I_obs            ? 
_reflns.pdbx_Rsym_value              0.044 
_reflns.pdbx_netI_over_sigmaI        ? 
_reflns.B_iso_Wilson_estimate        ? 
_reflns.pdbx_redundancy              ? 
_reflns.R_free_details               ? 
_reflns.limit_h_max                  ? 
_reflns.limit_h_min                  ? 
_reflns.limit_k_max                  ? 
_reflns.limit_k_min                  ? 
_reflns.limit_l_max                  ? 
_reflns.limit_l_min                  ? 
_reflns.observed_criterion_F_max     ? 
_reflns.observed_criterion_F_min     ? 
_reflns.pdbx_chi_squared             ? 
_reflns.pdbx_scaling_rejects         ? 
_reflns.pdbx_ordinal                 1 
_reflns.pdbx_diffrn_id               1 
# 
_reflns_shell.d_res_high             1.85 
_reflns_shell.d_res_low              1.92 
_reflns_shell.percent_possible_all   92.4 
_reflns_shell.Rmerge_I_obs           ? 
_reflns_shell.pdbx_Rsym_value        0.251 
_reflns_shell.meanI_over_sigI_obs    ? 
_reflns_shell.pdbx_redundancy        ? 
_reflns_shell.percent_possible_obs   ? 
_reflns_shell.number_unique_all      ? 
_reflns_shell.number_measured_all    ? 
_reflns_shell.number_measured_obs    ? 
_reflns_shell.number_unique_obs      ? 
_reflns_shell.pdbx_chi_squared       ? 
_reflns_shell.pdbx_ordinal           1 
_reflns_shell.pdbx_diffrn_id         1 
# 
_refine.entry_id                                 2PK8 
_refine.ls_number_reflns_obs                     8896 
_refine.ls_number_reflns_all                     8896 
_refine.pdbx_ls_sigma_I                          0.257 
_refine.pdbx_ls_sigma_F                          0 
_refine.pdbx_data_cutoff_high_absF               ? 
_refine.pdbx_data_cutoff_low_absF                ? 
_refine.pdbx_data_cutoff_high_rms_absF           ? 
_refine.ls_d_res_low                             19.81 
_refine.ls_d_res_high                            1.85 
_refine.ls_percent_reflns_obs                    97.24 
_refine.ls_R_factor_obs                          0.2083 
_refine.ls_R_factor_all                          0.2083 
_refine.ls_R_factor_R_work                       0.20662 
_refine.ls_R_factor_R_free                       0.24249 
_refine.ls_R_factor_R_free_error                 ? 
_refine.ls_R_factor_R_free_error_details         ? 
_refine.ls_percent_reflns_R_free                 4.7 
_refine.ls_number_reflns_R_free                  443 
_refine.ls_number_parameters                     ? 
_refine.ls_number_restraints                     ? 
_refine.occupancy_min                            ? 
_refine.occupancy_max                            ? 
_refine.correlation_coeff_Fo_to_Fc               0.947 
_refine.correlation_coeff_Fo_to_Fc_free          0.930 
_refine.B_iso_mean                               11.423 
_refine.aniso_B[1][1]                            0.97 
_refine.aniso_B[2][2]                            0.97 
_refine.aniso_B[3][3]                            -1.45 
_refine.aniso_B[1][2]                            0.48 
_refine.aniso_B[1][3]                            0.00 
_refine.aniso_B[2][3]                            0.00 
_refine.solvent_model_details                    MASK 
_refine.solvent_model_param_ksol                 ? 
_refine.solvent_model_param_bsol                 ? 
_refine.pdbx_solvent_vdw_probe_radii             1.40 
_refine.pdbx_solvent_ion_probe_radii             0.80 
_refine.pdbx_solvent_shrinkage_radii             0.80 
_refine.pdbx_ls_cross_valid_method               THROUGHOUT 
_refine.details                                  'HYDROGENS HAVE BEEN ADDED IN THE RIDING POSITIONS' 
_refine.pdbx_starting_model                      ? 
_refine.pdbx_method_to_determine_struct          MIRAS 
_refine.pdbx_isotropic_thermal_model             ? 
_refine.pdbx_stereochemistry_target_values       'MAXIMUM LIKELIHOOD' 
_refine.pdbx_stereochem_target_val_spec_case     ? 
_refine.pdbx_R_Free_selection_details            RANDOM 
_refine.pdbx_overall_ESU_R                       0.145 
_refine.pdbx_overall_ESU_R_Free                  0.137 
_refine.overall_SU_ML                            0.116 
_refine.overall_SU_B                             8.053 
_refine.ls_redundancy_reflns_obs                 ? 
_refine.B_iso_min                                ? 
_refine.B_iso_max                                ? 
_refine.overall_SU_R_Cruickshank_DPI             ? 
_refine.overall_SU_R_free                        ? 
_refine.ls_wR_factor_R_free                      ? 
_refine.ls_wR_factor_R_work                      ? 
_refine.overall_FOM_free_R_set                   ? 
_refine.overall_FOM_work_R_set                   ? 
_refine.pdbx_refine_id                           'X-RAY DIFFRACTION' 
_refine.pdbx_TLS_residual_ADP_flag               'LIKELY RESIDUAL' 
_refine.pdbx_diffrn_id                           1 
_refine.pdbx_overall_phase_error                 ? 
_refine.pdbx_overall_SU_R_free_Cruickshank_DPI   ? 
_refine.pdbx_overall_SU_R_Blow_DPI               ? 
_refine.pdbx_overall_SU_R_free_Blow_DPI          ? 
# 
_refine_hist.pdbx_refine_id                   'X-RAY DIFFRACTION' 
_refine_hist.cycle_id                         LAST 
_refine_hist.pdbx_number_atoms_protein        724 
_refine_hist.pdbx_number_atoms_nucleic_acid   0 
_refine_hist.pdbx_number_atoms_ligand         3 
_refine_hist.number_atoms_solvent             38 
_refine_hist.number_atoms_total               765 
_refine_hist.d_res_high                       1.85 
_refine_hist.d_res_low                        19.81 
# 
loop_
_refine_ls_restr.type 
_refine_ls_restr.dev_ideal 
_refine_ls_restr.dev_ideal_target 
_refine_ls_restr.weight 
_refine_ls_restr.number 
_refine_ls_restr.pdbx_refine_id 
_refine_ls_restr.pdbx_restraint_function 
r_bond_refined_d             0.019  0.022  ? 753  'X-RAY DIFFRACTION' ? 
r_bond_other_d               ?      ?      ? ?    'X-RAY DIFFRACTION' ? 
r_angle_refined_deg          1.723  2.008  ? 1008 'X-RAY DIFFRACTION' ? 
r_angle_other_deg            ?      ?      ? ?    'X-RAY DIFFRACTION' ? 
r_dihedral_angle_1_deg       5.620  5.000  ? 93   'X-RAY DIFFRACTION' ? 
r_dihedral_angle_2_deg       28.581 25.758 ? 33   'X-RAY DIFFRACTION' ? 
r_dihedral_angle_3_deg       14.406 15.000 ? 155  'X-RAY DIFFRACTION' ? 
r_dihedral_angle_4_deg       13.620 15.000 ? 4    'X-RAY DIFFRACTION' ? 
r_chiral_restr               0.113  0.200  ? 118  'X-RAY DIFFRACTION' ? 
r_gen_planes_refined         0.007  0.020  ? 538  'X-RAY DIFFRACTION' ? 
r_gen_planes_other           ?      ?      ? ?    'X-RAY DIFFRACTION' ? 
r_nbd_refined                0.202  0.200  ? 336  'X-RAY DIFFRACTION' ? 
r_nbd_other                  ?      ?      ? ?    'X-RAY DIFFRACTION' ? 
r_nbtor_refined              0.299  0.200  ? 521  'X-RAY DIFFRACTION' ? 
r_nbtor_other                ?      ?      ? ?    'X-RAY DIFFRACTION' ? 
r_xyhbond_nbd_refined        0.120  0.200  ? 31   'X-RAY DIFFRACTION' ? 
r_xyhbond_nbd_other          ?      ?      ? ?    'X-RAY DIFFRACTION' ? 
r_metal_ion_refined          ?      ?      ? ?    'X-RAY DIFFRACTION' ? 
r_metal_ion_other            ?      ?      ? ?    'X-RAY DIFFRACTION' ? 
r_symmetry_vdw_refined       0.211  0.200  ? 28   'X-RAY DIFFRACTION' ? 
r_symmetry_vdw_other         ?      ?      ? ?    'X-RAY DIFFRACTION' ? 
r_symmetry_hbond_refined     0.192  0.200  ? 5    'X-RAY DIFFRACTION' ? 
r_symmetry_hbond_other       ?      ?      ? ?    'X-RAY DIFFRACTION' ? 
r_symmetry_metal_ion_refined ?      ?      ? ?    'X-RAY DIFFRACTION' ? 
r_symmetry_metal_ion_other   ?      ?      ? ?    'X-RAY DIFFRACTION' ? 
r_mcbond_it                  1.010  1.500  ? 493  'X-RAY DIFFRACTION' ? 
r_mcbond_other               ?      ?      ? ?    'X-RAY DIFFRACTION' ? 
r_mcangle_it                 1.489  2.000  ? 754  'X-RAY DIFFRACTION' ? 
r_scbond_it                  2.595  3.000  ? 300  'X-RAY DIFFRACTION' ? 
r_scangle_it                 3.895  4.500  ? 254  'X-RAY DIFFRACTION' ? 
r_rigid_bond_restr           ?      ?      ? ?    'X-RAY DIFFRACTION' ? 
r_sphericity_free            ?      ?      ? ?    'X-RAY DIFFRACTION' ? 
r_sphericity_bonded          ?      ?      ? ?    'X-RAY DIFFRACTION' ? 
# 
_refine_ls_shell.pdbx_total_number_of_bins_used   20 
_refine_ls_shell.d_res_high                       1.85 
_refine_ls_shell.d_res_low                        1.90 
_refine_ls_shell.number_reflns_R_work             555 
_refine_ls_shell.R_factor_R_work                  0.347 
_refine_ls_shell.percent_reflns_obs               86.33 
_refine_ls_shell.R_factor_R_free                  0.306 
_refine_ls_shell.R_factor_R_free_error            ? 
_refine_ls_shell.percent_reflns_R_free            ? 
_refine_ls_shell.number_reflns_R_free             26 
_refine_ls_shell.number_reflns_all                ? 
_refine_ls_shell.R_factor_all                     ? 
_refine_ls_shell.number_reflns_obs                ? 
_refine_ls_shell.redundancy_reflns_obs            ? 
_refine_ls_shell.pdbx_refine_id                   'X-RAY DIFFRACTION' 
# 
_struct.entry_id                  2PK8 
_struct.title                     'Crystal structure of an uncharacterized protein PF0899 from Pyrococcus furiosus' 
_struct.pdbx_model_details        ? 
_struct.pdbx_CASP_flag            ? 
_struct.pdbx_model_type_details   ? 
# 
_struct_keywords.entry_id        2PK8 
_struct_keywords.pdbx_keywords   'STRUCTURAL GENOMICS, UNKNOWN FUNCTION' 
_struct_keywords.text            
;PF0899, STRUCTURAL GENOMICS, PYROCOCCUS FURIOSUS, UNCHARACTERIZED PROTEIN, PSI, PROTEIN STRUCTURE INITIATIVE, SOUTHEAST COLLABORATORY FOR STRUCTURAL GENOMICS, SECSG, UNKNOWN FUNCTION
;
# 
loop_
_struct_asym.id 
_struct_asym.pdbx_blank_PDB_chainid_flag 
_struct_asym.pdbx_modified 
_struct_asym.entity_id 
_struct_asym.details 
A N N 1 ? 
B N N 2 ? 
C N N 3 ? 
# 
_struct_ref.id                         1 
_struct_ref.db_name                    UNP 
_struct_ref.db_code                    Q8U2E0_PYRFU 
_struct_ref.pdbx_db_accession          Q8U2E0 
_struct_ref.entity_id                  1 
_struct_ref.pdbx_seq_one_letter_code   
;STRGDLIRILGEIEEKMNELKMDGFNPDIILFGREAYNFLSNLLKKEMEEEGPFTHVSNIKIEILEELGGDAVVIDSKVL
GLVPGAAKRIKIIK
;
_struct_ref.pdbx_align_begin           2 
_struct_ref.pdbx_db_isoform            ? 
# 
_struct_ref_seq.align_id                      1 
_struct_ref_seq.ref_id                        1 
_struct_ref_seq.pdbx_PDB_id_code              2PK8 
_struct_ref_seq.pdbx_strand_id                A 
_struct_ref_seq.seq_align_beg                 10 
_struct_ref_seq.pdbx_seq_align_beg_ins_code   ? 
_struct_ref_seq.seq_align_end                 103 
_struct_ref_seq.pdbx_seq_align_end_ins_code   ? 
_struct_ref_seq.pdbx_db_accession             Q8U2E0 
_struct_ref_seq.db_align_beg                  2 
_struct_ref_seq.pdbx_db_align_beg_ins_code    ? 
_struct_ref_seq.db_align_end                  95 
_struct_ref_seq.pdbx_db_align_end_ins_code    ? 
_struct_ref_seq.pdbx_auth_seq_align_beg       2 
_struct_ref_seq.pdbx_auth_seq_align_end       95 
# 
loop_
_struct_ref_seq_dif.align_id 
_struct_ref_seq_dif.pdbx_pdb_id_code 
_struct_ref_seq_dif.mon_id 
_struct_ref_seq_dif.pdbx_pdb_strand_id 
_struct_ref_seq_dif.seq_num 
_struct_ref_seq_dif.pdbx_pdb_ins_code 
_struct_ref_seq_dif.pdbx_seq_db_name 
_struct_ref_seq_dif.pdbx_seq_db_accession_code 
_struct_ref_seq_dif.db_mon_id 
_struct_ref_seq_dif.pdbx_seq_db_seq_num 
_struct_ref_seq_dif.details 
_struct_ref_seq_dif.pdbx_auth_seq_num 
_struct_ref_seq_dif.pdbx_ordinal 
1 2PK8 ALA A 1 ? UNP Q8U2E0 ? ? 'cloning artifact' -7 1 
1 2PK8 HIS A 2 ? UNP Q8U2E0 ? ? 'cloning artifact' -6 2 
1 2PK8 HIS A 3 ? UNP Q8U2E0 ? ? 'cloning artifact' -5 3 
1 2PK8 HIS A 4 ? UNP Q8U2E0 ? ? 'cloning artifact' -4 4 
1 2PK8 HIS A 5 ? UNP Q8U2E0 ? ? 'cloning artifact' -3 5 
1 2PK8 HIS A 6 ? UNP Q8U2E0 ? ? 'cloning artifact' -2 6 
1 2PK8 HIS A 7 ? UNP Q8U2E0 ? ? 'cloning artifact' -1 7 
1 2PK8 GLY A 8 ? UNP Q8U2E0 ? ? 'cloning artifact' 0  8 
1 2PK8 SER A 9 ? UNP Q8U2E0 ? ? 'cloning artifact' 1  9 
# 
_pdbx_struct_assembly.id                   1 
_pdbx_struct_assembly.details              author_defined_assembly 
_pdbx_struct_assembly.method_details       ? 
_pdbx_struct_assembly.oligomeric_details   dimeric 
_pdbx_struct_assembly.oligomeric_count     2 
# 
_pdbx_struct_assembly_gen.assembly_id       1 
_pdbx_struct_assembly_gen.oper_expression   1,2 
_pdbx_struct_assembly_gen.asym_id_list      A,B,C 
# 
loop_
_pdbx_struct_oper_list.id 
_pdbx_struct_oper_list.type 
_pdbx_struct_oper_list.name 
_pdbx_struct_oper_list.symmetry_operation 
_pdbx_struct_oper_list.matrix[1][1] 
_pdbx_struct_oper_list.matrix[1][2] 
_pdbx_struct_oper_list.matrix[1][3] 
_pdbx_struct_oper_list.vector[1] 
_pdbx_struct_oper_list.matrix[2][1] 
_pdbx_struct_oper_list.matrix[2][2] 
_pdbx_struct_oper_list.matrix[2][3] 
_pdbx_struct_oper_list.vector[2] 
_pdbx_struct_oper_list.matrix[3][1] 
_pdbx_struct_oper_list.matrix[3][2] 
_pdbx_struct_oper_list.matrix[3][3] 
_pdbx_struct_oper_list.vector[3] 
1 'identity operation'         1_555 x,y,z  1.0000000000  0.0000000000  0.0000000000  0.0000000000 0.0000000000  1.0000000000  0.0000000000 0.0000000000   0.0000000000  0.0000000000 1.0000000000  0.0000000000  
2 'crystal symmetry operation' 4_555 y,x,-z -0.5157817467 -0.6814504724 -0.5192248486 1.6811828569 -0.6814504724 -0.0409805017 0.7307159860 -13.3848232263 -0.5192248486 0.7307159860 -0.4432377516 19.1345879596 
# 
_struct_biol.id   1 
# 
loop_
_struct_conf.conf_type_id 
_struct_conf.id 
_struct_conf.pdbx_PDB_helix_id 
_struct_conf.beg_label_comp_id 
_struct_conf.beg_label_asym_id 
_struct_conf.beg_label_seq_id 
_struct_conf.pdbx_beg_PDB_ins_code 
_struct_conf.end_label_comp_id 
_struct_conf.end_label_asym_id 
_struct_conf.end_label_seq_id 
_struct_conf.pdbx_end_PDB_ins_code 
_struct_conf.beg_auth_comp_id 
_struct_conf.beg_auth_asym_id 
_struct_conf.beg_auth_seq_id 
_struct_conf.end_auth_comp_id 
_struct_conf.end_auth_asym_id 
_struct_conf.end_auth_seq_id 
_struct_conf.pdbx_PDB_helix_class 
_struct_conf.details 
_struct_conf.pdbx_PDB_helix_length 
HELX_P HELX_P1 1 SER A 10 ? ASP A 32 ? SER A 2  ASP A 24 1 ? 23 
HELX_P HELX_P2 2 GLY A 42 ? GLU A 58 ? GLY A 34 GLU A 50 1 ? 17 
HELX_P HELX_P3 3 GLU A 75 ? GLY A 78 ? GLU A 67 GLY A 70 5 ? 4  
# 
_struct_conf_type.id          HELX_P 
_struct_conf_type.criteria    ? 
_struct_conf_type.reference   ? 
# 
_struct_mon_prot_cis.pdbx_id                1 
_struct_mon_prot_cis.label_comp_id          GLY 
_struct_mon_prot_cis.label_seq_id           61 
_struct_mon_prot_cis.label_asym_id          A 
_struct_mon_prot_cis.label_alt_id           . 
_struct_mon_prot_cis.pdbx_PDB_ins_code      ? 
_struct_mon_prot_cis.auth_comp_id           GLY 
_struct_mon_prot_cis.auth_seq_id            53 
_struct_mon_prot_cis.auth_asym_id           A 
_struct_mon_prot_cis.pdbx_label_comp_id_2   PRO 
_struct_mon_prot_cis.pdbx_label_seq_id_2    62 
_struct_mon_prot_cis.pdbx_label_asym_id_2   A 
_struct_mon_prot_cis.pdbx_PDB_ins_code_2    ? 
_struct_mon_prot_cis.pdbx_auth_comp_id_2    PRO 
_struct_mon_prot_cis.pdbx_auth_seq_id_2     54 
_struct_mon_prot_cis.pdbx_auth_asym_id_2    A 
_struct_mon_prot_cis.pdbx_PDB_model_num     1 
_struct_mon_prot_cis.pdbx_omega_angle       3.47 
# 
_struct_sheet.id               A 
_struct_sheet.type             ? 
_struct_sheet.number_strands   5 
_struct_sheet.details          ? 
# 
loop_
_struct_sheet_order.sheet_id 
_struct_sheet_order.range_id_1 
_struct_sheet_order.range_id_2 
_struct_sheet_order.offset 
_struct_sheet_order.sense 
A 1 2 ? anti-parallel 
A 2 3 ? parallel      
A 3 4 ? anti-parallel 
A 4 5 ? anti-parallel 
# 
loop_
_struct_sheet_range.sheet_id 
_struct_sheet_range.id 
_struct_sheet_range.beg_label_comp_id 
_struct_sheet_range.beg_label_asym_id 
_struct_sheet_range.beg_label_seq_id 
_struct_sheet_range.pdbx_beg_PDB_ins_code 
_struct_sheet_range.end_label_comp_id 
_struct_sheet_range.end_label_asym_id 
_struct_sheet_range.end_label_seq_id 
_struct_sheet_range.pdbx_end_PDB_ins_code 
_struct_sheet_range.beg_auth_comp_id 
_struct_sheet_range.beg_auth_asym_id 
_struct_sheet_range.beg_auth_seq_id 
_struct_sheet_range.end_auth_comp_id 
_struct_sheet_range.end_auth_asym_id 
_struct_sheet_range.end_auth_seq_id 
A 1 HIS A 65 ? VAL A 66  ? HIS A 57 VAL A 58 
A 2 ILE A 69 ? ILE A 73  ? ILE A 61 ILE A 65 
A 3 ILE A 38 ? PHE A 41  ? ILE A 30 PHE A 33 
A 4 ASP A 80 ? ILE A 84  ? ASP A 72 ILE A 76 
A 5 ALA A 96 ? LYS A 100 ? ALA A 88 LYS A 92 
# 
loop_
_pdbx_struct_sheet_hbond.sheet_id 
_pdbx_struct_sheet_hbond.range_id_1 
_pdbx_struct_sheet_hbond.range_id_2 
_pdbx_struct_sheet_hbond.range_1_label_atom_id 
_pdbx_struct_sheet_hbond.range_1_label_comp_id 
_pdbx_struct_sheet_hbond.range_1_label_asym_id 
_pdbx_struct_sheet_hbond.range_1_label_seq_id 
_pdbx_struct_sheet_hbond.range_1_PDB_ins_code 
_pdbx_struct_sheet_hbond.range_1_auth_atom_id 
_pdbx_struct_sheet_hbond.range_1_auth_comp_id 
_pdbx_struct_sheet_hbond.range_1_auth_asym_id 
_pdbx_struct_sheet_hbond.range_1_auth_seq_id 
_pdbx_struct_sheet_hbond.range_2_label_atom_id 
_pdbx_struct_sheet_hbond.range_2_label_comp_id 
_pdbx_struct_sheet_hbond.range_2_label_asym_id 
_pdbx_struct_sheet_hbond.range_2_label_seq_id 
_pdbx_struct_sheet_hbond.range_2_PDB_ins_code 
_pdbx_struct_sheet_hbond.range_2_auth_atom_id 
_pdbx_struct_sheet_hbond.range_2_auth_comp_id 
_pdbx_struct_sheet_hbond.range_2_auth_asym_id 
_pdbx_struct_sheet_hbond.range_2_auth_seq_id 
A 1 2 N VAL A 66 ? N VAL A 58 O ILE A 69 ? O ILE A 61 
A 2 3 O LYS A 70 ? O LYS A 62 N ILE A 39 ? N ILE A 31 
A 3 4 N LEU A 40 ? N LEU A 32 O VAL A 82 ? O VAL A 74 
A 4 5 N ALA A 81 ? N ALA A 73 O ILE A 99 ? O ILE A 91 
# 
_struct_site.id                   AC1 
_struct_site.pdbx_evidence_code   Software 
_struct_site.pdbx_auth_asym_id    A 
_struct_site.pdbx_auth_comp_id    AUC 
_struct_site.pdbx_auth_seq_id     500 
_struct_site.pdbx_auth_ins_code   ? 
_struct_site.pdbx_num_residues    6 
_struct_site.details              'BINDING SITE FOR RESIDUE AUC A 500' 
# 
loop_
_struct_site_gen.id 
_struct_site_gen.site_id 
_struct_site_gen.pdbx_num_res 
_struct_site_gen.label_comp_id 
_struct_site_gen.label_asym_id 
_struct_site_gen.label_seq_id 
_struct_site_gen.pdbx_auth_ins_code 
_struct_site_gen.auth_comp_id 
_struct_site_gen.auth_asym_id 
_struct_site_gen.auth_seq_id 
_struct_site_gen.label_atom_id 
_struct_site_gen.label_alt_id 
_struct_site_gen.symmetry 
_struct_site_gen.details 
1 AC1 6 GLY A 90 ? GLY A 82  . ? 1_555 ? 
2 AC1 6 VAL A 92 ? VAL A 84  . ? 1_555 ? 
3 AC1 6 PRO A 93 ? PRO A 85  . ? 1_555 ? 
4 AC1 6 GLY A 94 ? GLY A 86  . ? 1_555 ? 
5 AC1 6 GLY A 94 ? GLY A 86  . ? 4_555 ? 
6 AC1 6 HOH C .  ? HOH A 504 . ? 4_555 ? 
# 
_pdbx_SG_project.id                    1 
_pdbx_SG_project.project_name          'PSI, Protein Structure Initiative' 
_pdbx_SG_project.full_name_of_center   'Southeast Collaboratory for Structural Genomics' 
_pdbx_SG_project.initial_of_center     SECSG 
# 
_pdbx_struct_special_symmetry.id              1 
_pdbx_struct_special_symmetry.PDB_model_num   1 
_pdbx_struct_special_symmetry.auth_asym_id    A 
_pdbx_struct_special_symmetry.auth_comp_id    AUC 
_pdbx_struct_special_symmetry.auth_seq_id     500 
_pdbx_struct_special_symmetry.PDB_ins_code    ? 
_pdbx_struct_special_symmetry.label_asym_id   B 
_pdbx_struct_special_symmetry.label_comp_id   AUC 
_pdbx_struct_special_symmetry.label_seq_id    . 
# 
loop_
_pdbx_refine_tls.id 
_pdbx_refine_tls.details 
_pdbx_refine_tls.method 
_pdbx_refine_tls.origin_x 
_pdbx_refine_tls.origin_y 
_pdbx_refine_tls.origin_z 
_pdbx_refine_tls.T[1][1] 
_pdbx_refine_tls.T[2][2] 
_pdbx_refine_tls.T[3][3] 
_pdbx_refine_tls.T[1][2] 
_pdbx_refine_tls.T[1][3] 
_pdbx_refine_tls.T[2][3] 
_pdbx_refine_tls.L[1][1] 
_pdbx_refine_tls.L[2][2] 
_pdbx_refine_tls.L[3][3] 
_pdbx_refine_tls.L[1][2] 
_pdbx_refine_tls.L[1][3] 
_pdbx_refine_tls.L[2][3] 
_pdbx_refine_tls.S[1][1] 
_pdbx_refine_tls.S[1][2] 
_pdbx_refine_tls.S[1][3] 
_pdbx_refine_tls.S[2][1] 
_pdbx_refine_tls.S[2][2] 
_pdbx_refine_tls.S[2][3] 
_pdbx_refine_tls.S[3][1] 
_pdbx_refine_tls.S[3][2] 
_pdbx_refine_tls.S[3][3] 
_pdbx_refine_tls.pdbx_refine_id 
1 ? refined 1.4276   -0.6738 -7.7142 0.1387 0.1975 0.0107 0.0459  -0.0034 0.0196  3.1480  24.8254  4.2267  1.1507  0.7919   -4.9517  -0.1563 0.2967  0.0763  -0.5570 0.0939  -0.4748 0.4185  0.5706  0.0624  'X-RAY DIFFRACTION' 
2 ? refined -2.5917  -6.8939 1.2113  0.1073 0.0691 0.0459 -0.0122 -0.0245 0.0345  1.7445  4.7737   1.4026  -2.2949 1.4191   -2.5267  0.0859  -0.1312 -0.3398 -0.3694 0.0555  0.2007  0.0199  -0.3664 -0.1413 'X-RAY DIFFRACTION' 
3 ? refined -1.0413  11.4696 2.0510  0.3069 0.0678 0.0707 0.0005  -0.0592 -0.0402 6.0986  15.3942  4.7254  -7.3720 3.5180   -6.9284  -0.3441 0.0622  0.2829  0.4998  0.0629  -0.1730 -0.8754 -0.1499 0.2812  'X-RAY DIFFRACTION' 
4 ? refined -10.4440 14.1375 2.3968  0.6290 0.3665 0.2790 0.1565  0.2756  -0.1089 62.9374 160.4402 36.8874 71.7712 -48.1107 -51.9154 -1.5400 0.4713  -1.4925 2.0628  -2.1289 2.0994  -5.9136 -0.1571 3.6688  'X-RAY DIFFRACTION' 
5 ? refined -3.5715  1.2851  5.0537  0.1656 0.1120 0.0573 0.0446  0.0064  -0.0008 3.9265  5.2234   3.4936  -1.0039 2.4231   -2.2631  -0.0509 -0.3030 0.1114  0.3748  0.1659  0.1902  -0.3360 -0.4551 -0.1150 'X-RAY DIFFRACTION' 
6 ? refined 3.2540   -8.0295 2.1955  0.0565 0.0565 0.0668 0.0075  -0.0180 0.0100  0.4016  9.4746   2.8089  -0.0501 -0.2176  -1.6694  -0.0556 0.1557  -0.0337 -0.3240 0.0123  -0.4009 0.0472  -0.0526 0.0433  'X-RAY DIFFRACTION' 
# 
loop_
_pdbx_refine_tls_group.id 
_pdbx_refine_tls_group.refine_tls_id 
_pdbx_refine_tls_group.beg_auth_asym_id 
_pdbx_refine_tls_group.beg_auth_seq_id 
_pdbx_refine_tls_group.beg_label_asym_id 
_pdbx_refine_tls_group.beg_label_seq_id 
_pdbx_refine_tls_group.end_auth_asym_id 
_pdbx_refine_tls_group.end_auth_seq_id 
_pdbx_refine_tls_group.end_label_asym_id 
_pdbx_refine_tls_group.end_label_seq_id 
_pdbx_refine_tls_group.selection 
_pdbx_refine_tls_group.pdbx_refine_id 
_pdbx_refine_tls_group.selection_details 
1 1 A 2  A 10 A 25 A 33  ? 'X-RAY DIFFRACTION' ? 
2 2 A 26 A 34 A 33 A 41  ? 'X-RAY DIFFRACTION' ? 
3 3 A 34 A 42 A 50 A 58  ? 'X-RAY DIFFRACTION' ? 
4 4 A 51 A 59 A 53 A 61  ? 'X-RAY DIFFRACTION' ? 
5 5 A 54 A 62 A 70 A 78  ? 'X-RAY DIFFRACTION' ? 
6 6 A 71 A 79 A 94 A 102 ? 'X-RAY DIFFRACTION' ? 
# 
loop_
_pdbx_unobs_or_zero_occ_residues.id 
_pdbx_unobs_or_zero_occ_residues.PDB_model_num 
_pdbx_unobs_or_zero_occ_residues.polymer_flag 
_pdbx_unobs_or_zero_occ_residues.occupancy_flag 
_pdbx_unobs_or_zero_occ_residues.auth_asym_id 
_pdbx_unobs_or_zero_occ_residues.auth_comp_id 
_pdbx_unobs_or_zero_occ_residues.auth_seq_id 
_pdbx_unobs_or_zero_occ_residues.PDB_ins_code 
_pdbx_unobs_or_zero_occ_residues.label_asym_id 
_pdbx_unobs_or_zero_occ_residues.label_comp_id 
_pdbx_unobs_or_zero_occ_residues.label_seq_id 
1 1 Y 1 A ALA -7 ? A ALA 1 
2 1 Y 1 A HIS -6 ? A HIS 2 
3 1 Y 1 A HIS -5 ? A HIS 3 
4 1 Y 1 A HIS -4 ? A HIS 4 
5 1 Y 1 A HIS -3 ? A HIS 5 
6 1 Y 1 A HIS -2 ? A HIS 6 
7 1 Y 1 A HIS -1 ? A HIS 7 
8 1 Y 1 A GLY 0  ? A GLY 8 
9 1 Y 1 A SER 1  ? A SER 9 
# 
loop_
_chem_comp_atom.comp_id 
_chem_comp_atom.atom_id 
_chem_comp_atom.type_symbol 
_chem_comp_atom.pdbx_aromatic_flag 
_chem_comp_atom.pdbx_stereo_config 
_chem_comp_atom.pdbx_ordinal 
ALA N    N  N N 1   
ALA CA   C  N S 2   
ALA C    C  N N 3   
ALA O    O  N N 4   
ALA CB   C  N N 5   
ALA OXT  O  N N 6   
ALA H    H  N N 7   
ALA H2   H  N N 8   
ALA HA   H  N N 9   
ALA HB1  H  N N 10  
ALA HB2  H  N N 11  
ALA HB3  H  N N 12  
ALA HXT  H  N N 13  
ARG N    N  N N 14  
ARG CA   C  N S 15  
ARG C    C  N N 16  
ARG O    O  N N 17  
ARG CB   C  N N 18  
ARG CG   C  N N 19  
ARG CD   C  N N 20  
ARG NE   N  N N 21  
ARG CZ   C  N N 22  
ARG NH1  N  N N 23  
ARG NH2  N  N N 24  
ARG OXT  O  N N 25  
ARG H    H  N N 26  
ARG H2   H  N N 27  
ARG HA   H  N N 28  
ARG HB2  H  N N 29  
ARG HB3  H  N N 30  
ARG HG2  H  N N 31  
ARG HG3  H  N N 32  
ARG HD2  H  N N 33  
ARG HD3  H  N N 34  
ARG HE   H  N N 35  
ARG HH11 H  N N 36  
ARG HH12 H  N N 37  
ARG HH21 H  N N 38  
ARG HH22 H  N N 39  
ARG HXT  H  N N 40  
ASN N    N  N N 41  
ASN CA   C  N S 42  
ASN C    C  N N 43  
ASN O    O  N N 44  
ASN CB   C  N N 45  
ASN CG   C  N N 46  
ASN OD1  O  N N 47  
ASN ND2  N  N N 48  
ASN OXT  O  N N 49  
ASN H    H  N N 50  
ASN H2   H  N N 51  
ASN HA   H  N N 52  
ASN HB2  H  N N 53  
ASN HB3  H  N N 54  
ASN HD21 H  N N 55  
ASN HD22 H  N N 56  
ASN HXT  H  N N 57  
ASP N    N  N N 58  
ASP CA   C  N S 59  
ASP C    C  N N 60  
ASP O    O  N N 61  
ASP CB   C  N N 62  
ASP CG   C  N N 63  
ASP OD1  O  N N 64  
ASP OD2  O  N N 65  
ASP OXT  O  N N 66  
ASP H    H  N N 67  
ASP H2   H  N N 68  
ASP HA   H  N N 69  
ASP HB2  H  N N 70  
ASP HB3  H  N N 71  
ASP HD2  H  N N 72  
ASP HXT  H  N N 73  
AUC AU   AU N N 74  
AUC C1   C  N N 75  
AUC N1   N  N N 76  
AUC C2   C  N N 77  
AUC N2   N  N N 78  
GLU N    N  N N 79  
GLU CA   C  N S 80  
GLU C    C  N N 81  
GLU O    O  N N 82  
GLU CB   C  N N 83  
GLU CG   C  N N 84  
GLU CD   C  N N 85  
GLU OE1  O  N N 86  
GLU OE2  O  N N 87  
GLU OXT  O  N N 88  
GLU H    H  N N 89  
GLU H2   H  N N 90  
GLU HA   H  N N 91  
GLU HB2  H  N N 92  
GLU HB3  H  N N 93  
GLU HG2  H  N N 94  
GLU HG3  H  N N 95  
GLU HE2  H  N N 96  
GLU HXT  H  N N 97  
GLY N    N  N N 98  
GLY CA   C  N N 99  
GLY C    C  N N 100 
GLY O    O  N N 101 
GLY OXT  O  N N 102 
GLY H    H  N N 103 
GLY H2   H  N N 104 
GLY HA2  H  N N 105 
GLY HA3  H  N N 106 
GLY HXT  H  N N 107 
HIS N    N  N N 108 
HIS CA   C  N S 109 
HIS C    C  N N 110 
HIS O    O  N N 111 
HIS CB   C  N N 112 
HIS CG   C  Y N 113 
HIS ND1  N  Y N 114 
HIS CD2  C  Y N 115 
HIS CE1  C  Y N 116 
HIS NE2  N  Y N 117 
HIS OXT  O  N N 118 
HIS H    H  N N 119 
HIS H2   H  N N 120 
HIS HA   H  N N 121 
HIS HB2  H  N N 122 
HIS HB3  H  N N 123 
HIS HD1  H  N N 124 
HIS HD2  H  N N 125 
HIS HE1  H  N N 126 
HIS HE2  H  N N 127 
HIS HXT  H  N N 128 
HOH O    O  N N 129 
HOH H1   H  N N 130 
HOH H2   H  N N 131 
ILE N    N  N N 132 
ILE CA   C  N S 133 
ILE C    C  N N 134 
ILE O    O  N N 135 
ILE CB   C  N S 136 
ILE CG1  C  N N 137 
ILE CG2  C  N N 138 
ILE CD1  C  N N 139 
ILE OXT  O  N N 140 
ILE H    H  N N 141 
ILE H2   H  N N 142 
ILE HA   H  N N 143 
ILE HB   H  N N 144 
ILE HG12 H  N N 145 
ILE HG13 H  N N 146 
ILE HG21 H  N N 147 
ILE HG22 H  N N 148 
ILE HG23 H  N N 149 
ILE HD11 H  N N 150 
ILE HD12 H  N N 151 
ILE HD13 H  N N 152 
ILE HXT  H  N N 153 
LEU N    N  N N 154 
LEU CA   C  N S 155 
LEU C    C  N N 156 
LEU O    O  N N 157 
LEU CB   C  N N 158 
LEU CG   C  N N 159 
LEU CD1  C  N N 160 
LEU CD2  C  N N 161 
LEU OXT  O  N N 162 
LEU H    H  N N 163 
LEU H2   H  N N 164 
LEU HA   H  N N 165 
LEU HB2  H  N N 166 
LEU HB3  H  N N 167 
LEU HG   H  N N 168 
LEU HD11 H  N N 169 
LEU HD12 H  N N 170 
LEU HD13 H  N N 171 
LEU HD21 H  N N 172 
LEU HD22 H  N N 173 
LEU HD23 H  N N 174 
LEU HXT  H  N N 175 
LYS N    N  N N 176 
LYS CA   C  N S 177 
LYS C    C  N N 178 
LYS O    O  N N 179 
LYS CB   C  N N 180 
LYS CG   C  N N 181 
LYS CD   C  N N 182 
LYS CE   C  N N 183 
LYS NZ   N  N N 184 
LYS OXT  O  N N 185 
LYS H    H  N N 186 
LYS H2   H  N N 187 
LYS HA   H  N N 188 
LYS HB2  H  N N 189 
LYS HB3  H  N N 190 
LYS HG2  H  N N 191 
LYS HG3  H  N N 192 
LYS HD2  H  N N 193 
LYS HD3  H  N N 194 
LYS HE2  H  N N 195 
LYS HE3  H  N N 196 
LYS HZ1  H  N N 197 
LYS HZ2  H  N N 198 
LYS HZ3  H  N N 199 
LYS HXT  H  N N 200 
MET N    N  N N 201 
MET CA   C  N S 202 
MET C    C  N N 203 
MET O    O  N N 204 
MET CB   C  N N 205 
MET CG   C  N N 206 
MET SD   S  N N 207 
MET CE   C  N N 208 
MET OXT  O  N N 209 
MET H    H  N N 210 
MET H2   H  N N 211 
MET HA   H  N N 212 
MET HB2  H  N N 213 
MET HB3  H  N N 214 
MET HG2  H  N N 215 
MET HG3  H  N N 216 
MET HE1  H  N N 217 
MET HE2  H  N N 218 
MET HE3  H  N N 219 
MET HXT  H  N N 220 
PHE N    N  N N 221 
PHE CA   C  N S 222 
PHE C    C  N N 223 
PHE O    O  N N 224 
PHE CB   C  N N 225 
PHE CG   C  Y N 226 
PHE CD1  C  Y N 227 
PHE CD2  C  Y N 228 
PHE CE1  C  Y N 229 
PHE CE2  C  Y N 230 
PHE CZ   C  Y N 231 
PHE OXT  O  N N 232 
PHE H    H  N N 233 
PHE H2   H  N N 234 
PHE HA   H  N N 235 
PHE HB2  H  N N 236 
PHE HB3  H  N N 237 
PHE HD1  H  N N 238 
PHE HD2  H  N N 239 
PHE HE1  H  N N 240 
PHE HE2  H  N N 241 
PHE HZ   H  N N 242 
PHE HXT  H  N N 243 
PRO N    N  N N 244 
PRO CA   C  N S 245 
PRO C    C  N N 246 
PRO O    O  N N 247 
PRO CB   C  N N 248 
PRO CG   C  N N 249 
PRO CD   C  N N 250 
PRO OXT  O  N N 251 
PRO H    H  N N 252 
PRO HA   H  N N 253 
PRO HB2  H  N N 254 
PRO HB3  H  N N 255 
PRO HG2  H  N N 256 
PRO HG3  H  N N 257 
PRO HD2  H  N N 258 
PRO HD3  H  N N 259 
PRO HXT  H  N N 260 
SER N    N  N N 261 
SER CA   C  N S 262 
SER C    C  N N 263 
SER O    O  N N 264 
SER CB   C  N N 265 
SER OG   O  N N 266 
SER OXT  O  N N 267 
SER H    H  N N 268 
SER H2   H  N N 269 
SER HA   H  N N 270 
SER HB2  H  N N 271 
SER HB3  H  N N 272 
SER HG   H  N N 273 
SER HXT  H  N N 274 
THR N    N  N N 275 
THR CA   C  N S 276 
THR C    C  N N 277 
THR O    O  N N 278 
THR CB   C  N R 279 
THR OG1  O  N N 280 
THR CG2  C  N N 281 
THR OXT  O  N N 282 
THR H    H  N N 283 
THR H2   H  N N 284 
THR HA   H  N N 285 
THR HB   H  N N 286 
THR HG1  H  N N 287 
THR HG21 H  N N 288 
THR HG22 H  N N 289 
THR HG23 H  N N 290 
THR HXT  H  N N 291 
TYR N    N  N N 292 
TYR CA   C  N S 293 
TYR C    C  N N 294 
TYR O    O  N N 295 
TYR CB   C  N N 296 
TYR CG   C  Y N 297 
TYR CD1  C  Y N 298 
TYR CD2  C  Y N 299 
TYR CE1  C  Y N 300 
TYR CE2  C  Y N 301 
TYR CZ   C  Y N 302 
TYR OH   O  N N 303 
TYR OXT  O  N N 304 
TYR H    H  N N 305 
TYR H2   H  N N 306 
TYR HA   H  N N 307 
TYR HB2  H  N N 308 
TYR HB3  H  N N 309 
TYR HD1  H  N N 310 
TYR HD2  H  N N 311 
TYR HE1  H  N N 312 
TYR HE2  H  N N 313 
TYR HH   H  N N 314 
TYR HXT  H  N N 315 
VAL N    N  N N 316 
VAL CA   C  N S 317 
VAL C    C  N N 318 
VAL O    O  N N 319 
VAL CB   C  N N 320 
VAL CG1  C  N N 321 
VAL CG2  C  N N 322 
VAL OXT  O  N N 323 
VAL H    H  N N 324 
VAL H2   H  N N 325 
VAL HA   H  N N 326 
VAL HB   H  N N 327 
VAL HG11 H  N N 328 
VAL HG12 H  N N 329 
VAL HG13 H  N N 330 
VAL HG21 H  N N 331 
VAL HG22 H  N N 332 
VAL HG23 H  N N 333 
VAL HXT  H  N N 334 
# 
loop_
_chem_comp_bond.comp_id 
_chem_comp_bond.atom_id_1 
_chem_comp_bond.atom_id_2 
_chem_comp_bond.value_order 
_chem_comp_bond.pdbx_aromatic_flag 
_chem_comp_bond.pdbx_stereo_config 
_chem_comp_bond.pdbx_ordinal 
ALA N   CA   sing N N 1   
ALA N   H    sing N N 2   
ALA N   H2   sing N N 3   
ALA CA  C    sing N N 4   
ALA CA  CB   sing N N 5   
ALA CA  HA   sing N N 6   
ALA C   O    doub N N 7   
ALA C   OXT  sing N N 8   
ALA CB  HB1  sing N N 9   
ALA CB  HB2  sing N N 10  
ALA CB  HB3  sing N N 11  
ALA OXT HXT  sing N N 12  
ARG N   CA   sing N N 13  
ARG N   H    sing N N 14  
ARG N   H2   sing N N 15  
ARG CA  C    sing N N 16  
ARG CA  CB   sing N N 17  
ARG CA  HA   sing N N 18  
ARG C   O    doub N N 19  
ARG C   OXT  sing N N 20  
ARG CB  CG   sing N N 21  
ARG CB  HB2  sing N N 22  
ARG CB  HB3  sing N N 23  
ARG CG  CD   sing N N 24  
ARG CG  HG2  sing N N 25  
ARG CG  HG3  sing N N 26  
ARG CD  NE   sing N N 27  
ARG CD  HD2  sing N N 28  
ARG CD  HD3  sing N N 29  
ARG NE  CZ   sing N N 30  
ARG NE  HE   sing N N 31  
ARG CZ  NH1  sing N N 32  
ARG CZ  NH2  doub N N 33  
ARG NH1 HH11 sing N N 34  
ARG NH1 HH12 sing N N 35  
ARG NH2 HH21 sing N N 36  
ARG NH2 HH22 sing N N 37  
ARG OXT HXT  sing N N 38  
ASN N   CA   sing N N 39  
ASN N   H    sing N N 40  
ASN N   H2   sing N N 41  
ASN CA  C    sing N N 42  
ASN CA  CB   sing N N 43  
ASN CA  HA   sing N N 44  
ASN C   O    doub N N 45  
ASN C   OXT  sing N N 46  
ASN CB  CG   sing N N 47  
ASN CB  HB2  sing N N 48  
ASN CB  HB3  sing N N 49  
ASN CG  OD1  doub N N 50  
ASN CG  ND2  sing N N 51  
ASN ND2 HD21 sing N N 52  
ASN ND2 HD22 sing N N 53  
ASN OXT HXT  sing N N 54  
ASP N   CA   sing N N 55  
ASP N   H    sing N N 56  
ASP N   H2   sing N N 57  
ASP CA  C    sing N N 58  
ASP CA  CB   sing N N 59  
ASP CA  HA   sing N N 60  
ASP C   O    doub N N 61  
ASP C   OXT  sing N N 62  
ASP CB  CG   sing N N 63  
ASP CB  HB2  sing N N 64  
ASP CB  HB3  sing N N 65  
ASP CG  OD1  doub N N 66  
ASP CG  OD2  sing N N 67  
ASP OD2 HD2  sing N N 68  
ASP OXT HXT  sing N N 69  
AUC AU  C1   sing N N 70  
AUC AU  C2   sing N N 71  
AUC C1  N1   trip N N 72  
AUC C2  N2   trip N N 73  
GLU N   CA   sing N N 74  
GLU N   H    sing N N 75  
GLU N   H2   sing N N 76  
GLU CA  C    sing N N 77  
GLU CA  CB   sing N N 78  
GLU CA  HA   sing N N 79  
GLU C   O    doub N N 80  
GLU C   OXT  sing N N 81  
GLU CB  CG   sing N N 82  
GLU CB  HB2  sing N N 83  
GLU CB  HB3  sing N N 84  
GLU CG  CD   sing N N 85  
GLU CG  HG2  sing N N 86  
GLU CG  HG3  sing N N 87  
GLU CD  OE1  doub N N 88  
GLU CD  OE2  sing N N 89  
GLU OE2 HE2  sing N N 90  
GLU OXT HXT  sing N N 91  
GLY N   CA   sing N N 92  
GLY N   H    sing N N 93  
GLY N   H2   sing N N 94  
GLY CA  C    sing N N 95  
GLY CA  HA2  sing N N 96  
GLY CA  HA3  sing N N 97  
GLY C   O    doub N N 98  
GLY C   OXT  sing N N 99  
GLY OXT HXT  sing N N 100 
HIS N   CA   sing N N 101 
HIS N   H    sing N N 102 
HIS N   H2   sing N N 103 
HIS CA  C    sing N N 104 
HIS CA  CB   sing N N 105 
HIS CA  HA   sing N N 106 
HIS C   O    doub N N 107 
HIS C   OXT  sing N N 108 
HIS CB  CG   sing N N 109 
HIS CB  HB2  sing N N 110 
HIS CB  HB3  sing N N 111 
HIS CG  ND1  sing Y N 112 
HIS CG  CD2  doub Y N 113 
HIS ND1 CE1  doub Y N 114 
HIS ND1 HD1  sing N N 115 
HIS CD2 NE2  sing Y N 116 
HIS CD2 HD2  sing N N 117 
HIS CE1 NE2  sing Y N 118 
HIS CE1 HE1  sing N N 119 
HIS NE2 HE2  sing N N 120 
HIS OXT HXT  sing N N 121 
HOH O   H1   sing N N 122 
HOH O   H2   sing N N 123 
ILE N   CA   sing N N 124 
ILE N   H    sing N N 125 
ILE N   H2   sing N N 126 
ILE CA  C    sing N N 127 
ILE CA  CB   sing N N 128 
ILE CA  HA   sing N N 129 
ILE C   O    doub N N 130 
ILE C   OXT  sing N N 131 
ILE CB  CG1  sing N N 132 
ILE CB  CG2  sing N N 133 
ILE CB  HB   sing N N 134 
ILE CG1 CD1  sing N N 135 
ILE CG1 HG12 sing N N 136 
ILE CG1 HG13 sing N N 137 
ILE CG2 HG21 sing N N 138 
ILE CG2 HG22 sing N N 139 
ILE CG2 HG23 sing N N 140 
ILE CD1 HD11 sing N N 141 
ILE CD1 HD12 sing N N 142 
ILE CD1 HD13 sing N N 143 
ILE OXT HXT  sing N N 144 
LEU N   CA   sing N N 145 
LEU N   H    sing N N 146 
LEU N   H2   sing N N 147 
LEU CA  C    sing N N 148 
LEU CA  CB   sing N N 149 
LEU CA  HA   sing N N 150 
LEU C   O    doub N N 151 
LEU C   OXT  sing N N 152 
LEU CB  CG   sing N N 153 
LEU CB  HB2  sing N N 154 
LEU CB  HB3  sing N N 155 
LEU CG  CD1  sing N N 156 
LEU CG  CD2  sing N N 157 
LEU CG  HG   sing N N 158 
LEU CD1 HD11 sing N N 159 
LEU CD1 HD12 sing N N 160 
LEU CD1 HD13 sing N N 161 
LEU CD2 HD21 sing N N 162 
LEU CD2 HD22 sing N N 163 
LEU CD2 HD23 sing N N 164 
LEU OXT HXT  sing N N 165 
LYS N   CA   sing N N 166 
LYS N   H    sing N N 167 
LYS N   H2   sing N N 168 
LYS CA  C    sing N N 169 
LYS CA  CB   sing N N 170 
LYS CA  HA   sing N N 171 
LYS C   O    doub N N 172 
LYS C   OXT  sing N N 173 
LYS CB  CG   sing N N 174 
LYS CB  HB2  sing N N 175 
LYS CB  HB3  sing N N 176 
LYS CG  CD   sing N N 177 
LYS CG  HG2  sing N N 178 
LYS CG  HG3  sing N N 179 
LYS CD  CE   sing N N 180 
LYS CD  HD2  sing N N 181 
LYS CD  HD3  sing N N 182 
LYS CE  NZ   sing N N 183 
LYS CE  HE2  sing N N 184 
LYS CE  HE3  sing N N 185 
LYS NZ  HZ1  sing N N 186 
LYS NZ  HZ2  sing N N 187 
LYS NZ  HZ3  sing N N 188 
LYS OXT HXT  sing N N 189 
MET N   CA   sing N N 190 
MET N   H    sing N N 191 
MET N   H2   sing N N 192 
MET CA  C    sing N N 193 
MET CA  CB   sing N N 194 
MET CA  HA   sing N N 195 
MET C   O    doub N N 196 
MET C   OXT  sing N N 197 
MET CB  CG   sing N N 198 
MET CB  HB2  sing N N 199 
MET CB  HB3  sing N N 200 
MET CG  SD   sing N N 201 
MET CG  HG2  sing N N 202 
MET CG  HG3  sing N N 203 
MET SD  CE   sing N N 204 
MET CE  HE1  sing N N 205 
MET CE  HE2  sing N N 206 
MET CE  HE3  sing N N 207 
MET OXT HXT  sing N N 208 
PHE N   CA   sing N N 209 
PHE N   H    sing N N 210 
PHE N   H2   sing N N 211 
PHE CA  C    sing N N 212 
PHE CA  CB   sing N N 213 
PHE CA  HA   sing N N 214 
PHE C   O    doub N N 215 
PHE C   OXT  sing N N 216 
PHE CB  CG   sing N N 217 
PHE CB  HB2  sing N N 218 
PHE CB  HB3  sing N N 219 
PHE CG  CD1  doub Y N 220 
PHE CG  CD2  sing Y N 221 
PHE CD1 CE1  sing Y N 222 
PHE CD1 HD1  sing N N 223 
PHE CD2 CE2  doub Y N 224 
PHE CD2 HD2  sing N N 225 
PHE CE1 CZ   doub Y N 226 
PHE CE1 HE1  sing N N 227 
PHE CE2 CZ   sing Y N 228 
PHE CE2 HE2  sing N N 229 
PHE CZ  HZ   sing N N 230 
PHE OXT HXT  sing N N 231 
PRO N   CA   sing N N 232 
PRO N   CD   sing N N 233 
PRO N   H    sing N N 234 
PRO CA  C    sing N N 235 
PRO CA  CB   sing N N 236 
PRO CA  HA   sing N N 237 
PRO C   O    doub N N 238 
PRO C   OXT  sing N N 239 
PRO CB  CG   sing N N 240 
PRO CB  HB2  sing N N 241 
PRO CB  HB3  sing N N 242 
PRO CG  CD   sing N N 243 
PRO CG  HG2  sing N N 244 
PRO CG  HG3  sing N N 245 
PRO CD  HD2  sing N N 246 
PRO CD  HD3  sing N N 247 
PRO OXT HXT  sing N N 248 
SER N   CA   sing N N 249 
SER N   H    sing N N 250 
SER N   H2   sing N N 251 
SER CA  C    sing N N 252 
SER CA  CB   sing N N 253 
SER CA  HA   sing N N 254 
SER C   O    doub N N 255 
SER C   OXT  sing N N 256 
SER CB  OG   sing N N 257 
SER CB  HB2  sing N N 258 
SER CB  HB3  sing N N 259 
SER OG  HG   sing N N 260 
SER OXT HXT  sing N N 261 
THR N   CA   sing N N 262 
THR N   H    sing N N 263 
THR N   H2   sing N N 264 
THR CA  C    sing N N 265 
THR CA  CB   sing N N 266 
THR CA  HA   sing N N 267 
THR C   O    doub N N 268 
THR C   OXT  sing N N 269 
THR CB  OG1  sing N N 270 
THR CB  CG2  sing N N 271 
THR CB  HB   sing N N 272 
THR OG1 HG1  sing N N 273 
THR CG2 HG21 sing N N 274 
THR CG2 HG22 sing N N 275 
THR CG2 HG23 sing N N 276 
THR OXT HXT  sing N N 277 
TYR N   CA   sing N N 278 
TYR N   H    sing N N 279 
TYR N   H2   sing N N 280 
TYR CA  C    sing N N 281 
TYR CA  CB   sing N N 282 
TYR CA  HA   sing N N 283 
TYR C   O    doub N N 284 
TYR C   OXT  sing N N 285 
TYR CB  CG   sing N N 286 
TYR CB  HB2  sing N N 287 
TYR CB  HB3  sing N N 288 
TYR CG  CD1  doub Y N 289 
TYR CG  CD2  sing Y N 290 
TYR CD1 CE1  sing Y N 291 
TYR CD1 HD1  sing N N 292 
TYR CD2 CE2  doub Y N 293 
TYR CD2 HD2  sing N N 294 
TYR CE1 CZ   doub Y N 295 
TYR CE1 HE1  sing N N 296 
TYR CE2 CZ   sing Y N 297 
TYR CE2 HE2  sing N N 298 
TYR CZ  OH   sing N N 299 
TYR OH  HH   sing N N 300 
TYR OXT HXT  sing N N 301 
VAL N   CA   sing N N 302 
VAL N   H    sing N N 303 
VAL N   H2   sing N N 304 
VAL CA  C    sing N N 305 
VAL CA  CB   sing N N 306 
VAL CA  HA   sing N N 307 
VAL C   O    doub N N 308 
VAL C   OXT  sing N N 309 
VAL CB  CG1  sing N N 310 
VAL CB  CG2  sing N N 311 
VAL CB  HB   sing N N 312 
VAL CG1 HG11 sing N N 313 
VAL CG1 HG12 sing N N 314 
VAL CG1 HG13 sing N N 315 
VAL CG2 HG21 sing N N 316 
VAL CG2 HG22 sing N N 317 
VAL CG2 HG23 sing N N 318 
VAL OXT HXT  sing N N 319 
# 
_atom_sites.entry_id                    2PK8 
_atom_sites.fract_transf_matrix[1][1]   0.02066929 
_atom_sites.fract_transf_matrix[1][2]   -0.01226657 
_atom_sites.fract_transf_matrix[1][3]   -0.00488164 
_atom_sites.fract_transf_matrix[2][1]   0.00023282 
_atom_sites.fract_transf_matrix[2][2]   -0.01714957 
_atom_sites.fract_transf_matrix[2][3]   -0.01753176 
_atom_sites.fract_transf_matrix[3][1]   0.00300324 
_atom_sites.fract_transf_matrix[3][2]   0.00826020 
_atom_sites.fract_transf_matrix[3][3]   -0.00804024 
_atom_sites.fract_transf_vector[1]      0.307612 
_atom_sites.fract_transf_vector[2]      0.413140 
_atom_sites.fract_transf_vector[3]      0.129679 
# 
loop_
_atom_type.symbol 
AU 
C  
N  
O  
S  
# 
loop_
_atom_site.group_PDB 
_atom_site.id 
_atom_site.type_symbol 
_atom_site.label_atom_id 
_atom_site.label_alt_id 
_atom_site.label_comp_id 
_atom_site.label_asym_id 
_atom_site.label_entity_id 
_atom_site.label_seq_id 
_atom_site.pdbx_PDB_ins_code 
_atom_site.Cartn_x 
_atom_site.Cartn_y 
_atom_site.Cartn_z 
_atom_site.occupancy 
_atom_site.B_iso_or_equiv 
_atom_site.pdbx_formal_charge 
_atom_site.auth_seq_id 
_atom_site.auth_comp_id 
_atom_site.auth_asym_id 
_atom_site.auth_atom_id 
_atom_site.pdbx_PDB_model_num 
ATOM   1   N  N   . SER A 1 10  ? 6.487   16.476  -8.612  1.00 20.07 ? 2   SER A N   1 
ATOM   2   C  CA  . SER A 1 10  ? 5.035   16.607  -8.970  1.00 19.12 ? 2   SER A CA  1 
ATOM   3   C  C   . SER A 1 10  ? 4.282   15.623  -8.095  1.00 17.97 ? 2   SER A C   1 
ATOM   4   O  O   . SER A 1 10  ? 4.538   14.412  -8.137  1.00 17.62 ? 2   SER A O   1 
ATOM   5   C  CB  . SER A 1 10  ? 4.804   16.363  -10.498 1.00 19.70 ? 2   SER A CB  1 
ATOM   6   O  OG  . SER A 1 10  ? 3.561   15.708  -10.838 1.00 20.19 ? 2   SER A OG  1 
ATOM   7   N  N   . THR A 1 11  ? 3.374   16.126  -7.273  1.00 16.84 ? 3   THR A N   1 
ATOM   8   C  CA  . THR A 1 11  ? 2.684   15.224  -6.376  1.00 16.33 ? 3   THR A CA  1 
ATOM   9   C  C   . THR A 1 11  ? 1.752   14.306  -7.164  1.00 14.26 ? 3   THR A C   1 
ATOM   10  O  O   . THR A 1 11  ? 1.488   13.208  -6.723  1.00 14.06 ? 3   THR A O   1 
ATOM   11  C  CB  . THR A 1 11  ? 1.938   15.918  -5.211  1.00 16.83 ? 3   THR A CB  1 
ATOM   12  O  OG1 . THR A 1 11  ? 0.738   16.534  -5.690  1.00 20.97 ? 3   THR A OG1 1 
ATOM   13  C  CG2 . THR A 1 11  ? 2.843   16.938  -4.491  1.00 16.86 ? 3   THR A CG2 1 
ATOM   14  N  N   . ARG A 1 12  ? 1.279   14.744  -8.321  1.00 12.28 ? 4   ARG A N   1 
ATOM   15  C  CA  . ARG A 1 12  ? 0.470   13.859  -9.176  1.00 12.39 ? 4   ARG A CA  1 
ATOM   16  C  C   . ARG A 1 12  ? 1.290   12.674  -9.634  1.00 11.40 ? 4   ARG A C   1 
ATOM   17  O  O   . ARG A 1 12  ? 0.791   11.555  -9.622  1.00 11.66 ? 4   ARG A O   1 
ATOM   18  C  CB  . ARG A 1 12  ? -0.115  14.597  -10.393 1.00 12.27 ? 4   ARG A CB  1 
ATOM   19  C  CG  . ARG A 1 12  ? -1.524  15.032  -10.134 1.00 11.83 ? 4   ARG A CG  1 
ATOM   20  C  CD  . ARG A 1 12  ? -1.933  16.171  -10.984 1.00 11.07 ? 4   ARG A CD  1 
ATOM   21  N  NE  . ARG A 1 12  ? -3.019  16.904  -10.334 1.00 9.14  ? 4   ARG A NE  1 
ATOM   22  C  CZ  . ARG A 1 12  ? -3.641  17.934  -10.880 1.00 8.58  ? 4   ARG A CZ  1 
ATOM   23  N  NH1 . ARG A 1 12  ? -3.296  18.333  -12.093 1.00 5.07  ? 4   ARG A NH1 1 
ATOM   24  N  NH2 . ARG A 1 12  ? -4.612  18.558  -10.221 1.00 7.68  ? 4   ARG A NH2 1 
ATOM   25  N  N   . GLY A 1 13  ? 2.552   12.940  -10.029 1.00 10.55 ? 5   GLY A N   1 
ATOM   26  C  CA  . GLY A 1 13  ? 3.489   11.904  -10.452 1.00 8.70  ? 5   GLY A CA  1 
ATOM   27  C  C   . GLY A 1 13  ? 3.786   10.908  -9.348  1.00 8.64  ? 5   GLY A C   1 
ATOM   28  O  O   . GLY A 1 13  ? 3.898   9.712   -9.596  1.00 7.47  ? 5   GLY A O   1 
ATOM   29  N  N   . ASP A 1 14  ? 3.931   11.430  -8.136  1.00 7.56  ? 6   ASP A N   1 
ATOM   30  C  CA  . ASP A 1 14  ? 4.112   10.623  -6.922  1.00 9.20  ? 6   ASP A CA  1 
ATOM   31  C  C   . ASP A 1 14  ? 2.911   9.725   -6.693  1.00 7.98  ? 6   ASP A C   1 
ATOM   32  O  O   . ASP A 1 14  ? 3.051   8.556   -6.318  1.00 8.89  ? 6   ASP A O   1 
ATOM   33  C  CB  . ASP A 1 14  ? 4.271   11.531  -5.699  1.00 7.72  ? 6   ASP A CB  1 
ATOM   34  C  CG  . ASP A 1 14  ? 5.661   12.108  -5.568  1.00 13.71 ? 6   ASP A CG  1 
ATOM   35  O  OD1 . ASP A 1 14  ? 6.657   11.345  -5.654  1.00 15.64 ? 6   ASP A OD1 1 
ATOM   36  O  OD2 . ASP A 1 14  ? 5.756   13.329  -5.324  1.00 15.42 ? 6   ASP A OD2 1 
ATOM   37  N  N   . LEU A 1 15  ? 1.709   10.257  -6.900  1.00 7.94  ? 7   LEU A N   1 
ATOM   38  C  CA  . LEU A 1 15  ? 0.547   9.415   -6.708  1.00 6.99  ? 7   LEU A CA  1 
ATOM   39  C  C   . LEU A 1 15  ? 0.454   8.334   -7.799  1.00 6.63  ? 7   LEU A C   1 
ATOM   40  O  O   . LEU A 1 15  ? 0.106   7.182   -7.514  1.00 5.75  ? 7   LEU A O   1 
ATOM   41  C  CB  . LEU A 1 15  ? -0.743  10.268  -6.615  1.00 7.07  ? 7   LEU A CB  1 
ATOM   42  C  CG  . LEU A 1 15  ? -2.043  9.486   -6.435  1.00 6.37  ? 7   LEU A CG  1 
ATOM   43  C  CD1 . LEU A 1 15  ? -2.045  8.539   -5.186  1.00 4.39  ? 7   LEU A CD1 1 
ATOM   44  C  CD2 . LEU A 1 15  ? -3.230  10.444  -6.369  1.00 7.54  ? 7   LEU A CD2 1 
ATOM   45  N  N   . ILE A 1 16  ? 0.810   8.694   -9.039  1.00 6.57  ? 8   ILE A N   1 
ATOM   46  C  CA  . ILE A 1 16  ? 0.764   7.756   -10.163 1.00 6.22  ? 8   ILE A CA  1 
ATOM   47  C  C   . ILE A 1 16  ? 1.777   6.617   -9.867  1.00 6.62  ? 8   ILE A C   1 
ATOM   48  O  O   . ILE A 1 16  ? 1.452   5.456   -10.077 1.00 6.64  ? 8   ILE A O   1 
ATOM   49  C  CB  . ILE A 1 16  ? 1.086   8.481   -11.531 1.00 5.65  ? 8   ILE A CB  1 
ATOM   50  C  CG1 . ILE A 1 16  ? -0.065  9.432   -11.983 1.00 5.10  ? 8   ILE A CG1 1 
ATOM   51  C  CG2 . ILE A 1 16  ? 1.509   7.469   -12.615 1.00 6.73  ? 8   ILE A CG2 1 
ATOM   52  C  CD1 . ILE A 1 16  ? 0.298   10.295  -13.135 1.00 4.81  ? 8   ILE A CD1 1 
ATOM   53  N  N   . ARG A 1 17  ? 2.963   6.975   -9.360  1.00 6.38  ? 9   ARG A N   1 
ATOM   54  C  CA  . ARG A 1 17  ? 4.040   6.038   -9.034  1.00 7.53  ? 9   ARG A CA  1 
ATOM   55  C  C   . ARG A 1 17  ? 3.586   5.057   -7.985  1.00 8.10  ? 9   ARG A C   1 
ATOM   56  O  O   . ARG A 1 17  ? 3.780   3.851   -8.134  1.00 8.43  ? 9   ARG A O   1 
ATOM   57  C  CB  . ARG A 1 17  ? 5.280   6.776   -8.520  1.00 7.35  ? 9   ARG A CB  1 
ATOM   58  C  CG  . ARG A 1 17  ? 6.263   5.856   -7.759  1.00 7.58  ? 9   ARG A CG  1 
ATOM   59  C  CD  . ARG A 1 17  ? 7.437   6.588   -7.118  1.00 9.00  ? 9   ARG A CD  1 
ATOM   60  N  NE  . ARG A 1 17  ? 7.115   7.619   -6.115  1.00 14.47 ? 9   ARG A NE  1 
ATOM   61  C  CZ  . ARG A 1 17  ? 6.967   7.430   -4.788  1.00 17.93 ? 9   ARG A CZ  1 
ATOM   62  N  NH1 . ARG A 1 17  ? 7.004   6.218   -4.218  1.00 16.22 ? 9   ARG A NH1 1 
ATOM   63  N  NH2 . ARG A 1 17  ? 6.727   8.483   -4.016  1.00 17.25 ? 9   ARG A NH2 1 
ATOM   64  N  N   . ILE A 1 18  ? 2.999   5.588   -6.916  1.00 7.83  ? 10  ILE A N   1 
ATOM   65  C  CA  . ILE A 1 18  ? 2.583   4.765   -5.791  1.00 8.89  ? 10  ILE A CA  1 
ATOM   66  C  C   . ILE A 1 18  ? 1.457   3.811   -6.242  1.00 9.09  ? 10  ILE A C   1 
ATOM   67  O  O   . ILE A 1 18  ? 1.506   2.635   -5.935  1.00 9.56  ? 10  ILE A O   1 
ATOM   68  C  CB  . ILE A 1 18  ? 2.136   5.606   -4.610  1.00 8.63  ? 10  ILE A CB  1 
ATOM   69  C  CG1 . ILE A 1 18  ? 3.347   6.282   -3.939  1.00 6.89  ? 10  ILE A CG1 1 
ATOM   70  C  CG2 . ILE A 1 18  ? 1.269   4.738   -3.647  1.00 9.63  ? 10  ILE A CG2 1 
ATOM   71  C  CD1 . ILE A 1 18  ? 3.010   7.382   -2.951  1.00 5.26  ? 10  ILE A CD1 1 
ATOM   72  N  N   . LEU A 1 19  ? 0.478   4.302   -6.982  1.00 9.35  ? 11  LEU A N   1 
ATOM   73  C  CA  . LEU A 1 19  ? -0.613  3.433   -7.451  1.00 10.72 ? 11  LEU A CA  1 
ATOM   74  C  C   . LEU A 1 19  ? -0.059  2.335   -8.374  1.00 11.25 ? 11  LEU A C   1 
ATOM   75  O  O   . LEU A 1 19  ? -0.482  1.176   -8.282  1.00 11.73 ? 11  LEU A O   1 
ATOM   76  C  CB  . LEU A 1 19  ? -1.745  4.229   -8.143  1.00 11.24 ? 11  LEU A CB  1 
ATOM   77  C  CG  . LEU A 1 19  ? -2.604  5.174   -7.266  1.00 11.42 ? 11  LEU A CG  1 
ATOM   78  C  CD1 . LEU A 1 19  ? -3.724  5.846   -8.148  1.00 11.17 ? 11  LEU A CD1 1 
ATOM   79  C  CD2 . LEU A 1 19  ? -3.210  4.491   -6.034  1.00 12.28 ? 11  LEU A CD2 1 
ATOM   80  N  N   . GLY A 1 20  ? 0.908   2.699   -9.205  1.00 10.24 ? 12  GLY A N   1 
ATOM   81  C  CA  . GLY A 1 20  ? 1.548   1.789   -10.115 1.00 11.07 ? 12  GLY A CA  1 
ATOM   82  C  C   . GLY A 1 20  ? 2.325   0.711   -9.367  1.00 11.08 ? 12  GLY A C   1 
ATOM   83  O  O   . GLY A 1 20  ? 2.257   -0.470  -9.754  1.00 11.76 ? 12  GLY A O   1 
ATOM   84  N  N   . GLU A 1 21  ? 3.065   1.089   -8.318  1.00 10.26 ? 13  GLU A N   1 
ATOM   85  C  CA  . GLU A 1 21  ? 3.848   0.075   -7.565  1.00 11.14 ? 13  GLU A CA  1 
ATOM   86  C  C   . GLU A 1 21  ? 2.918   -0.898  -6.810  1.00 10.41 ? 13  GLU A C   1 
ATOM   87  O  O   . GLU A 1 21  ? 3.176   -2.095  -6.792  1.00 8.75  ? 13  GLU A O   1 
ATOM   88  C  CB  . GLU A 1 21  ? 4.776   0.717   -6.551  1.00 11.26 ? 13  GLU A CB  1 
ATOM   89  C  CG  . GLU A 1 21  ? 5.988   1.462   -7.082  1.00 14.27 ? 13  GLU A CG  1 
ATOM   90  C  CD  . GLU A 1 21  ? 6.641   2.374   -6.007  1.00 15.56 ? 13  GLU A CD  1 
ATOM   91  O  OE1 . GLU A 1 21  ? 6.133   2.427   -4.832  1.00 21.41 ? 13  GLU A OE1 1 
ATOM   92  O  OE2 . GLU A 1 21  ? 7.647   3.056   -6.343  1.00 17.48 ? 13  GLU A OE2 1 
ATOM   93  N  N   . ILE A 1 22  ? 1.831   -0.383  -6.224  1.00 9.49  ? 14  ILE A N   1 
ATOM   94  C  CA  . ILE A 1 22  ? 0.857   -1.232  -5.494  1.00 10.54 ? 14  ILE A CA  1 
ATOM   95  C  C   . ILE A 1 22  ? 0.229   -2.273  -6.464  1.00 10.50 ? 14  ILE A C   1 
ATOM   96  O  O   . ILE A 1 22  ? 0.156   -3.472  -6.157  1.00 10.14 ? 14  ILE A O   1 
ATOM   97  C  CB  . ILE A 1 22  ? -0.259  -0.434  -4.779  1.00 10.89 ? 14  ILE A CB  1 
ATOM   98  C  CG1 . ILE A 1 22  ? 0.338   0.486   -3.688  1.00 11.08 ? 14  ILE A CG1 1 
ATOM   99  C  CG2 . ILE A 1 22  ? -1.277  -1.447  -4.166  1.00 9.10  ? 14  ILE A CG2 1 
ATOM   100 C  CD1 . ILE A 1 22  ? -0.613  1.575   -3.118  1.00 13.36 ? 14  ILE A CD1 1 
ATOM   101 N  N   . GLU A 1 23  ? -0.139  -1.791  -7.650  1.00 9.52  ? 15  GLU A N   1 
ATOM   102 C  CA  . GLU A 1 23  ? -0.745  -2.597  -8.691  1.00 8.96  ? 15  GLU A CA  1 
ATOM   103 C  C   . GLU A 1 23  ? 0.191   -3.680  -9.137  1.00 8.92  ? 15  GLU A C   1 
ATOM   104 O  O   . GLU A 1 23  ? -0.224  -4.812  -9.313  1.00 8.61  ? 15  GLU A O   1 
ATOM   105 C  CB  . GLU A 1 23  ? -1.114  -1.714  -9.897  1.00 10.10 ? 15  GLU A CB  1 
ATOM   106 N  N   . GLU A 1 24  ? 1.452   -3.334  -9.316  1.00 9.58  ? 16  GLU A N   1 
ATOM   107 C  CA  . GLU A 1 24  ? 2.490   -4.291  -9.668  1.00 10.40 ? 16  GLU A CA  1 
ATOM   108 C  C   . GLU A 1 24  ? 2.676   -5.419  -8.611  1.00 9.02  ? 16  GLU A C   1 
ATOM   109 O  O   . GLU A 1 24  ? 2.809   -6.602  -8.961  1.00 8.87  ? 16  GLU A O   1 
ATOM   110 C  CB  . GLU A 1 24  ? 3.801   -3.542  -9.891  1.00 9.74  ? 16  GLU A CB  1 
ATOM   111 C  CG  . GLU A 1 24  ? 4.976   -4.395  -10.363 1.00 13.39 ? 16  GLU A CG  1 
ATOM   112 C  CD  . GLU A 1 24  ? 6.356   -3.698  -10.198 1.00 15.02 ? 16  GLU A CD  1 
ATOM   113 O  OE1 . GLU A 1 24  ? 6.656   -3.149  -9.094  1.00 21.54 ? 16  GLU A OE1 1 
ATOM   114 O  OE2 . GLU A 1 24  ? 7.162   -3.733  -11.167 1.00 18.30 ? 16  GLU A OE2 1 
ATOM   115 N  N   . LYS A 1 25  ? 2.760   -5.052  -7.341  1.00 8.87  ? 17  LYS A N   1 
ATOM   116 C  CA  . LYS A 1 25  ? 2.853   -6.057  -6.286  1.00 8.26  ? 17  LYS A CA  1 
ATOM   117 C  C   . LYS A 1 25  ? 1.568   -6.881  -6.163  1.00 8.69  ? 17  LYS A C   1 
ATOM   118 O  O   . LYS A 1 25  ? 1.639   -8.087  -5.969  1.00 9.34  ? 17  LYS A O   1 
ATOM   119 C  CB  . LYS A 1 25  ? 3.297   -5.431  -4.971  1.00 9.34  ? 17  LYS A CB  1 
ATOM   120 C  CG  . LYS A 1 25  ? 4.606   -4.663  -5.114  1.00 6.65  ? 17  LYS A CG  1 
ATOM   121 C  CD  . LYS A 1 25  ? 5.769   -5.563  -5.381  1.00 9.56  ? 17  LYS A CD  1 
ATOM   122 C  CE  . LYS A 1 25  ? 7.014   -4.764  -5.728  1.00 6.74  ? 17  LYS A CE  1 
ATOM   123 N  NZ  . LYS A 1 25  ? 8.104   -5.745  -6.023  1.00 8.12  ? 17  LYS A NZ  1 
ATOM   124 N  N   . MET A 1 26  ? 0.404   -6.248  -6.313  1.00 8.37  ? 18  MET A N   1 
ATOM   125 C  CA  . MET A 1 26  ? -0.875  -6.977  -6.343  1.00 9.39  ? 18  MET A CA  1 
ATOM   126 C  C   . MET A 1 26  ? -0.882  -8.026  -7.453  1.00 9.12  ? 18  MET A C   1 
ATOM   127 O  O   . MET A 1 26  ? -1.189  -9.204  -7.209  1.00 9.44  ? 18  MET A O   1 
ATOM   128 C  CB  . MET A 1 26  ? -2.076  -6.023  -6.472  1.00 9.80  ? 18  MET A CB  1 
ATOM   129 C  CG  . MET A 1 26  ? -2.415  -5.376  -5.086  1.00 6.87  ? 18  MET A CG  1 
ATOM   130 S  SD  . MET A 1 26  ? -3.714  -4.158  -5.307  1.00 10.75 ? 18  MET A SD  1 
ATOM   131 C  CE  . MET A 1 26  ? -5.095  -5.328  -5.534  1.00 9.76  ? 18  MET A CE  1 
ATOM   132 N  N   . ASN A 1 27  ? -0.466  -7.605  -8.645  1.00 9.44  ? 19  ASN A N   1 
ATOM   133 C  CA  . ASN A 1 27  ? -0.376  -8.504  -9.787  1.00 9.31  ? 19  ASN A CA  1 
ATOM   134 C  C   . ASN A 1 27  ? 0.622   -9.659  -9.552  1.00 10.16 ? 19  ASN A C   1 
ATOM   135 O  O   . ASN A 1 27  ? 0.314   -10.797 -9.891  1.00 9.31  ? 19  ASN A O   1 
ATOM   136 C  CB  . ASN A 1 27  ? -0.094  -7.741  -11.085 1.00 9.17  ? 19  ASN A CB  1 
ATOM   137 C  CG  . ASN A 1 27  ? -1.283  -6.907  -11.548 0.60 8.54  ? 19  ASN A CG  1 
ATOM   138 O  OD1 . ASN A 1 27  ? -2.420  -7.155  -11.158 0.60 9.75  ? 19  ASN A OD1 1 
ATOM   139 N  ND2 . ASN A 1 27  ? -1.024  -5.924  -12.401 0.60 6.72  ? 19  ASN A ND2 1 
ATOM   140 N  N   . GLU A 1 28  ? 1.780   -9.361  -8.957  1.00 10.16 ? 20  GLU A N   1 
ATOM   141 C  CA  . GLU A 1 28  ? 2.807   -10.352 -8.656  1.00 10.39 ? 20  GLU A CA  1 
ATOM   142 C  C   . GLU A 1 28  ? 2.225   -11.406 -7.726  1.00 10.41 ? 20  GLU A C   1 
ATOM   143 O  O   . GLU A 1 28  ? 2.445   -12.603 -7.916  1.00 9.39  ? 20  GLU A O   1 
ATOM   144 C  CB  A GLU A 1 28  ? 4.037   -9.673  -8.042  0.60 10.57 ? 20  GLU A CB  1 
ATOM   145 C  CB  B GLU A 1 28  ? 3.999   -9.651  -7.976  0.40 10.27 ? 20  GLU A CB  1 
ATOM   146 C  CG  A GLU A 1 28  ? 5.038   -9.172  -9.094  0.60 11.85 ? 20  GLU A CG  1 
ATOM   147 C  CG  B GLU A 1 28  ? 5.216   -10.537 -7.624  0.40 10.36 ? 20  GLU A CG  1 
ATOM   148 C  CD  A GLU A 1 28  ? 6.101   -8.226  -8.533  0.60 12.55 ? 20  GLU A CD  1 
ATOM   149 C  CD  B GLU A 1 28  ? 6.343   -9.765  -6.933  0.40 9.87  ? 20  GLU A CD  1 
ATOM   150 O  OE1 A GLU A 1 28  ? 6.658   -8.514  -7.442  0.60 14.53 ? 20  GLU A OE1 1 
ATOM   151 O  OE1 B GLU A 1 28  ? 6.208   -8.544  -6.730  0.40 9.58  ? 20  GLU A OE1 1 
ATOM   152 O  OE2 A GLU A 1 28  ? 6.383   -7.203  -9.205  0.60 14.34 ? 20  GLU A OE2 1 
ATOM   153 O  OE2 B GLU A 1 28  ? 7.378   -10.370 -6.595  0.40 11.01 ? 20  GLU A OE2 1 
ATOM   154 N  N   . LEU A 1 29  ? 1.489   -10.968 -6.696  1.00 10.82 ? 21  LEU A N   1 
ATOM   155 C  CA  . LEU A 1 29  ? 0.855   -11.901 -5.739  1.00 9.40  ? 21  LEU A CA  1 
ATOM   156 C  C   . LEU A 1 29  ? -0.230  -12.780 -6.343  1.00 9.52  ? 21  LEU A C   1 
ATOM   157 O  O   . LEU A 1 29  ? -0.241  -13.987 -6.097  1.00 9.85  ? 21  LEU A O   1 
ATOM   158 C  CB  . LEU A 1 29  ? 0.287   -11.151 -4.546  1.00 10.30 ? 21  LEU A CB  1 
ATOM   159 C  CG  . LEU A 1 29  ? 1.328   -10.672 -3.506  1.00 6.24  ? 21  LEU A CG  1 
ATOM   160 C  CD1 . LEU A 1 29  ? 0.733   -9.506  -2.720  1.00 7.40  ? 21  LEU A CD1 1 
ATOM   161 C  CD2 . LEU A 1 29  ? 1.876   -11.742 -2.574  1.00 9.40  ? 21  LEU A CD2 1 
ATOM   162 N  N   . LYS A 1 30  ? -1.144  -12.155 -7.091  1.00 9.38  ? 22  LYS A N   1 
ATOM   163 C  CA  . LYS A 1 30  ? -2.202  -12.847 -7.849  1.00 10.24 ? 22  LYS A CA  1 
ATOM   164 C  C   . LYS A 1 30  ? -1.643  -13.933 -8.774  1.00 10.34 ? 22  LYS A C   1 
ATOM   165 O  O   . LYS A 1 30  ? -2.175  -15.054 -8.822  1.00 9.50  ? 22  LYS A O   1 
ATOM   166 C  CB  . LYS A 1 30  ? -3.032  -11.831 -8.672  1.00 9.91  ? 22  LYS A CB  1 
ATOM   167 C  CG  . LYS A 1 30  ? -4.034  -11.030 -7.851  1.00 8.80  ? 22  LYS A CG  1 
ATOM   168 C  CD  . LYS A 1 30  ? -4.714  -9.956  -8.672  1.00 11.54 ? 22  LYS A CD  1 
ATOM   169 C  CE  . LYS A 1 30  ? -5.485  -8.980  -7.773  1.00 11.40 ? 22  LYS A CE  1 
ATOM   170 N  NZ  . LYS A 1 30  ? -6.150  -7.835  -8.543  1.00 11.05 ? 22  LYS A NZ  1 
ATOM   171 N  N   . MET A 1 31  ? -0.586  -13.594 -9.517  1.00 11.20 ? 23  MET A N   1 
ATOM   172 C  CA  . MET A 1 31  ? 0.064   -14.568 -10.412 1.00 12.39 ? 23  MET A CA  1 
ATOM   173 C  C   . MET A 1 31  ? 0.632   -15.783 -9.656  1.00 12.50 ? 23  MET A C   1 
ATOM   174 O  O   . MET A 1 31  ? 0.643   -16.891 -10.194 1.00 12.24 ? 23  MET A O   1 
ATOM   175 C  CB  A MET A 1 31  ? 1.163   -13.901 -11.242 0.50 12.56 ? 23  MET A CB  1 
ATOM   176 C  CB  B MET A 1 31  ? 1.128   -13.901 -11.290 0.50 11.97 ? 23  MET A CB  1 
ATOM   177 C  CG  A MET A 1 31  ? 0.662   -13.166 -12.478 0.50 13.87 ? 23  MET A CG  1 
ATOM   178 C  CG  B MET A 1 31  ? 0.542   -13.067 -12.430 0.30 12.44 ? 23  MET A CG  1 
ATOM   179 S  SD  A MET A 1 31  ? 0.389   -14.240 -13.899 0.50 16.34 ? 23  MET A SD  1 
ATOM   180 S  SD  B MET A 1 31  ? 1.767   -12.135 -13.377 0.30 11.89 ? 23  MET A SD  1 
ATOM   181 C  CE  A MET A 1 31  ? -0.287  -13.088 -15.101 0.50 14.78 ? 23  MET A CE  1 
ATOM   182 C  CE  B MET A 1 31  ? 0.740   -10.886 -14.154 0.30 11.67 ? 23  MET A CE  1 
ATOM   183 N  N   . ASP A 1 32  ? 1.061   -15.569 -8.408  1.00 13.00 ? 24  ASP A N   1 
ATOM   184 C  CA  . ASP A 1 32  ? 1.545   -16.636 -7.544  1.00 13.28 ? 24  ASP A CA  1 
ATOM   185 C  C   . ASP A 1 32  ? 0.439   -17.449 -6.846  1.00 12.49 ? 24  ASP A C   1 
ATOM   186 O  O   . ASP A 1 32  ? 0.734   -18.416 -6.137  1.00 12.81 ? 24  ASP A O   1 
ATOM   187 C  CB  . ASP A 1 32  ? 2.475   -16.033 -6.490  1.00 14.96 ? 24  ASP A CB  1 
ATOM   188 C  CG  . ASP A 1 32  ? 3.893   -15.870 -6.991  1.00 17.88 ? 24  ASP A CG  1 
ATOM   189 O  OD1 . ASP A 1 32  ? 4.586   -16.934 -7.084  1.00 19.56 ? 24  ASP A OD1 1 
ATOM   190 O  OD2 . ASP A 1 32  ? 4.321   -14.695 -7.241  1.00 17.49 ? 24  ASP A OD2 1 
ATOM   191 N  N   . GLY A 1 33  ? -0.823  -17.058 -7.031  1.00 10.82 ? 25  GLY A N   1 
ATOM   192 C  CA  . GLY A 1 33  ? -1.949  -17.777 -6.437  1.00 9.70  ? 25  GLY A CA  1 
ATOM   193 C  C   . GLY A 1 33  ? -2.513  -17.168 -5.164  1.00 9.94  ? 25  GLY A C   1 
ATOM   194 O  O   . GLY A 1 33  ? -3.449  -17.714 -4.568  1.00 9.33  ? 25  GLY A O   1 
ATOM   195 N  N   . PHE A 1 34  ? -1.959  -16.020 -4.768  1.00 9.63  ? 26  PHE A N   1 
ATOM   196 C  CA  . PHE A 1 34  ? -2.433  -15.289 -3.604  1.00 10.23 ? 26  PHE A CA  1 
ATOM   197 C  C   . PHE A 1 34  ? -3.629  -14.374 -3.945  1.00 9.86  ? 26  PHE A C   1 
ATOM   198 O  O   . PHE A 1 34  ? -3.899  -14.060 -5.107  1.00 9.13  ? 26  PHE A O   1 
ATOM   199 C  CB  . PHE A 1 34  ? -1.281  -14.457 -2.969  1.00 9.71  ? 26  PHE A CB  1 
ATOM   200 C  CG  . PHE A 1 34  ? -0.133  -15.297 -2.455  1.00 11.09 ? 26  PHE A CG  1 
ATOM   201 C  CD1 . PHE A 1 34  ? -0.178  -15.850 -1.179  1.00 10.64 ? 26  PHE A CD1 1 
ATOM   202 C  CD2 . PHE A 1 34  ? 0.994   -15.526 -3.245  1.00 12.01 ? 26  PHE A CD2 1 
ATOM   203 C  CE1 . PHE A 1 34  ? 0.902   -16.643 -0.686  1.00 10.70 ? 26  PHE A CE1 1 
ATOM   204 C  CE2 . PHE A 1 34  ? 2.079   -16.289 -2.767  1.00 12.62 ? 26  PHE A CE2 1 
ATOM   205 C  CZ  . PHE A 1 34  ? 2.022   -16.855 -1.494  1.00 11.59 ? 26  PHE A CZ  1 
ATOM   206 N  N   . ASN A 1 35  ? -4.327  -13.939 -2.902  1.00 9.85  ? 27  ASN A N   1 
ATOM   207 C  CA  . ASN A 1 35  ? -5.433  -13.008 -3.011  1.00 10.58 ? 27  ASN A CA  1 
ATOM   208 C  C   . ASN A 1 35  ? -5.126  -11.782 -2.147  1.00 9.74  ? 27  ASN A C   1 
ATOM   209 O  O   . ASN A 1 35  ? -5.472  -11.773 -0.966  1.00 10.50 ? 27  ASN A O   1 
ATOM   210 C  CB  . ASN A 1 35  ? -6.687  -13.690 -2.500  1.00 11.92 ? 27  ASN A CB  1 
ATOM   211 C  CG  . ASN A 1 35  ? -7.936  -12.851 -2.663  1.00 13.87 ? 27  ASN A CG  1 
ATOM   212 O  OD1 . ASN A 1 35  ? -7.947  -11.887 -3.389  1.00 13.59 ? 27  ASN A OD1 1 
ATOM   213 N  ND2 . ASN A 1 35  ? -9.023  -13.267 -2.005  1.00 17.11 ? 27  ASN A ND2 1 
ATOM   214 N  N   . PRO A 1 36  ? -4.425  -10.782 -2.715  1.00 9.53  ? 28  PRO A N   1 
ATOM   215 C  CA  . PRO A 1 36  ? -4.088  -9.574  -1.949  1.00 9.86  ? 28  PRO A CA  1 
ATOM   216 C  C   . PRO A 1 36  ? -5.334  -8.844  -1.453  1.00 9.05  ? 28  PRO A C   1 
ATOM   217 O  O   . PRO A 1 36  ? -6.248  -8.550  -2.250  1.00 8.98  ? 28  PRO A O   1 
ATOM   218 C  CB  . PRO A 1 36  ? -3.246  -8.749  -2.943  1.00 9.84  ? 28  PRO A CB  1 
ATOM   219 C  CG  . PRO A 1 36  ? -3.565  -9.267  -4.268  1.00 9.76  ? 28  PRO A CG  1 
ATOM   220 C  CD  . PRO A 1 36  ? -3.876  -10.713 -4.084  1.00 9.31  ? 28  PRO A CD  1 
ATOM   221 N  N   . ASP A 1 37  ? -5.424  -8.638  -0.136  1.00 7.77  ? 29  ASP A N   1 
ATOM   222 C  CA  . ASP A 1 37  ? -6.609  -8.014  0.489   1.00 7.75  ? 29  ASP A CA  1 
ATOM   223 C  C   . ASP A 1 37  ? -6.317  -6.740  1.333   1.00 8.81  ? 29  ASP A C   1 
ATOM   224 O  O   . ASP A 1 37  ? -7.214  -5.877  1.561   1.00 6.30  ? 29  ASP A O   1 
ATOM   225 C  CB  . ASP A 1 37  ? -7.399  -9.066  1.313   1.00 8.93  ? 29  ASP A CB  1 
ATOM   226 C  CG  . ASP A 1 37  ? -6.593  -9.599  2.534   1.00 10.16 ? 29  ASP A CG  1 
ATOM   227 O  OD1 . ASP A 1 37  ? -5.344  -9.623  2.519   1.00 11.47 ? 29  ASP A OD1 1 
ATOM   228 O  OD2 . ASP A 1 37  ? -7.218  -9.987  3.547   1.00 10.54 ? 29  ASP A OD2 1 
ATOM   229 N  N   . ILE A 1 38  ? -5.058  -6.603  1.763   1.00 8.01  ? 30  ILE A N   1 
ATOM   230 C  CA  . ILE A 1 38  ? -4.682  -5.537  2.666   1.00 8.20  ? 30  ILE A CA  1 
ATOM   231 C  C   . ILE A 1 38  ? -3.277  -5.022  2.291   1.00 8.86  ? 30  ILE A C   1 
ATOM   232 O  O   . ILE A 1 38  ? -2.408  -5.788  1.865   1.00 9.74  ? 30  ILE A O   1 
ATOM   233 C  CB  . ILE A 1 38  ? -4.654  -6.043  4.132   1.00 8.79  ? 30  ILE A CB  1 
ATOM   234 C  CG1 . ILE A 1 38  ? -6.084  -6.346  4.639   1.00 8.66  ? 30  ILE A CG1 1 
ATOM   235 C  CG2 . ILE A 1 38  ? -3.936  -4.983  5.093   1.00 10.14 ? 30  ILE A CG2 1 
ATOM   236 C  CD1 . ILE A 1 38  ? -6.115  -7.002  6.042   1.00 6.01  ? 30  ILE A CD1 1 
ATOM   237 N  N   . ILE A 1 39  ? -3.064  -3.738  2.490   1.00 8.52  ? 31  ILE A N   1 
ATOM   238 C  CA  . ILE A 1 39  ? -1.736  -3.134  2.394   1.00 9.71  ? 31  ILE A CA  1 
ATOM   239 C  C   . ILE A 1 39  ? -1.419  -2.471  3.743   1.00 9.22  ? 31  ILE A C   1 
ATOM   240 O  O   . ILE A 1 39  ? -2.159  -1.594  4.235   1.00 11.17 ? 31  ILE A O   1 
ATOM   241 C  CB  . ILE A 1 39  ? -1.584  -2.152  1.178   1.00 8.91  ? 31  ILE A CB  1 
ATOM   242 C  CG1 . ILE A 1 39  ? -0.159  -1.558  1.138   1.00 5.80  ? 31  ILE A CG1 1 
ATOM   243 C  CG2 . ILE A 1 39  ? -2.756  -1.058  1.147   1.00 8.06  ? 31  ILE A CG2 1 
ATOM   244 C  CD1 . ILE A 1 39  ? 0.234   -0.967  -0.179  1.00 6.43  ? 31  ILE A CD1 1 
ATOM   245 N  N   . LEU A 1 40  ? -0.356  -2.955  4.384   1.00 8.89  ? 32  LEU A N   1 
ATOM   246 C  CA  . LEU A 1 40  ? 0.119   -2.421  5.665   1.00 8.09  ? 32  LEU A CA  1 
ATOM   247 C  C   . LEU A 1 40  ? 1.012   -1.197  5.392   1.00 9.99  ? 32  LEU A C   1 
ATOM   248 O  O   . LEU A 1 40  ? 1.975   -1.309  4.614   1.00 11.32 ? 32  LEU A O   1 
ATOM   249 C  CB  . LEU A 1 40  ? 0.944   -3.478  6.445   1.00 7.91  ? 32  LEU A CB  1 
ATOM   250 C  CG  . LEU A 1 40  ? 0.334   -4.866  6.590   1.00 9.35  ? 32  LEU A CG  1 
ATOM   251 C  CD1 . LEU A 1 40  ? 1.237   -5.945  7.232   1.00 9.76  ? 32  LEU A CD1 1 
ATOM   252 C  CD2 . LEU A 1 40  ? -0.967  -4.728  7.372   1.00 8.46  ? 32  LEU A CD2 1 
ATOM   253 N  N   . PHE A 1 41  ? 0.756   -0.075  6.076   1.00 9.33  ? 33  PHE A N   1 
ATOM   254 C  CA  . PHE A 1 41  ? 1.593   1.136   5.913   1.00 8.49  ? 33  PHE A CA  1 
ATOM   255 C  C   . PHE A 1 41  ? 2.396   1.481   7.176   1.00 9.07  ? 33  PHE A C   1 
ATOM   256 O  O   . PHE A 1 41  ? 1.831   1.487   8.242   1.00 9.67  ? 33  PHE A O   1 
ATOM   257 C  CB  . PHE A 1 41  ? 0.706   2.379   5.562   1.00 9.08  ? 33  PHE A CB  1 
ATOM   258 C  CG  . PHE A 1 41  ? 0.443   2.558   4.084   1.00 9.07  ? 33  PHE A CG  1 
ATOM   259 C  CD1 . PHE A 1 41  ? -0.441  1.700   3.414   1.00 10.93 ? 33  PHE A CD1 1 
ATOM   260 C  CD2 . PHE A 1 41  ? 1.064   3.607   3.367   1.00 6.76  ? 33  PHE A CD2 1 
ATOM   261 C  CE1 . PHE A 1 41  ? -0.711  1.850   2.043   1.00 9.32  ? 33  PHE A CE1 1 
ATOM   262 C  CE2 . PHE A 1 41  ? 0.808   3.777   1.997   1.00 11.97 ? 33  PHE A CE2 1 
ATOM   263 C  CZ  . PHE A 1 41  ? -0.066  2.892   1.328   1.00 9.01  ? 33  PHE A CZ  1 
ATOM   264 N  N   . GLY A 1 42  ? 3.675   1.857   7.036   1.00 8.57  ? 34  GLY A N   1 
ATOM   265 C  CA  . GLY A 1 42  ? 4.447   2.403   8.144   1.00 7.63  ? 34  GLY A CA  1 
ATOM   266 C  C   . GLY A 1 42  ? 3.871   3.772   8.472   1.00 8.16  ? 34  GLY A C   1 
ATOM   267 O  O   . GLY A 1 42  ? 3.101   4.352   7.682   1.00 7.57  ? 34  GLY A O   1 
ATOM   268 N  N   . ARG A 1 43  ? 4.256   4.312   9.610   1.00 8.28  ? 35  ARG A N   1 
ATOM   269 C  CA  . ARG A 1 43  ? 3.752   5.626   10.027  1.00 8.09  ? 35  ARG A CA  1 
ATOM   270 C  C   . ARG A 1 43  ? 4.105   6.710   8.987   1.00 8.62  ? 35  ARG A C   1 
ATOM   271 O  O   . ARG A 1 43  ? 3.217   7.420   8.474   1.00 8.18  ? 35  ARG A O   1 
ATOM   272 C  CB  . ARG A 1 43  ? 4.327   5.978   11.393  1.00 9.07  ? 35  ARG A CB  1 
ATOM   273 C  CG  . ARG A 1 43  ? 3.846   7.257   11.994  1.00 10.67 ? 35  ARG A CG  1 
ATOM   274 C  CD  . ARG A 1 43  ? 2.381   7.568   11.703  1.00 17.22 ? 35  ARG A CD  1 
ATOM   275 N  NE  . ARG A 1 43  ? 1.399   6.716   12.403  1.00 19.94 ? 35  ARG A NE  1 
ATOM   276 C  CZ  . ARG A 1 43  ? 0.088   6.710   12.135  1.00 19.72 ? 35  ARG A CZ  1 
ATOM   277 N  NH1 . ARG A 1 43  ? -0.419  7.506   11.177  1.00 20.76 ? 35  ARG A NH1 1 
ATOM   278 N  NH2 . ARG A 1 43  ? -0.719  5.916   12.834  1.00 19.85 ? 35  ARG A NH2 1 
ATOM   279 N  N   . GLU A 1 44  ? 5.397   6.824   8.675   1.00 8.13  ? 36  GLU A N   1 
ATOM   280 C  CA  . GLU A 1 44  ? 5.863   7.827   7.705   1.00 8.52  ? 36  GLU A CA  1 
ATOM   281 C  C   . GLU A 1 44  ? 5.236   7.580   6.300   1.00 9.27  ? 36  GLU A C   1 
ATOM   282 O  O   . GLU A 1 44  ? 4.837   8.543   5.602   1.00 8.70  ? 36  GLU A O   1 
ATOM   283 C  CB  A GLU A 1 44  ? 7.401   7.855   7.678   0.65 8.73  ? 36  GLU A CB  1 
ATOM   284 C  CB  B GLU A 1 44  ? 7.405   7.841   7.634   0.35 8.65  ? 36  GLU A CB  1 
ATOM   285 C  CG  A GLU A 1 44  ? 8.084   8.306   9.008   0.65 7.69  ? 36  GLU A CG  1 
ATOM   286 C  CG  B GLU A 1 44  ? 8.008   8.766   6.570   0.35 8.18  ? 36  GLU A CG  1 
ATOM   287 C  CD  A GLU A 1 44  ? 7.832   7.397   10.242  0.65 9.44  ? 36  GLU A CD  1 
ATOM   288 C  CD  B GLU A 1 44  ? 9.530   8.816   6.565   0.35 8.47  ? 36  GLU A CD  1 
ATOM   289 O  OE1 A GLU A 1 44  ? 7.719   6.138   10.125  0.65 4.94  ? 36  GLU A OE1 1 
ATOM   290 O  OE1 B GLU A 1 44  ? 10.182  7.787   6.875   0.35 7.92  ? 36  GLU A OE1 1 
ATOM   291 O  OE2 A GLU A 1 44  ? 7.758   7.984   11.358  0.65 13.19 ? 36  GLU A OE2 1 
ATOM   292 O  OE2 B GLU A 1 44  ? 10.079  9.902   6.243   0.35 7.06  ? 36  GLU A OE2 1 
ATOM   293 N  N   . ALA A 1 45  ? 5.118   6.313   5.906   1.00 8.70  ? 37  ALA A N   1 
ATOM   294 C  CA  . ALA A 1 45  ? 4.504   5.965   4.614   1.00 10.33 ? 37  ALA A CA  1 
ATOM   295 C  C   . ALA A 1 45  ? 3.038   6.444   4.530   1.00 10.68 ? 37  ALA A C   1 
ATOM   296 O  O   . ALA A 1 45  ? 2.579   7.006   3.477   1.00 10.55 ? 37  ALA A O   1 
ATOM   297 C  CB  . ALA A 1 45  ? 4.602   4.436   4.306   1.00 8.37  ? 37  ALA A CB  1 
ATOM   298 N  N   . TYR A 1 46  ? 2.312   6.239   5.633   1.00 10.27 ? 38  TYR A N   1 
ATOM   299 C  CA  . TYR A 1 46  ? 0.888   6.558   5.678   1.00 10.37 ? 38  TYR A CA  1 
ATOM   300 C  C   . TYR A 1 46  ? 0.709   8.062   5.609   1.00 10.02 ? 38  TYR A C   1 
ATOM   301 O  O   . TYR A 1 46  ? -0.135  8.552   4.864   1.00 10.00 ? 38  TYR A O   1 
ATOM   302 C  CB  . TYR A 1 46  ? 0.151   5.972   6.883   1.00 10.85 ? 38  TYR A CB  1 
ATOM   303 C  CG  . TYR A 1 46  ? -1.291  6.421   6.873   1.00 12.02 ? 38  TYR A CG  1 
ATOM   304 C  CD1 . TYR A 1 46  ? -2.230  5.791   6.068   1.00 13.32 ? 38  TYR A CD1 1 
ATOM   305 C  CD2 . TYR A 1 46  ? -1.713  7.529   7.630   1.00 13.03 ? 38  TYR A CD2 1 
ATOM   306 C  CE1 . TYR A 1 46  ? -3.551  6.223   6.035   1.00 12.95 ? 38  TYR A CE1 1 
ATOM   307 C  CE2 . TYR A 1 46  ? -3.036  7.982   7.585   1.00 14.61 ? 38  TYR A CE2 1 
ATOM   308 C  CZ  . TYR A 1 46  ? -3.951  7.317   6.789   1.00 14.42 ? 38  TYR A CZ  1 
ATOM   309 O  OH  . TYR A 1 46  ? -5.259  7.752   6.735   1.00 13.71 ? 38  TYR A OH  1 
ATOM   310 N  N   . ASN A 1 47  ? 1.497   8.793   6.389   1.00 8.96  ? 39  ASN A N   1 
ATOM   311 C  CA  . ASN A 1 47  ? 1.430   10.230  6.381   1.00 10.19 ? 39  ASN A CA  1 
ATOM   312 C  C   . ASN A 1 47  ? 1.714   10.811  4.999   1.00 10.14 ? 39  ASN A C   1 
ATOM   313 O  O   . ASN A 1 47  ? 1.009   11.727  4.553   1.00 10.55 ? 39  ASN A O   1 
ATOM   314 C  CB  . ASN A 1 47  ? 2.408   10.794  7.415   1.00 9.78  ? 39  ASN A CB  1 
ATOM   315 C  CG  . ASN A 1 47  ? 1.966   10.533  8.861   1.00 12.49 ? 39  ASN A CG  1 
ATOM   316 O  OD1 . ASN A 1 47  ? 0.806   10.184  9.136   1.00 11.34 ? 39  ASN A OD1 1 
ATOM   317 N  ND2 . ASN A 1 47  ? 2.886   10.784  9.806   1.00 12.24 ? 39  ASN A ND2 1 
ATOM   318 N  N   . PHE A 1 48  ? 2.742   10.272  4.341   1.00 10.21 ? 40  PHE A N   1 
ATOM   319 C  CA  . PHE A 1 48  ? 3.112   10.663  3.000   1.00 9.32  ? 40  PHE A CA  1 
ATOM   320 C  C   . PHE A 1 48  ? 1.928   10.493  2.001   1.00 8.76  ? 40  PHE A C   1 
ATOM   321 O  O   . PHE A 1 48  ? 1.584   11.439  1.278   1.00 8.07  ? 40  PHE A O   1 
ATOM   322 C  CB  . PHE A 1 48  ? 4.343   9.899   2.510   1.00 9.01  ? 40  PHE A CB  1 
ATOM   323 C  CG  . PHE A 1 48  ? 4.821   10.347  1.118   1.00 11.04 ? 40  PHE A CG  1 
ATOM   324 C  CD1 . PHE A 1 48  ? 5.619   11.463  0.971   1.00 10.39 ? 40  PHE A CD1 1 
ATOM   325 C  CD2 . PHE A 1 48  ? 4.464   9.642   -0.024  1.00 9.76  ? 40  PHE A CD2 1 
ATOM   326 C  CE1 . PHE A 1 48  ? 6.047   11.881  -0.310  1.00 12.69 ? 40  PHE A CE1 1 
ATOM   327 C  CE2 . PHE A 1 48  ? 4.900   10.033  -1.307  1.00 8.10  ? 40  PHE A CE2 1 
ATOM   328 C  CZ  . PHE A 1 48  ? 5.667   11.155  -1.451  1.00 10.44 ? 40  PHE A CZ  1 
ATOM   329 N  N   . LEU A 1 49  ? 1.341   9.301   1.964   1.00 9.07  ? 41  LEU A N   1 
ATOM   330 C  CA  . LEU A 1 49  ? 0.230   9.018   1.080   1.00 9.74  ? 41  LEU A CA  1 
ATOM   331 C  C   . LEU A 1 49  ? -0.990  9.861   1.486   1.00 10.03 ? 41  LEU A C   1 
ATOM   332 O  O   . LEU A 1 49  ? -1.721  10.304  0.623   1.00 11.22 ? 41  LEU A O   1 
ATOM   333 C  CB  . LEU A 1 49  ? -0.120  7.531   1.084   1.00 10.05 ? 41  LEU A CB  1 
ATOM   334 C  CG  . LEU A 1 49  ? -1.364  7.144   0.229   1.00 9.79  ? 41  LEU A CG  1 
ATOM   335 C  CD1 . LEU A 1 49  ? -1.209  7.435   -1.254  1.00 9.17  ? 41  LEU A CD1 1 
ATOM   336 C  CD2 . LEU A 1 49  ? -1.792  5.700   0.391   1.00 12.30 ? 41  LEU A CD2 1 
ATOM   337 N  N   . SER A 1 50  ? -1.210  10.053  2.789   1.00 9.98  ? 42  SER A N   1 
ATOM   338 C  CA  . SER A 1 50  ? -2.365  10.810  3.244   1.00 10.71 ? 42  SER A CA  1 
ATOM   339 C  C   . SER A 1 50  ? -2.230  12.266  2.771   1.00 10.62 ? 42  SER A C   1 
ATOM   340 O  O   . SER A 1 50  ? -3.203  12.878  2.292   1.00 10.14 ? 42  SER A O   1 
ATOM   341 C  CB  . SER A 1 50  ? -2.546  10.703  4.760   1.00 10.65 ? 42  SER A CB  1 
ATOM   342 O  OG  . SER A 1 50  ? -3.517  11.644  5.150   1.00 14.70 ? 42  SER A OG  1 
ATOM   343 N  N   . ASN A 1 51  ? -1.024  12.818  2.877   1.00 10.35 ? 43  ASN A N   1 
ATOM   344 C  CA  . ASN A 1 51  ? -0.829  14.197  2.466   1.00 11.60 ? 43  ASN A CA  1 
ATOM   345 C  C   . ASN A 1 51  ? -1.069  14.378  0.971   1.00 10.54 ? 43  ASN A C   1 
ATOM   346 O  O   . ASN A 1 51  ? -1.664  15.361  0.517   1.00 9.47  ? 43  ASN A O   1 
ATOM   347 C  CB  . ASN A 1 51  ? 0.552   14.697  2.880   1.00 12.13 ? 43  ASN A CB  1 
ATOM   348 C  CG  . ASN A 1 51  ? 0.670   14.918  4.386   1.00 16.93 ? 43  ASN A CG  1 
ATOM   349 O  OD1 . ASN A 1 51  ? -0.332  15.067  5.105   1.00 21.47 ? 43  ASN A OD1 1 
ATOM   350 N  ND2 . ASN A 1 51  ? 1.910   14.961  4.872   1.00 17.94 ? 43  ASN A ND2 1 
ATOM   351 N  N   . LEU A 1 52  ? -0.611  13.392  0.224   1.00 9.25  ? 44  LEU A N   1 
ATOM   352 C  CA  . LEU A 1 52  ? -0.762  13.357  -1.207  1.00 10.16 ? 44  LEU A CA  1 
ATOM   353 C  C   . LEU A 1 52  ? -2.241  13.302  -1.569  1.00 8.60  ? 44  LEU A C   1 
ATOM   354 O  O   . LEU A 1 52  ? -2.678  14.055  -2.417  1.00 7.29  ? 44  LEU A O   1 
ATOM   355 C  CB  . LEU A 1 52  ? -0.026  12.135  -1.725  1.00 8.91  ? 44  LEU A CB  1 
ATOM   356 C  CG  . LEU A 1 52  ? 0.749   12.076  -3.000  1.00 14.91 ? 44  LEU A CG  1 
ATOM   357 C  CD1 . LEU A 1 52  ? 1.788   13.210  -3.081  1.00 17.12 ? 44  LEU A CD1 1 
ATOM   358 C  CD2 . LEU A 1 52  ? 1.440   10.717  -3.104  1.00 11.46 ? 44  LEU A CD2 1 
ATOM   359 N  N   . LEU A 1 53  ? -3.012  12.446  -0.888  1.00 8.15  ? 45  LEU A N   1 
ATOM   360 C  CA  . LEU A 1 53  ? -4.413  12.270  -1.231  1.00 7.92  ? 45  LEU A CA  1 
ATOM   361 C  C   . LEU A 1 53  ? -5.271  13.449  -0.780  1.00 7.98  ? 45  LEU A C   1 
ATOM   362 O  O   . LEU A 1 53  ? -6.183  13.848  -1.498  1.00 7.53  ? 45  LEU A O   1 
ATOM   363 C  CB  . LEU A 1 53  ? -4.981  10.981  -0.662  1.00 8.71  ? 45  LEU A CB  1 
ATOM   364 C  CG  . LEU A 1 53  ? -4.460  9.684   -1.278  1.00 7.00  ? 45  LEU A CG  1 
ATOM   365 C  CD1 . LEU A 1 53  ? -4.830  8.486   -0.384  1.00 5.74  ? 45  LEU A CD1 1 
ATOM   366 C  CD2 . LEU A 1 53  ? -4.897  9.500   -2.722  1.00 4.51  ? 45  LEU A CD2 1 
ATOM   367 N  N   . LYS A 1 54  ? -4.985  14.018  0.393   1.00 8.21  ? 46  LYS A N   1 
ATOM   368 C  CA  . LYS A 1 54  ? -5.625  15.280  0.797   1.00 8.60  ? 46  LYS A CA  1 
ATOM   369 C  C   . LYS A 1 54  ? -5.416  16.359  -0.245  1.00 8.61  ? 46  LYS A C   1 
ATOM   370 O  O   . LYS A 1 54  ? -6.369  17.083  -0.602  1.00 8.36  ? 46  LYS A O   1 
ATOM   371 C  CB  . LYS A 1 54  ? -5.113  15.782  2.164   1.00 9.01  ? 46  LYS A CB  1 
ATOM   372 C  CG  . LYS A 1 54  ? -5.438  14.889  3.386   1.00 9.34  ? 46  LYS A CG  1 
ATOM   373 C  CD  . LYS A 1 54  ? -4.874  15.493  4.686   1.00 10.33 ? 46  LYS A CD  1 
ATOM   374 C  CE  . LYS A 1 54  ? -5.256  14.627  5.896   1.00 13.97 ? 46  LYS A CE  1 
ATOM   375 N  N   . LYS A 1 55  ? -4.181  16.491  -0.738  1.00 8.77  ? 47  LYS A N   1 
ATOM   376 C  CA  . LYS A 1 55  ? -3.866  17.514  -1.761  1.00 10.19 ? 47  LYS A CA  1 
ATOM   377 C  C   . LYS A 1 55  ? -4.562  17.270  -3.100  1.00 10.09 ? 47  LYS A C   1 
ATOM   378 O  O   . LYS A 1 55  ? -5.158  18.193  -3.697  1.00 9.12  ? 47  LYS A O   1 
ATOM   379 C  CB  . LYS A 1 55  ? -2.357  17.617  -1.981  1.00 10.19 ? 47  LYS A CB  1 
ATOM   380 C  CG  . LYS A 1 55  ? -2.015  18.770  -2.915  1.00 12.16 ? 47  LYS A CG  1 
ATOM   381 C  CD  . LYS A 1 55  ? -0.509  18.927  -3.207  1.00 12.50 ? 47  LYS A CD  1 
ATOM   382 C  CE  . LYS A 1 55  ? -0.285  19.973  -4.337  1.00 14.07 ? 47  LYS A CE  1 
ATOM   383 N  NZ  . LYS A 1 55  ? 1.134   19.931  -4.802  1.00 16.35 ? 47  LYS A NZ  1 
ATOM   384 N  N   . GLU A 1 56  ? -4.475  16.023  -3.566  1.00 9.59  ? 48  GLU A N   1 
ATOM   385 C  CA  . GLU A 1 56  ? -4.956  15.628  -4.894  1.00 10.23 ? 48  GLU A CA  1 
ATOM   386 C  C   . GLU A 1 56  ? -6.466  15.467  -4.979  1.00 10.49 ? 48  GLU A C   1 
ATOM   387 O  O   . GLU A 1 56  ? -7.100  15.909  -5.955  1.00 9.71  ? 48  GLU A O   1 
ATOM   388 C  CB  . GLU A 1 56  ? -4.260  14.360  -5.378  1.00 9.77  ? 48  GLU A CB  1 
ATOM   389 C  CG  . GLU A 1 56  ? -2.830  14.581  -5.780  1.00 10.83 ? 48  GLU A CG  1 
ATOM   390 C  CD  . GLU A 1 56  ? -2.658  15.766  -6.711  1.00 12.87 ? 48  GLU A CD  1 
ATOM   391 O  OE1 . GLU A 1 56  ? -3.530  15.986  -7.600  1.00 11.70 ? 48  GLU A OE1 1 
ATOM   392 O  OE2 . GLU A 1 56  ? -1.669  16.515  -6.521  1.00 13.31 ? 48  GLU A OE2 1 
ATOM   393 N  N   . MET A 1 57  ? -7.042  14.856  -3.952  1.00 10.68 ? 49  MET A N   1 
ATOM   394 C  CA  . MET A 1 57  ? -8.493  14.649  -3.884  1.00 11.53 ? 49  MET A CA  1 
ATOM   395 C  C   . MET A 1 57  ? -9.217  15.853  -3.347  1.00 11.42 ? 49  MET A C   1 
ATOM   396 O  O   . MET A 1 57  ? -10.432 15.936  -3.469  1.00 12.10 ? 49  MET A O   1 
ATOM   397 C  CB  . MET A 1 57  ? -8.835  13.429  -3.016  1.00 11.82 ? 49  MET A CB  1 
ATOM   398 C  CG  . MET A 1 57  ? -8.089  12.144  -3.417  1.00 13.97 ? 49  MET A CG  1 
ATOM   399 S  SD  . MET A 1 57  ? -8.332  11.678  -5.171  1.00 17.74 ? 49  MET A SD  1 
ATOM   400 C  CE  . MET A 1 57  ? -6.800  10.818  -5.469  1.00 17.27 ? 49  MET A CE  1 
ATOM   401 N  N   . GLU A 1 58  ? -8.480  16.783  -2.743  1.00 10.92 ? 50  GLU A N   1 
ATOM   402 C  CA  . GLU A 1 58  ? -9.092  17.944  -2.083  1.00 12.04 ? 50  GLU A CA  1 
ATOM   403 C  C   . GLU A 1 58  ? -10.224 17.463  -1.183  1.00 12.40 ? 50  GLU A C   1 
ATOM   404 O  O   . GLU A 1 58  ? -11.358 17.962  -1.289  1.00 12.79 ? 50  GLU A O   1 
ATOM   405 C  CB  . GLU A 1 58  ? -9.601  18.993  -3.080  1.00 11.44 ? 50  GLU A CB  1 
ATOM   406 C  CG  . GLU A 1 58  ? -8.563  19.986  -3.466  1.00 12.24 ? 50  GLU A CG  1 
ATOM   407 C  CD  . GLU A 1 58  ? -9.002  20.948  -4.542  1.00 11.71 ? 50  GLU A CD  1 
ATOM   408 O  OE1 . GLU A 1 58  ? -10.150 21.471  -4.502  1.00 11.07 ? 50  GLU A OE1 1 
ATOM   409 O  OE2 . GLU A 1 58  ? -8.159  21.188  -5.422  1.00 11.32 ? 50  GLU A OE2 1 
ATOM   410 N  N   . GLU A 1 59  ? -9.876  16.497  -0.321  1.00 12.02 ? 51  GLU A N   1 
ATOM   411 C  CA  . GLU A 1 59  ? -10.725 15.891  0.710   1.00 12.02 ? 51  GLU A CA  1 
ATOM   412 C  C   . GLU A 1 59  ? -9.924  15.902  2.017   1.00 12.03 ? 51  GLU A C   1 
ATOM   413 O  O   . GLU A 1 59  ? -8.711  16.061  2.002   1.00 11.96 ? 51  GLU A O   1 
ATOM   414 C  CB  . GLU A 1 59  ? -11.091 14.440  0.331   1.00 11.89 ? 51  GLU A CB  1 
ATOM   415 C  CG  . GLU A 1 59  ? -12.439 14.291  -0.375  1.00 12.55 ? 51  GLU A CG  1 
ATOM   416 C  CD  . GLU A 1 59  ? -12.451 13.204  -1.450  1.00 14.48 ? 51  GLU A CD  1 
ATOM   417 O  OE1 . GLU A 1 59  ? -13.216 13.358  -2.441  1.00 14.46 ? 51  GLU A OE1 1 
ATOM   418 O  OE2 . GLU A 1 59  ? -11.698 12.203  -1.315  1.00 13.29 ? 51  GLU A OE2 1 
ATOM   419 N  N   . GLU A 1 60  ? -10.591 15.750  3.155   1.00 12.72 ? 52  GLU A N   1 
ATOM   420 C  CA  . GLU A 1 60  ? -9.895  15.794  4.435   1.00 13.00 ? 52  GLU A CA  1 
ATOM   421 C  C   . GLU A 1 60  ? -9.338  14.435  4.908   1.00 13.75 ? 52  GLU A C   1 
ATOM   422 O  O   . GLU A 1 60  ? -8.449  14.399  5.774   1.00 14.21 ? 52  GLU A O   1 
ATOM   423 N  N   . GLY A 1 61  ? -9.858  13.325  4.379   1.00 13.14 ? 53  GLY A N   1 
ATOM   424 C  CA  . GLY A 1 61  ? -9.493  12.009  4.910   1.00 13.32 ? 53  GLY A CA  1 
ATOM   425 C  C   . GLY A 1 61  ? -10.288 11.670  6.164   1.00 13.37 ? 53  GLY A C   1 
ATOM   426 O  O   . GLY A 1 61  ? -11.271 12.340  6.471   1.00 13.71 ? 53  GLY A O   1 
ATOM   427 N  N   . PRO A 1 62  ? -9.889  10.615  6.905   1.00 13.29 ? 54  PRO A N   1 
ATOM   428 C  CA  . PRO A 1 62  ? -8.725  9.743   6.728   1.00 13.18 ? 54  PRO A CA  1 
ATOM   429 C  C   . PRO A 1 62  ? -8.949  8.768   5.558   1.00 12.14 ? 54  PRO A C   1 
ATOM   430 O  O   . PRO A 1 62  ? -10.091 8.590   5.121   1.00 11.42 ? 54  PRO A O   1 
ATOM   431 C  CB  . PRO A 1 62  ? -8.647  8.968   8.060   1.00 13.02 ? 54  PRO A CB  1 
ATOM   432 C  CG  . PRO A 1 62  ? -10.027 9.028   8.627   1.00 12.97 ? 54  PRO A CG  1 
ATOM   433 C  CD  . PRO A 1 62  ? -10.753 10.185  8.023   1.00 13.86 ? 54  PRO A CD  1 
ATOM   434 N  N   . PHE A 1 63  ? -7.864  8.161   5.083   1.00 11.48 ? 55  PHE A N   1 
ATOM   435 C  CA  . PHE A 1 63  ? -7.884  7.281   3.910   1.00 10.82 ? 55  PHE A CA  1 
ATOM   436 C  C   . PHE A 1 63  ? -7.750  5.852   4.329   1.00 10.83 ? 55  PHE A C   1 
ATOM   437 O  O   . PHE A 1 63  ? -6.808  5.492   5.042   1.00 12.63 ? 55  PHE A O   1 
ATOM   438 C  CB  . PHE A 1 63  ? -6.804  7.721   2.909   1.00 10.07 ? 55  PHE A CB  1 
ATOM   439 C  CG  . PHE A 1 63  ? -6.925  9.168   2.564   1.00 10.45 ? 55  PHE A CG  1 
ATOM   440 C  CD1 . PHE A 1 63  ? -8.008  9.610   1.794   1.00 9.58  ? 55  PHE A CD1 1 
ATOM   441 C  CD2 . PHE A 1 63  ? -6.069  10.121  3.137   1.00 13.12 ? 55  PHE A CD2 1 
ATOM   442 C  CE1 . PHE A 1 63  ? -8.207  10.959  1.530   1.00 9.98  ? 55  PHE A CE1 1 
ATOM   443 C  CE2 . PHE A 1 63  ? -6.270  11.503  2.876   1.00 9.35  ? 55  PHE A CE2 1 
ATOM   444 C  CZ  . PHE A 1 63  ? -7.327  11.910  2.088   1.00 10.43 ? 55  PHE A CZ  1 
ATOM   445 N  N   . THR A 1 64  ? -8.713  5.025   3.911   1.00 10.44 ? 56  THR A N   1 
ATOM   446 C  CA  . THR A 1 64  ? -8.813  3.649   4.427   1.00 9.64  ? 56  THR A CA  1 
ATOM   447 C  C   . THR A 1 64  ? -8.654  2.554   3.349   1.00 8.77  ? 56  THR A C   1 
ATOM   448 O  O   . THR A 1 64  ? -8.601  1.356   3.687   1.00 8.83  ? 56  THR A O   1 
ATOM   449 C  CB  . THR A 1 64  ? -10.175 3.440   5.144   1.00 9.60  ? 56  THR A CB  1 
ATOM   450 O  OG1 . THR A 1 64  ? -11.219 3.714   4.203   1.00 11.06 ? 56  THR A OG1 1 
ATOM   451 C  CG2 . THR A 1 64  ? -10.330 4.346   6.382   1.00 11.51 ? 56  THR A CG2 1 
ATOM   452 N  N   . HIS A 1 65  ? -8.640  2.963   2.072   1.00 9.14  ? 57  HIS A N   1 
ATOM   453 C  CA  . HIS A 1 65  ? -8.477  2.048   0.929   1.00 9.86  ? 57  HIS A CA  1 
ATOM   454 C  C   . HIS A 1 65  ? -7.641  2.726   -0.121  1.00 9.83  ? 57  HIS A C   1 
ATOM   455 O  O   . HIS A 1 65  ? -7.650  3.985   -0.249  1.00 8.36  ? 57  HIS A O   1 
ATOM   456 C  CB  . HIS A 1 65  ? -9.825  1.667   0.301   1.00 10.12 ? 57  HIS A CB  1 
ATOM   457 C  CG  . HIS A 1 65  ? -10.728 0.902   1.219   1.00 11.49 ? 57  HIS A CG  1 
ATOM   458 N  ND1 . HIS A 1 65  ? -11.595 1.517   2.101   1.00 16.21 ? 57  HIS A ND1 1 
ATOM   459 C  CD2 . HIS A 1 65  ? -10.929 -0.432  1.365   1.00 14.74 ? 57  HIS A CD2 1 
ATOM   460 C  CE1 . HIS A 1 65  ? -12.266 0.593   2.774   1.00 15.94 ? 57  HIS A CE1 1 
ATOM   461 N  NE2 . HIS A 1 65  ? -11.887 -0.598  2.339   1.00 13.55 ? 57  HIS A NE2 1 
ATOM   462 N  N   . VAL A 1 66  ? -6.883  1.902   -0.827  1.00 9.69  ? 58  VAL A N   1 
ATOM   463 C  CA  . VAL A 1 66  ? -6.129  2.338   -2.007  1.00 9.35  ? 58  VAL A CA  1 
ATOM   464 C  C   . VAL A 1 66  ? -6.059  1.093   -2.890  1.00 9.39  ? 58  VAL A C   1 
ATOM   465 O  O   . VAL A 1 66  ? -5.924  -0.039  -2.378  1.00 9.35  ? 58  VAL A O   1 
ATOM   466 C  CB  . VAL A 1 66  ? -4.697  2.951   -1.650  1.00 9.94  ? 58  VAL A CB  1 
ATOM   467 C  CG1 . VAL A 1 66  ? -3.772  1.944   -0.977  1.00 7.13  ? 58  VAL A CG1 1 
ATOM   468 C  CG2 . VAL A 1 66  ? -3.965  3.539   -2.889  1.00 9.37  ? 58  VAL A CG2 1 
ATOM   469 N  N   . SER A 1 67  ? -6.142  1.303   -4.202  1.00 9.23  ? 59  SER A N   1 
ATOM   470 C  CA  . SER A 1 67  ? -5.993  0.222   -5.182  1.00 9.45  ? 59  SER A CA  1 
ATOM   471 C  C   . SER A 1 67  ? -6.916  -0.959  -4.916  1.00 9.35  ? 59  SER A C   1 
ATOM   472 O  O   . SER A 1 67  ? -6.507  -2.100  -5.110  1.00 9.54  ? 59  SER A O   1 
ATOM   473 C  CB  . SER A 1 67  ? -4.551  -0.305  -5.167  1.00 10.13 ? 59  SER A CB  1 
ATOM   474 O  OG  . SER A 1 67  ? -3.628  0.753   -5.324  1.00 14.79 ? 59  SER A OG  1 
ATOM   475 N  N   . ASN A 1 68  ? -8.141  -0.689  -4.468  1.00 8.66  ? 60  ASN A N   1 
ATOM   476 C  CA  . ASN A 1 68  ? -9.137  -1.725  -4.199  1.00 9.11  ? 60  ASN A CA  1 
ATOM   477 C  C   . ASN A 1 68  ? -8.801  -2.679  -3.027  1.00 9.08  ? 60  ASN A C   1 
ATOM   478 O  O   . ASN A 1 68  ? -9.418  -3.734  -2.896  1.00 9.84  ? 60  ASN A O   1 
ATOM   479 C  CB  . ASN A 1 68  ? -9.448  -2.491  -5.480  1.00 9.11  ? 60  ASN A CB  1 
ATOM   480 C  CG  . ASN A 1 68  ? -9.868  -1.563  -6.572  1.00 11.85 ? 60  ASN A CG  1 
ATOM   481 O  OD1 . ASN A 1 68  ? -9.190  -1.415  -7.597  1.00 15.16 ? 60  ASN A OD1 1 
ATOM   482 N  ND2 . ASN A 1 68  ? -10.954 -0.875  -6.341  1.00 12.53 ? 60  ASN A ND2 1 
ATOM   483 N  N   . ILE A 1 69  ? -7.820  -2.308  -2.212  1.00 8.94  ? 61  ILE A N   1 
ATOM   484 C  CA  . ILE A 1 69  ? -7.496  -3.045  -0.988  1.00 8.80  ? 61  ILE A CA  1 
ATOM   485 C  C   . ILE A 1 69  ? -7.514  -2.119  0.232   1.00 8.41  ? 61  ILE A C   1 
ATOM   486 O  O   . ILE A 1 69  ? -7.548  -0.891  0.101   1.00 8.75  ? 61  ILE A O   1 
ATOM   487 C  CB  . ILE A 1 69  ? -6.211  -3.882  -1.118  1.00 8.46  ? 61  ILE A CB  1 
ATOM   488 C  CG1 . ILE A 1 69  ? -5.017  -2.985  -1.497  1.00 8.03  ? 61  ILE A CG1 1 
ATOM   489 C  CG2 . ILE A 1 69  ? -6.465  -5.036  -2.091  1.00 10.79 ? 61  ILE A CG2 1 
ATOM   490 C  CD1 . ILE A 1 69  ? -3.685  -3.666  -1.472  1.00 10.27 ? 61  ILE A CD1 1 
ATOM   491 N  N   . LYS A 1 70  ? -7.566  -2.723  1.408   1.00 8.02  ? 62  LYS A N   1 
ATOM   492 C  CA  . LYS A 1 70  ? -7.775  -2.026  2.657   1.00 8.30  ? 62  LYS A CA  1 
ATOM   493 C  C   . LYS A 1 70  ? -6.426  -1.598  3.254   1.00 7.82  ? 62  LYS A C   1 
ATOM   494 O  O   . LYS A 1 70  ? -5.484  -2.404  3.314   1.00 10.11 ? 62  LYS A O   1 
ATOM   495 C  CB  . LYS A 1 70  ? -8.524  -2.963  3.627   1.00 8.39  ? 62  LYS A CB  1 
ATOM   496 C  CG  . LYS A 1 70  ? -8.693  -2.411  5.040   1.00 9.88  ? 62  LYS A CG  1 
ATOM   497 C  CD  . LYS A 1 70  ? -9.937  -1.549  5.239   1.00 15.95 ? 62  LYS A CD  1 
ATOM   498 C  CE  . LYS A 1 70  ? -9.920  -0.845  6.626   1.00 17.58 ? 62  LYS A CE  1 
ATOM   499 N  NZ  . LYS A 1 70  ? -9.064  0.428   6.484   1.00 21.38 ? 62  LYS A NZ  1 
ATOM   500 N  N   . ILE A 1 71  ? -6.315  -0.329  3.648   1.00 7.48  ? 63  ILE A N   1 
ATOM   501 C  CA  . ILE A 1 71  ? -5.099  0.209   4.330   1.00 6.81  ? 63  ILE A CA  1 
ATOM   502 C  C   . ILE A 1 71  ? -5.194  -0.147  5.805   1.00 7.44  ? 63  ILE A C   1 
ATOM   503 O  O   . ILE A 1 71  ? -6.218  0.086   6.443   1.00 5.93  ? 63  ILE A O   1 
ATOM   504 C  CB  . ILE A 1 71  ? -4.957  1.759   4.170   1.00 8.15  ? 63  ILE A CB  1 
ATOM   505 C  CG1 . ILE A 1 71  ? -4.796  2.160   2.677   1.00 7.48  ? 63  ILE A CG1 1 
ATOM   506 C  CG2 . ILE A 1 71  ? -3.889  2.360   5.164   1.00 6.26  ? 63  ILE A CG2 1 
ATOM   507 C  CD1 . ILE A 1 71  ? -5.012  3.638   2.369   1.00 5.88  ? 63  ILE A CD1 1 
ATOM   508 N  N   . GLU A 1 72  ? -4.138  -0.754  6.350   1.00 6.89  ? 64  GLU A N   1 
ATOM   509 C  CA  . GLU A 1 72  ? -4.007  -0.907  7.802   1.00 8.03  ? 64  GLU A CA  1 
ATOM   510 C  C   . GLU A 1 72  ? -2.607  -0.411  8.165   1.00 8.11  ? 64  GLU A C   1 
ATOM   511 O  O   . GLU A 1 72  ? -1.686  -0.531  7.363   1.00 9.39  ? 64  GLU A O   1 
ATOM   512 C  CB  . GLU A 1 72  ? -4.143  -2.378  8.229   1.00 7.74  ? 64  GLU A CB  1 
ATOM   513 C  CG  . GLU A 1 72  ? -5.507  -3.070  7.996   1.00 10.47 ? 64  GLU A CG  1 
ATOM   514 C  CD  . GLU A 1 72  ? -6.685  -2.443  8.751   1.00 13.23 ? 64  GLU A CD  1 
ATOM   515 O  OE1 . GLU A 1 72  ? -6.493  -1.670  9.735   1.00 14.93 ? 64  GLU A OE1 1 
ATOM   516 O  OE2 . GLU A 1 72  ? -7.843  -2.738  8.357   1.00 14.85 ? 64  GLU A OE2 1 
ATOM   517 N  N   . ILE A 1 73  ? -2.456  0.105   9.376   1.00 8.29  ? 65  ILE A N   1 
ATOM   518 C  CA  . ILE A 1 73  ? -1.197  0.716   9.822   1.00 8.35  ? 65  ILE A CA  1 
ATOM   519 C  C   . ILE A 1 73  ? -0.393  -0.354  10.538  1.00 8.26  ? 65  ILE A C   1 
ATOM   520 O  O   . ILE A 1 73  ? -0.928  -1.063  11.389  1.00 7.02  ? 65  ILE A O   1 
ATOM   521 C  CB  . ILE A 1 73  ? -1.378  1.961   10.780  1.00 9.27  ? 65  ILE A CB  1 
ATOM   522 C  CG1 . ILE A 1 73  ? -2.297  3.013   10.172  1.00 9.95  ? 65  ILE A CG1 1 
ATOM   523 C  CG2 . ILE A 1 73  ? -0.030  2.605   11.079  1.00 9.95  ? 65  ILE A CG2 1 
ATOM   524 C  CD1 . ILE A 1 73  ? -1.872  3.455   8.785   1.00 9.18  ? 65  ILE A CD1 1 
ATOM   525 N  N   . LEU A 1 74  ? 0.872   -0.489  10.162  1.00 6.77  ? 66  LEU A N   1 
ATOM   526 C  CA  . LEU A 1 74  ? 1.821   -1.179  10.997  1.00 7.51  ? 66  LEU A CA  1 
ATOM   527 C  C   . LEU A 1 74  ? 2.974   -0.173  11.186  1.00 6.94  ? 66  LEU A C   1 
ATOM   528 O  O   . LEU A 1 74  ? 3.815   -0.045  10.310  1.00 5.88  ? 66  LEU A O   1 
ATOM   529 C  CB  . LEU A 1 74  ? 2.248   -2.497  10.336  1.00 6.71  ? 66  LEU A CB  1 
ATOM   530 C  CG  . LEU A 1 74  ? 3.282   -3.359  11.127  1.00 6.74  ? 66  LEU A CG  1 
ATOM   531 C  CD1 . LEU A 1 74  ? 2.807   -3.696  12.528  1.00 7.86  ? 66  LEU A CD1 1 
ATOM   532 C  CD2 . LEU A 1 74  ? 3.584   -4.641  10.357  1.00 8.61  ? 66  LEU A CD2 1 
ATOM   533 N  N   . GLU A 1 75  ? 2.928   0.603   12.269  1.00 6.32  ? 67  GLU A N   1 
ATOM   534 C  CA  . GLU A 1 75  ? 3.758   1.835   12.400  1.00 7.39  ? 67  GLU A CA  1 
ATOM   535 C  C   . GLU A 1 75  ? 5.231   1.602   12.082  1.00 7.81  ? 67  GLU A C   1 
ATOM   536 O  O   . GLU A 1 75  ? 5.865   2.464   11.486  1.00 8.03  ? 67  GLU A O   1 
ATOM   537 C  CB  A GLU A 1 75  ? 3.604   2.472   13.808  0.65 8.71  ? 67  GLU A CB  1 
ATOM   538 C  CB  B GLU A 1 75  ? 3.612   2.515   13.780  0.35 7.23  ? 67  GLU A CB  1 
ATOM   539 C  CG  A GLU A 1 75  ? 2.143   2.595   14.353  0.65 12.56 ? 67  GLU A CG  1 
ATOM   540 C  CG  B GLU A 1 75  ? 4.277   1.813   14.973  0.35 5.35  ? 67  GLU A CG  1 
ATOM   541 C  CD  A GLU A 1 75  ? 1.521   4.013   14.347  0.65 17.61 ? 67  GLU A CD  1 
ATOM   542 C  CD  B GLU A 1 75  ? 5.672   2.347   15.369  0.35 4.95  ? 67  GLU A CD  1 
ATOM   543 O  OE1 A GLU A 1 75  ? 2.219   5.046   14.202  0.65 18.34 ? 67  GLU A OE1 1 
ATOM   544 O  OE1 B GLU A 1 75  ? 6.389   2.978   14.547  0.35 2.00  ? 67  GLU A OE1 1 
ATOM   545 O  OE2 A GLU A 1 75  ? 0.290   4.089   14.528  0.65 18.99 ? 67  GLU A OE2 1 
ATOM   546 O  OE2 B GLU A 1 75  ? 6.047   2.111   16.538  0.35 3.49  ? 67  GLU A OE2 1 
ATOM   547 N  N   . GLU A 1 76  ? 5.748   0.433   12.492  1.00 7.79  ? 68  GLU A N   1 
ATOM   548 C  CA  . GLU A 1 76  ? 7.159   0.078   12.402  1.00 7.75  ? 68  GLU A CA  1 
ATOM   549 C  C   . GLU A 1 76  ? 7.714   -0.108  11.000  1.00 7.66  ? 68  GLU A C   1 
ATOM   550 O  O   . GLU A 1 76  ? 8.925   -0.198  10.829  1.00 6.64  ? 68  GLU A O   1 
ATOM   551 C  CB  . GLU A 1 76  ? 7.457   -1.200  13.246  1.00 8.67  ? 68  GLU A CB  1 
ATOM   552 C  CG  . GLU A 1 76  ? 7.362   -0.985  14.748  1.00 8.62  ? 68  GLU A CG  1 
ATOM   553 C  CD  . GLU A 1 76  ? 5.976   -1.289  15.284  1.00 11.97 ? 68  GLU A CD  1 
ATOM   554 O  OE1 . GLU A 1 76  ? 4.998   -1.365  14.509  1.00 9.39  ? 68  GLU A OE1 1 
ATOM   555 O  OE2 . GLU A 1 76  ? 5.846   -1.448  16.511  1.00 14.96 ? 68  GLU A OE2 1 
ATOM   556 N  N   . LEU A 1 77  ? 6.844   -0.164  9.989   1.00 8.44  ? 69  LEU A N   1 
ATOM   557 C  CA  . LEU A 1 77  ? 7.297   -0.236  8.589   1.00 8.55  ? 69  LEU A CA  1 
ATOM   558 C  C   . LEU A 1 77  ? 7.869   1.089   8.063   1.00 8.49  ? 69  LEU A C   1 
ATOM   559 O  O   . LEU A 1 77  ? 8.411   1.122   6.998   1.00 10.01 ? 69  LEU A O   1 
ATOM   560 C  CB  . LEU A 1 77  ? 6.188   -0.772  7.650   1.00 8.48  ? 69  LEU A CB  1 
ATOM   561 C  CG  . LEU A 1 77  ? 5.629   -2.166  7.910   1.00 6.40  ? 69  LEU A CG  1 
ATOM   562 C  CD1 . LEU A 1 77  ? 4.459   -2.412  6.908   1.00 5.17  ? 69  LEU A CD1 1 
ATOM   563 C  CD2 . LEU A 1 77  ? 6.654   -3.233  7.655   1.00 9.08  ? 69  LEU A CD2 1 
ATOM   564 N  N   . GLY A 1 78  ? 7.796   2.166   8.833   1.00 8.53  ? 70  GLY A N   1 
ATOM   565 C  CA  . GLY A 1 78  ? 8.483   3.388   8.457   1.00 7.21  ? 70  GLY A CA  1 
ATOM   566 C  C   . GLY A 1 78  ? 7.986   4.003   7.178   1.00 8.06  ? 70  GLY A C   1 
ATOM   567 O  O   . GLY A 1 78  ? 6.778   4.255   7.042   1.00 7.37  ? 70  GLY A O   1 
ATOM   568 N  N   . GLY A 1 79  ? 8.890   4.305   6.239   1.00 8.32  ? 71  GLY A N   1 
ATOM   569 C  CA  . GLY A 1 79  ? 8.465   4.835   4.906   1.00 8.40  ? 71  GLY A CA  1 
ATOM   570 C  C   . GLY A 1 79  ? 8.033   3.756   3.889   1.00 9.01  ? 71  GLY A C   1 
ATOM   571 O  O   . GLY A 1 79  ? 7.828   4.068   2.693   1.00 9.93  ? 71  GLY A O   1 
ATOM   572 N  N   . ASP A 1 80  ? 7.846   2.507   4.344   1.00 8.18  ? 72  ASP A N   1 
ATOM   573 C  CA  . ASP A 1 80  ? 7.482   1.386   3.459   1.00 9.27  ? 72  ASP A CA  1 
ATOM   574 C  C   . ASP A 1 80  ? 6.071   0.939   3.707   1.00 9.12  ? 72  ASP A C   1 
ATOM   575 O  O   . ASP A 1 80  ? 5.452   1.325   4.740   1.00 9.43  ? 72  ASP A O   1 
ATOM   576 C  CB  . ASP A 1 80  ? 8.362   0.165   3.649   1.00 9.80  ? 72  ASP A CB  1 
ATOM   577 C  CG  . ASP A 1 80  ? 9.813   0.396   3.261   1.00 12.46 ? 72  ASP A CG  1 
ATOM   578 O  OD1 . ASP A 1 80  ? 10.117  1.353   2.511   1.00 11.01 ? 72  ASP A OD1 1 
ATOM   579 O  OD2 . ASP A 1 80  ? 10.658  -0.418  3.693   1.00 11.99 ? 72  ASP A OD2 1 
ATOM   580 N  N   . ALA A 1 81  ? 5.543   0.177   2.753   1.00 6.64  ? 73  ALA A N   1 
ATOM   581 C  CA  . ALA A 1 81  ? 4.259   -0.492  2.889   1.00 7.81  ? 73  ALA A CA  1 
ATOM   582 C  C   . ALA A 1 81  ? 4.438   -1.946  2.394   1.00 7.71  ? 73  ALA A C   1 
ATOM   583 O  O   . ALA A 1 81  ? 5.389   -2.246  1.635   1.00 8.95  ? 73  ALA A O   1 
ATOM   584 C  CB  . ALA A 1 81  ? 3.107   0.265   2.058   1.00 6.75  ? 73  ALA A CB  1 
ATOM   585 N  N   . VAL A 1 82  ? 3.540   -2.824  2.834   1.00 7.77  ? 74  VAL A N   1 
ATOM   586 C  CA  . VAL A 1 82  ? 3.587   -4.255  2.496   1.00 8.45  ? 74  VAL A CA  1 
ATOM   587 C  C   . VAL A 1 82  ? 2.203   -4.734  2.117   1.00 9.77  ? 74  VAL A C   1 
ATOM   588 O  O   . VAL A 1 82  ? 1.247   -4.642  2.947   1.00 9.73  ? 74  VAL A O   1 
ATOM   589 C  CB  . VAL A 1 82  ? 4.158   -5.131  3.660   1.00 8.61  ? 74  VAL A CB  1 
ATOM   590 C  CG1 . VAL A 1 82  ? 4.215   -6.601  3.240   1.00 5.02  ? 74  VAL A CG1 1 
ATOM   591 C  CG2 . VAL A 1 82  ? 5.549   -4.631  4.092   1.00 8.99  ? 74  VAL A CG2 1 
ATOM   592 N  N   . VAL A 1 83  ? 2.078   -5.158  0.851   1.00 8.80  ? 75  VAL A N   1 
ATOM   593 C  CA  . VAL A 1 83  ? 0.813   -5.714  0.329   1.00 8.68  ? 75  VAL A CA  1 
ATOM   594 C  C   . VAL A 1 83  ? 0.805   -7.158  0.834   1.00 7.83  ? 75  VAL A C   1 
ATOM   595 O  O   . VAL A 1 83  ? 1.803   -7.889  0.728   1.00 8.70  ? 75  VAL A O   1 
ATOM   596 C  CB  . VAL A 1 83  ? 0.737   -5.711  -1.230  1.00 7.43  ? 75  VAL A CB  1 
ATOM   597 C  CG1 . VAL A 1 83  ? -0.580  -6.366  -1.754  1.00 7.51  ? 75  VAL A CG1 1 
ATOM   598 C  CG2 . VAL A 1 83  ? 0.823   -4.248  -1.789  1.00 7.31  ? 75  VAL A CG2 1 
ATOM   599 N  N   . ILE A 1 84  ? -0.282  -7.559  1.432   1.00 7.41  ? 76  ILE A N   1 
ATOM   600 C  CA  . ILE A 1 84  ? -0.367  -8.952  1.918   1.00 8.85  ? 76  ILE A CA  1 
ATOM   601 C  C   . ILE A 1 84  ? -1.644  -9.649  1.478   1.00 8.82  ? 76  ILE A C   1 
ATOM   602 O  O   . ILE A 1 84  ? -2.630  -8.990  1.152   1.00 8.69  ? 76  ILE A O   1 
ATOM   603 C  CB  . ILE A 1 84  ? -0.318  -8.981  3.522   1.00 8.09  ? 76  ILE A CB  1 
ATOM   604 C  CG1 . ILE A 1 84  ? -1.579  -8.286  4.125   1.00 8.02  ? 76  ILE A CG1 1 
ATOM   605 C  CG2 . ILE A 1 84  ? 1.053   -8.428  4.042   1.00 10.94 ? 76  ILE A CG2 1 
ATOM   606 C  CD1 . ILE A 1 84  ? -1.692  -8.463  5.694   1.00 8.34  ? 76  ILE A CD1 1 
ATOM   607 N  N   . ASP A 1 85  ? -1.585  -10.996 1.439   1.00 9.25  ? 77  ASP A N   1 
ATOM   608 C  CA  . ASP A 1 85  ? -2.756  -11.867 1.480   1.00 9.95  ? 77  ASP A CA  1 
ATOM   609 C  C   . ASP A 1 85  ? -2.872  -12.273 2.955   1.00 10.06 ? 77  ASP A C   1 
ATOM   610 O  O   . ASP A 1 85  ? -2.087  -13.142 3.448   1.00 8.47  ? 77  ASP A O   1 
ATOM   611 C  CB  . ASP A 1 85  ? -2.532  -13.131 0.601   1.00 9.26  ? 77  ASP A CB  1 
ATOM   612 C  CG  . ASP A 1 85  ? -3.739  -14.093 0.627   1.00 11.67 ? 77  ASP A CG  1 
ATOM   613 O  OD1 . ASP A 1 85  ? -4.495  -14.063 1.625   1.00 11.85 ? 77  ASP A OD1 1 
ATOM   614 O  OD2 . ASP A 1 85  ? -3.976  -14.812 -0.373  1.00 11.03 ? 77  ASP A OD2 1 
ATOM   615 N  N   . SER A 1 86  ? -3.813  -11.640 3.667   1.00 10.23 ? 78  SER A N   1 
ATOM   616 C  CA  . SER A 1 86  ? -3.894  -11.820 5.151   1.00 9.85  ? 78  SER A CA  1 
ATOM   617 C  C   . SER A 1 86  ? -4.431  -13.213 5.520   1.00 9.76  ? 78  SER A C   1 
ATOM   618 O  O   . SER A 1 86  ? -4.267  -13.660 6.629   1.00 10.40 ? 78  SER A O   1 
ATOM   619 C  CB  . SER A 1 86  ? -4.739  -10.706 5.796   1.00 9.83  ? 78  SER A CB  1 
ATOM   620 O  OG  . SER A 1 86  ? -6.143  -10.970 5.585   1.00 10.12 ? 78  SER A OG  1 
ATOM   621 N  N   . LYS A 1 87  ? -5.097  -13.895 4.592   1.00 8.37  ? 79  LYS A N   1 
ATOM   622 C  CA  . LYS A 1 87  ? -5.572  -15.229 4.910   1.00 9.11  ? 79  LYS A CA  1 
ATOM   623 C  C   . LYS A 1 87  ? -4.425  -16.238 5.014   1.00 8.56  ? 79  LYS A C   1 
ATOM   624 O  O   . LYS A 1 87  ? -4.520  -17.191 5.811   1.00 7.88  ? 79  LYS A O   1 
ATOM   625 C  CB  . LYS A 1 87  ? -6.554  -15.663 3.856   1.00 9.32  ? 79  LYS A CB  1 
ATOM   626 C  CG  . LYS A 1 87  ? -7.392  -16.821 4.178   1.00 14.61 ? 79  LYS A CG  1 
ATOM   627 C  CD  . LYS A 1 87  ? -8.278  -17.151 2.963   1.00 20.27 ? 79  LYS A CD  1 
ATOM   628 C  CE  . LYS A 1 87  ? -8.899  -18.523 3.052   1.00 23.64 ? 79  LYS A CE  1 
ATOM   629 N  NZ  . LYS A 1 87  ? -7.908  -19.594 2.712   1.00 27.41 ? 79  LYS A NZ  1 
ATOM   630 N  N   . VAL A 1 88  ? -3.399  -16.107 4.154   1.00 6.38  ? 80  VAL A N   1 
ATOM   631 C  CA  . VAL A 1 88  ? -2.303  -17.084 4.166   1.00 8.22  ? 80  VAL A CA  1 
ATOM   632 C  C   . VAL A 1 88  ? -1.017  -16.540 4.680   1.00 8.01  ? 80  VAL A C   1 
ATOM   633 O  O   . VAL A 1 88  ? -0.013  -17.245 4.712   1.00 8.08  ? 80  VAL A O   1 
ATOM   634 C  CB  . VAL A 1 88  ? -2.080  -17.878 2.797   1.00 7.84  ? 80  VAL A CB  1 
ATOM   635 C  CG1 . VAL A 1 88  ? -3.232  -18.848 2.568   1.00 9.69  ? 80  VAL A CG1 1 
ATOM   636 C  CG2 . VAL A 1 88  ? -1.851  -16.973 1.638   1.00 11.47 ? 80  VAL A CG2 1 
ATOM   637 N  N   . LEU A 1 89  ? -1.038  -15.284 5.134   1.00 7.41  ? 81  LEU A N   1 
ATOM   638 C  CA  . LEU A 1 89  ? 0.200   -14.714 5.699   1.00 7.48  ? 81  LEU A CA  1 
ATOM   639 C  C   . LEU A 1 89  ? 0.680   -15.575 6.886   1.00 8.25  ? 81  LEU A C   1 
ATOM   640 O  O   . LEU A 1 89  ? -0.135  -15.885 7.796   1.00 6.80  ? 81  LEU A O   1 
ATOM   641 C  CB  . LEU A 1 89  ? -0.081  -13.295 6.194   1.00 6.27  ? 81  LEU A CB  1 
ATOM   642 C  CG  . LEU A 1 89  ? 1.135   -12.544 6.792   1.00 6.93  ? 81  LEU A CG  1 
ATOM   643 C  CD1 . LEU A 1 89  ? 2.055   -12.259 5.612   1.00 7.83  ? 81  LEU A CD1 1 
ATOM   644 C  CD2 . LEU A 1 89  ? 0.716   -11.236 7.456   1.00 8.56  ? 81  LEU A CD2 1 
ATOM   645 N  N   . GLY A 1 90  ? 1.958   -16.016 6.863   1.00 6.00  ? 82  GLY A N   1 
ATOM   646 C  CA  . GLY A 1 90  ? 2.500   -16.846 7.939   1.00 6.57  ? 82  GLY A CA  1 
ATOM   647 C  C   . GLY A 1 90  ? 2.244   -18.329 7.758   1.00 7.48  ? 82  GLY A C   1 
ATOM   648 O  O   . GLY A 1 90  ? 2.757   -19.122 8.533   1.00 6.42  ? 82  GLY A O   1 
ATOM   649 N  N   . LEU A 1 91  ? 1.474   -18.702 6.727   1.00 5.77  ? 83  LEU A N   1 
ATOM   650 C  CA  . LEU A 1 91  ? 1.252   -20.108 6.389   1.00 7.94  ? 83  LEU A CA  1 
ATOM   651 C  C   . LEU A 1 91  ? 1.934   -20.497 5.077   1.00 6.98  ? 83  LEU A C   1 
ATOM   652 O  O   . LEU A 1 91  ? 2.348   -21.632 4.914   1.00 8.14  ? 83  LEU A O   1 
ATOM   653 C  CB  . LEU A 1 91  ? -0.237  -20.425 6.293   1.00 8.03  ? 83  LEU A CB  1 
ATOM   654 C  CG  . LEU A 1 91  ? -1.142  -20.220 7.527   1.00 10.17 ? 83  LEU A CG  1 
ATOM   655 C  CD1 . LEU A 1 91  ? -2.645  -20.303 7.067   1.00 12.47 ? 83  LEU A CD1 1 
ATOM   656 C  CD2 . LEU A 1 91  ? -0.819  -21.299 8.560   1.00 8.62  ? 83  LEU A CD2 1 
ATOM   657 N  N   . VAL A 1 92  ? 1.965   -19.564 4.133   1.00 6.83  ? 84  VAL A N   1 
ATOM   658 C  CA  . VAL A 1 92  ? 2.604   -19.802 2.825   1.00 8.22  ? 84  VAL A CA  1 
ATOM   659 C  C   . VAL A 1 92  ? 3.615   -18.640 2.643   1.00 8.23  ? 84  VAL A C   1 
ATOM   660 O  O   . VAL A 1 92  ? 3.248   -17.472 2.653   1.00 7.95  ? 84  VAL A O   1 
ATOM   661 C  CB  . VAL A 1 92  ? 1.572   -19.881 1.659   1.00 6.44  ? 84  VAL A CB  1 
ATOM   662 C  CG1 . VAL A 1 92  ? 2.281   -20.191 0.297   1.00 7.55  ? 84  VAL A CG1 1 
ATOM   663 C  CG2 . VAL A 1 92  ? 0.494   -20.968 1.987   1.00 5.73  ? 84  VAL A CG2 1 
ATOM   664 N  N   . PRO A 1 93  ? 4.896   -18.975 2.469   1.00 9.14  ? 85  PRO A N   1 
ATOM   665 C  CA  . PRO A 1 93  ? 5.894   -17.948 2.175   1.00 8.28  ? 85  PRO A CA  1 
ATOM   666 C  C   . PRO A 1 93  ? 5.560   -17.192 0.898   1.00 8.32  ? 85  PRO A C   1 
ATOM   667 O  O   . PRO A 1 93  ? 5.064   -17.786 -0.052  1.00 7.92  ? 85  PRO A O   1 
ATOM   668 C  CB  . PRO A 1 93  ? 7.182   -18.770 2.011   1.00 8.06  ? 85  PRO A CB  1 
ATOM   669 C  CG  . PRO A 1 93  ? 6.929   -19.929 2.973   1.00 11.67 ? 85  PRO A CG  1 
ATOM   670 C  CD  . PRO A 1 93  ? 5.516   -20.309 2.566   1.00 10.12 ? 85  PRO A CD  1 
ATOM   671 N  N   . GLY A 1 94  ? 5.822   -15.883 0.872   1.00 8.29  ? 86  GLY A N   1 
ATOM   672 C  CA  . GLY A 1 94  ? 5.640   -15.111 -0.347  1.00 8.18  ? 86  GLY A CA  1 
ATOM   673 C  C   . GLY A 1 94  ? 4.298   -14.394 -0.316  1.00 9.60  ? 86  GLY A C   1 
ATOM   674 O  O   . GLY A 1 94  ? 3.882   -13.814 -1.308  1.00 8.90  ? 86  GLY A O   1 
ATOM   675 N  N   . ALA A 1 95  ? 3.580   -14.472 0.805   1.00 10.19 ? 87  ALA A N   1 
ATOM   676 C  CA  . ALA A 1 95  ? 2.252   -13.791 0.906   1.00 10.07 ? 87  ALA A CA  1 
ATOM   677 C  C   . ALA A 1 95  ? 2.316   -12.284 1.196   1.00 10.36 ? 87  ALA A C   1 
ATOM   678 O  O   . ALA A 1 95  ? 1.270   -11.662 1.524   1.00 12.29 ? 87  ALA A O   1 
ATOM   679 C  CB  . ALA A 1 95  ? 1.336   -14.518 1.952   1.00 9.65  ? 87  ALA A CB  1 
ATOM   680 N  N   . ALA A 1 96  ? 3.527   -11.714 1.099   1.00 9.96  ? 88  ALA A N   1 
ATOM   681 C  CA  . ALA A 1 96  ? 3.828   -10.330 1.424   1.00 7.77  ? 88  ALA A CA  1 
ATOM   682 C  C   . ALA A 1 96  ? 4.805   -9.802  0.405   1.00 7.64  ? 88  ALA A C   1 
ATOM   683 O  O   . ALA A 1 96  ? 5.728   -10.516 -0.017  1.00 6.83  ? 88  ALA A O   1 
ATOM   684 C  CB  . ALA A 1 96  ? 4.392   -10.218 2.901   1.00 8.03  ? 88  ALA A CB  1 
ATOM   685 N  N   . LYS A 1 97  ? 4.561   -8.568  -0.044  1.00 7.57  ? 89  LYS A N   1 
ATOM   686 C  CA  . LYS A 1 97  ? 5.418   -7.844  -1.032  1.00 7.78  ? 89  LYS A CA  1 
ATOM   687 C  C   . LYS A 1 97  ? 5.571   -6.420  -0.521  1.00 8.10  ? 89  LYS A C   1 
ATOM   688 O  O   . LYS A 1 97  ? 4.565   -5.704  -0.368  1.00 9.11  ? 89  LYS A O   1 
ATOM   689 C  CB  . LYS A 1 97  ? 4.827   -7.858  -2.472  1.00 5.70  ? 89  LYS A CB  1 
ATOM   690 C  CG  . LYS A 1 97  ? 4.775   -9.260  -3.138  1.00 9.94  ? 89  LYS A CG  1 
ATOM   691 C  CD  . LYS A 1 97  ? 6.203   -9.681  -3.446  1.00 16.09 ? 89  LYS A CD  1 
ATOM   692 C  CE  . LYS A 1 97  ? 6.376   -11.177 -3.666  1.00 22.27 ? 89  LYS A CE  1 
ATOM   693 N  NZ  . LYS A 1 97  ? 7.785   -11.347 -4.147  1.00 25.31 ? 89  LYS A NZ  1 
ATOM   694 N  N   . ARG A 1 98  ? 6.814   -6.008  -0.283  1.00 6.85  ? 90  ARG A N   1 
ATOM   695 C  CA  . ARG A 1 98  ? 7.120   -4.694  0.226   1.00 7.79  ? 90  ARG A CA  1 
ATOM   696 C  C   . ARG A 1 98  ? 7.331   -3.664  -0.893  1.00 8.16  ? 90  ARG A C   1 
ATOM   697 O  O   . ARG A 1 98  ? 7.931   -3.962  -1.940  1.00 5.89  ? 90  ARG A O   1 
ATOM   698 C  CB  . ARG A 1 98  ? 8.382   -4.737  1.101   1.00 7.03  ? 90  ARG A CB  1 
ATOM   699 C  CG  . ARG A 1 98  ? 8.713   -3.441  1.827   1.00 7.84  ? 90  ARG A CG  1 
ATOM   700 C  CD  . ARG A 1 98  ? 10.027  -3.492  2.623   1.00 9.72  ? 90  ARG A CD  1 
ATOM   701 N  NE  . ARG A 1 98  ? 9.702   -4.273  3.783   1.00 19.37 ? 90  ARG A NE  1 
ATOM   702 C  CZ  . ARG A 1 98  ? 9.688   -3.874  5.056   1.00 16.42 ? 90  ARG A CZ  1 
ATOM   703 N  NH1 . ARG A 1 98  ? 10.069  -2.686  5.434   1.00 9.89  ? 90  ARG A NH1 1 
ATOM   704 N  NH2 . ARG A 1 98  ? 9.310   -4.748  5.958   1.00 11.16 ? 90  ARG A NH2 1 
ATOM   705 N  N   . ILE A 1 99  ? 6.888   -2.448  -0.624  1.00 7.91  ? 91  ILE A N   1 
ATOM   706 C  CA  . ILE A 1 99  ? 7.214   -1.349  -1.476  1.00 10.83 ? 91  ILE A CA  1 
ATOM   707 C  C   . ILE A 1 99  ? 7.678   -0.121  -0.679  1.00 10.12 ? 91  ILE A C   1 
ATOM   708 O  O   . ILE A 1 99  ? 7.244   0.083   0.466   1.00 9.51  ? 91  ILE A O   1 
ATOM   709 C  CB  . ILE A 1 99  ? 6.018   -1.030  -2.432  1.00 12.57 ? 91  ILE A CB  1 
ATOM   710 C  CG1 . ILE A 1 99  ? 4.734   -0.719  -1.715  1.00 14.04 ? 91  ILE A CG1 1 
ATOM   711 C  CG2 . ILE A 1 99  ? 5.721   -2.228  -3.347  1.00 12.59 ? 91  ILE A CG2 1 
ATOM   712 C  CD1 . ILE A 1 99  ? 3.469   -0.789  -2.702  1.00 14.72 ? 91  ILE A CD1 1 
ATOM   713 N  N   . LYS A 1 100 ? 8.537   0.698   -1.287  1.00 9.56  ? 92  LYS A N   1 
ATOM   714 C  CA  . LYS A 1 100 ? 8.976   1.920   -0.642  1.00 11.16 ? 92  LYS A CA  1 
ATOM   715 C  C   . LYS A 1 100 ? 8.057   3.031   -1.074  1.00 12.94 ? 92  LYS A C   1 
ATOM   716 O  O   . LYS A 1 100 ? 7.940   3.316   -2.282  1.00 13.24 ? 92  LYS A O   1 
ATOM   717 C  CB  . LYS A 1 100 ? 10.401  2.236   -1.047  1.00 11.49 ? 92  LYS A CB  1 
ATOM   718 C  CG  . LYS A 1 100 ? 11.004  3.430   -0.321  1.00 12.14 ? 92  LYS A CG  1 
ATOM   719 C  CD  . LYS A 1 100 ? 12.404  3.702   -0.821  1.00 14.67 ? 92  LYS A CD  1 
ATOM   720 C  CE  . LYS A 1 100 ? 12.888  5.091   -0.385  1.00 16.22 ? 92  LYS A CE  1 
ATOM   721 N  NZ  . LYS A 1 100 ? 14.108  5.522   -1.187  1.00 19.78 ? 92  LYS A NZ  1 
ATOM   722 N  N   . ILE A 1 101 ? 7.392   3.659   -0.102  1.00 13.26 ? 93  ILE A N   1 
ATOM   723 C  CA  . ILE A 1 101 ? 6.361   4.692   -0.391  1.00 14.78 ? 93  ILE A CA  1 
ATOM   724 C  C   . ILE A 1 101 ? 7.023   6.063   -0.457  1.00 16.80 ? 93  ILE A C   1 
ATOM   725 O  O   . ILE A 1 101 ? 6.789   6.835   -1.393  1.00 16.99 ? 93  ILE A O   1 
ATOM   726 C  CB  . ILE A 1 101 ? 5.239   4.705   0.663   1.00 13.33 ? 93  ILE A CB  1 
ATOM   727 C  CG1 . ILE A 1 101 ? 4.448   3.384   0.611   1.00 13.41 ? 93  ILE A CG1 1 
ATOM   728 C  CG2 . ILE A 1 101 ? 4.358   6.038   0.591   1.00 12.92 ? 93  ILE A CG2 1 
ATOM   729 C  CD1 . ILE A 1 101 ? 3.688   3.134   -0.734  1.00 12.84 ? 93  ILE A CD1 1 
ATOM   730 N  N   . ILE A 1 102 ? 7.869   6.349   0.522   1.00 19.99 ? 94  ILE A N   1 
ATOM   731 C  CA  . ILE A 1 102 ? 8.456   7.689   0.587   1.00 23.63 ? 94  ILE A CA  1 
ATOM   732 C  C   . ILE A 1 102 ? 9.503   7.899   -0.536  1.00 27.26 ? 94  ILE A C   1 
ATOM   733 O  O   . ILE A 1 102 ? 10.221  6.967   -0.936  1.00 27.18 ? 94  ILE A O   1 
ATOM   734 C  CB  . ILE A 1 102 ? 9.047   7.970   1.974   1.00 22.94 ? 94  ILE A CB  1 
ATOM   735 C  CG1 . ILE A 1 102 ? 10.180  6.964   2.264   1.00 23.40 ? 94  ILE A CG1 1 
ATOM   736 C  CG2 . ILE A 1 102 ? 7.902   8.020   3.021   1.00 20.33 ? 94  ILE A CG2 1 
ATOM   737 C  CD1 . ILE A 1 102 ? 11.128  7.347   3.445   1.00 23.20 ? 94  ILE A CD1 1 
ATOM   738 N  N   . LYS A 1 103 ? 9.562   9.129   -1.053  1.00 31.49 ? 95  LYS A N   1 
ATOM   739 C  CA  . LYS A 1 103 ? 10.514  9.502   -2.123  1.00 34.92 ? 95  LYS A CA  1 
ATOM   740 C  C   . LYS A 1 103 ? 11.875  8.753   -2.088  1.00 36.63 ? 95  LYS A C   1 
ATOM   741 O  O   . LYS A 1 103 ? 12.601  8.778   -1.066  1.00 39.11 ? 95  LYS A O   1 
ATOM   742 C  CB  . LYS A 1 103 ? 10.727  11.037  -2.136  1.00 35.46 ? 95  LYS A CB  1 
ATOM   743 C  CG  . LYS A 1 103 ? 9.687   11.825  -2.998  1.00 36.78 ? 95  LYS A CG  1 
HETATM 744 AU AU  . AUC B 2 .   ? 6.338   -14.402 3.796   0.10 22.71 ? 500 AUC A AU  1 
HETATM 745 C  C1  . AUC B 2 .   ? 4.700   -15.226 4.302   0.20 12.04 ? 500 AUC A C1  1 
HETATM 746 N  N1  . AUC B 2 .   ? 3.720   -15.738 4.665   0.20 12.25 ? 500 AUC A N1  1 
HETATM 747 O  O   . HOH C 3 .   ? -9.550  1.818   -3.510  1.00 14.34 ? 501 HOH A O   1 
HETATM 748 O  O   . HOH C 3 .   ? -10.511 6.081   1.735   1.00 25.58 ? 502 HOH A O   1 
HETATM 749 O  O   . HOH C 3 .   ? 8.604   -6.424  -3.002  1.00 22.48 ? 503 HOH A O   1 
HETATM 750 O  O   . HOH C 3 .   ? 7.382   -12.401 0.637   1.00 22.82 ? 504 HOH A O   1 
HETATM 751 O  O   . HOH C 3 .   ? -6.755  3.594   -5.911  1.00 19.38 ? 505 HOH A O   1 
HETATM 752 O  O   . HOH C 3 .   ? -7.190  -13.139 1.155   1.00 26.68 ? 506 HOH A O   1 
HETATM 753 O  O   . HOH C 3 .   ? 5.198   2.884   -10.549 1.00 32.31 ? 507 HOH A O   1 
HETATM 754 O  O   . HOH C 3 .   ? -1.118  17.663  -13.438 1.00 33.09 ? 508 HOH A O   1 
HETATM 755 O  O   . HOH C 3 .   ? -2.955  0.655   -7.907  1.00 23.30 ? 509 HOH A O   1 
HETATM 756 O  O   . HOH C 3 .   ? -4.718  0.208   10.967  1.00 29.96 ? 510 HOH A O   1 
HETATM 757 O  O   . HOH C 3 .   ? 2.587   -23.617 6.853   1.00 25.16 ? 511 HOH A O   1 
HETATM 758 O  O   . HOH C 3 .   ? -5.882  -16.817 -0.517  1.00 26.45 ? 512 HOH A O   1 
HETATM 759 O  O   . HOH C 3 .   ? -0.422  4.472   -11.745 1.00 22.84 ? 513 HOH A O   1 
HETATM 760 O  O   . HOH C 3 .   ? 1.069   -0.392  14.241  1.00 30.90 ? 514 HOH A O   1 
HETATM 761 O  O   . HOH C 3 .   ? -4.237  -6.183  -9.340  1.00 35.88 ? 515 HOH A O   1 
HETATM 762 O  O   . HOH C 3 .   ? -9.308  -8.850  4.652   1.00 28.61 ? 516 HOH A O   1 
HETATM 763 O  O   . HOH C 3 .   ? 9.422   -10.176 -1.889  1.00 33.24 ? 517 HOH A O   1 
HETATM 764 O  O   . HOH C 3 .   ? 2.955   13.724  0.544   1.00 26.80 ? 518 HOH A O   1 
HETATM 765 O  O   . HOH C 3 .   ? 7.378   9.820   -7.976  1.00 34.67 ? 519 HOH A O   1 
HETATM 766 O  O   . HOH C 3 .   ? -10.968 1.894   -8.052  1.00 39.49 ? 520 HOH A O   1 
HETATM 767 O  O   . HOH C 3 .   ? -6.340  -18.414 7.460   1.00 30.54 ? 521 HOH A O   1 
HETATM 768 O  O   . HOH C 3 .   ? -9.997  -21.779 3.205   1.00 38.67 ? 522 HOH A O   1 
HETATM 769 O  O   . HOH C 3 .   ? -6.552  -21.626 3.777   1.00 33.63 ? 523 HOH A O   1 
HETATM 770 O  O   . HOH C 3 .   ? 5.033   -14.247 -3.809  1.00 27.49 ? 524 HOH A O   1 
HETATM 771 O  O   . HOH C 3 .   ? -7.408  5.994   -1.952  1.00 29.44 ? 525 HOH A O   1 
HETATM 772 O  O   . HOH C 3 .   ? 9.284   0.146   -4.039  1.00 22.80 ? 526 HOH A O   1 
HETATM 773 O  O   . HOH C 3 .   ? -9.848  -6.108  0.848   1.00 24.33 ? 527 HOH A O   1 
HETATM 774 O  O   . HOH C 3 .   ? -12.752 -3.084  3.112   1.00 31.37 ? 528 HOH A O   1 
HETATM 775 O  O   . HOH C 3 .   ? 3.835   -7.398  -11.519 1.00 28.79 ? 529 HOH A O   1 
HETATM 776 O  O   . HOH C 3 .   ? -6.242  6.034   -4.666  1.00 20.63 ? 530 HOH A O   1 
HETATM 777 O  O   . HOH C 3 .   ? -5.481  2.469   -8.007  1.00 20.18 ? 531 HOH A O   1 
HETATM 778 O  O   . HOH C 3 .   ? -9.334  3.347   -6.068  1.00 30.20 ? 532 HOH A O   1 
HETATM 779 O  O   . HOH C 3 .   ? -12.203 0.243   -2.420  1.00 31.53 ? 533 HOH A O   1 
HETATM 780 O  O   . HOH C 3 .   ? -8.644  -15.838 -0.239  1.00 34.18 ? 534 HOH A O   1 
HETATM 781 O  O   . HOH C 3 .   ? 5.930   11.480  8.646   1.00 37.92 ? 535 HOH A O   1 
HETATM 782 O  O   . HOH C 3 .   ? -5.372  10.859  7.051   1.00 32.57 ? 536 HOH A O   1 
HETATM 783 O  O   . HOH C 3 .   ? -12.413 7.943   6.069   1.00 41.86 ? 537 HOH A O   1 
HETATM 784 O  O   . HOH C 3 .   ? 1.142   13.966  8.681   1.00 47.39 ? 538 HOH A O   1 
# 
